data_4KI1
#
_entry.id   4KI1
#
_cell.length_a   48.790
_cell.length_b   63.840
_cell.length_c   163.890
_cell.angle_alpha   100.67
_cell.angle_beta   90.13
_cell.angle_gamma   103.49
#
_symmetry.space_group_name_H-M   'P 1'
#
loop_
_entity.id
_entity.type
_entity.pdbx_description
1 polymer 'IG EPSILON CHAIN C REGION'
2 polymer 'LOW AFFINITY IMMUNOGLOBULIN EPSILON FC RECEPTOR'
3 branched alpha-D-mannopyranose-(1-3)-[alpha-D-mannopyranose-(1-6)]beta-D-mannopyranose-(1-4)-2-acetamido-2-deoxy-beta-D-glucopyranose-(1-4)-2-acetamido-2-deoxy-beta-D-glucopyranose
4 water water
#
loop_
_entity_poly.entity_id
_entity_poly.type
_entity_poly.pdbx_seq_one_letter_code
_entity_poly.pdbx_strand_id
1 'polypeptide(L)'
;ADPCADSNPRGVSAYLSRPSPFDLFIRKSPTITCLVVDLAPSKGTVQLTWSRASGKPVQHSTRKEEKQRNGTLTVTSTLP
VGTRDWIEGETYQCRVTHPHLPRALMRSTTKTSGPRAAPEVYAFATPEWPGSRDKRTLACLIQNFMPEDISVQWLHNEVQ
LPDARHSTTQPRKTKGSGFFVFSRLEVTRAEWEQKDEFICRAVHEAASPSQTVQRAVSVNPGK
;
A,B,C,D
2 'polypeptide(L)'
;SGFVCNTCPEKWINFQRKCYYFGKGTKQWVHARYACDDMEGQLVSIHSPEEQDFLTKHASHTGSWIGLRNLDLKGEFIWV
DGSHVDYSNWAPGEPTSRSQGEDCVMMRGSGRWNDAFCDRKLGAWVCDRLATCTPPASEGSAE
;
E,F,G,H
#
# COMPACT_ATOMS: atom_id res chain seq x y z
N VAL A 12 19.21 -14.66 43.68
CA VAL A 12 19.68 -13.39 44.23
C VAL A 12 21.13 -13.15 43.79
N SER A 13 21.41 -11.97 43.19
CA SER A 13 22.74 -11.58 42.72
C SER A 13 23.19 -10.23 43.30
N ALA A 14 24.50 -10.11 43.58
CA ALA A 14 25.10 -8.89 44.15
C ALA A 14 26.27 -8.40 43.29
N TYR A 15 26.35 -7.07 43.09
CA TYR A 15 27.39 -6.41 42.29
C TYR A 15 27.96 -5.21 43.05
N LEU A 16 29.29 -5.08 43.08
CA LEU A 16 29.98 -3.96 43.74
C LEU A 16 30.79 -3.17 42.71
N SER A 17 30.45 -1.89 42.53
CA SER A 17 31.08 -0.99 41.56
C SER A 17 32.26 -0.19 42.12
N ARG A 18 33.04 0.41 41.20
CA ARG A 18 34.19 1.29 41.48
C ARG A 18 33.73 2.75 41.22
N PRO A 19 34.41 3.80 41.76
CA PRO A 19 33.95 5.16 41.49
C PRO A 19 34.36 5.67 40.11
N SER A 20 33.56 6.60 39.56
CA SER A 20 33.81 7.20 38.26
C SER A 20 35.01 8.14 38.33
N PRO A 21 35.91 8.14 37.32
CA PRO A 21 37.07 9.05 37.36
C PRO A 21 36.72 10.54 37.50
N PHE A 22 35.49 10.94 37.10
CA PHE A 22 35.01 12.31 37.26
C PHE A 22 34.78 12.62 38.74
N ASP A 23 34.13 11.69 39.48
CA ASP A 23 33.88 11.83 40.92
C ASP A 23 35.17 11.69 41.72
N LEU A 24 36.13 10.90 41.21
CA LEU A 24 37.41 10.67 41.88
C LEU A 24 38.43 11.80 41.65
N PHE A 25 38.67 12.16 40.38
CA PHE A 25 39.66 13.18 40.02
C PHE A 25 39.19 14.62 39.94
N ILE A 26 37.97 14.86 39.41
CA ILE A 26 37.45 16.22 39.26
C ILE A 26 36.66 16.71 40.49
N ARG A 27 35.53 16.02 40.81
CA ARG A 27 34.66 16.37 41.94
C ARG A 27 35.32 16.15 43.30
N LYS A 28 36.36 15.28 43.36
CA LYS A 28 37.12 14.94 44.57
C LYS A 28 36.27 14.29 45.69
N SER A 29 35.12 13.71 45.32
CA SER A 29 34.21 13.01 46.23
C SER A 29 33.76 11.67 45.61
N PRO A 30 34.60 10.62 45.74
CA PRO A 30 34.25 9.33 45.14
C PRO A 30 33.27 8.50 45.98
N THR A 31 32.44 7.68 45.30
CA THR A 31 31.44 6.81 45.91
C THR A 31 31.40 5.45 45.22
N ILE A 32 31.34 4.38 46.03
CA ILE A 32 31.22 2.99 45.55
C ILE A 32 29.84 2.45 45.89
N THR A 33 29.16 1.83 44.92
CA THR A 33 27.81 1.32 45.09
C THR A 33 27.73 -0.20 45.05
N CYS A 34 27.00 -0.78 46.02
CA CYS A 34 26.75 -2.22 46.07
C CYS A 34 25.28 -2.44 45.69
N LEU A 35 25.05 -3.06 44.52
CA LEU A 35 23.73 -3.33 43.96
C LEU A 35 23.37 -4.81 44.14
N VAL A 36 22.22 -5.08 44.77
CA VAL A 36 21.72 -6.43 44.99
C VAL A 36 20.32 -6.60 44.38
N VAL A 37 20.23 -7.42 43.32
CA VAL A 37 18.99 -7.70 42.58
C VAL A 37 18.34 -9.00 43.08
N ASP A 38 17.23 -8.85 43.83
CA ASP A 38 16.46 -9.96 44.41
C ASP A 38 15.31 -10.31 43.47
N PRO A 41 11.44 -11.71 45.79
CA PRO A 41 11.47 -10.80 46.95
C PRO A 41 10.40 -11.11 47.99
N SER A 42 10.76 -11.94 48.98
CA SER A 42 9.87 -12.34 50.08
C SER A 42 10.06 -11.34 51.21
N LYS A 43 10.64 -11.77 52.36
CA LYS A 43 10.93 -10.89 53.48
C LYS A 43 12.23 -10.15 53.15
N GLY A 44 12.08 -9.03 52.44
CA GLY A 44 13.17 -8.19 51.94
C GLY A 44 13.98 -7.42 52.97
N THR A 45 14.53 -8.14 53.97
CA THR A 45 15.40 -7.54 54.99
C THR A 45 16.85 -7.83 54.55
N VAL A 46 17.15 -7.46 53.28
CA VAL A 46 18.43 -7.68 52.60
C VAL A 46 19.49 -6.70 53.11
N GLN A 47 19.99 -6.95 54.34
CA GLN A 47 20.99 -6.11 55.01
C GLN A 47 22.32 -6.05 54.24
N LEU A 48 22.90 -4.83 54.17
CA LEU A 48 24.17 -4.57 53.48
C LEU A 48 25.20 -4.06 54.50
N THR A 49 26.13 -4.94 54.90
CA THR A 49 27.20 -4.64 55.85
C THR A 49 28.39 -4.05 55.06
N TRP A 50 29.03 -3.00 55.60
CA TRP A 50 30.19 -2.36 55.00
C TRP A 50 31.42 -2.50 55.90
N SER A 51 32.56 -2.93 55.31
CA SER A 51 33.83 -3.11 56.03
C SER A 51 35.04 -2.91 55.14
N ARG A 52 36.13 -2.35 55.71
CA ARG A 52 37.39 -2.13 55.01
C ARG A 52 38.35 -3.29 55.31
N ALA A 53 39.33 -3.54 54.43
CA ALA A 53 40.33 -4.60 54.59
C ALA A 53 41.26 -4.28 55.78
N SER A 54 41.44 -2.99 55.98
CA SER A 54 42.09 -2.43 57.12
C SER A 54 41.34 -2.66 58.44
N GLY A 55 40.04 -2.56 58.42
CA GLY A 55 39.24 -2.68 59.63
C GLY A 55 38.87 -1.34 60.22
N LYS A 56 39.42 -0.32 59.62
CA LYS A 56 39.08 1.05 59.95
C LYS A 56 37.59 1.34 59.67
N PRO A 57 36.93 2.27 60.42
CA PRO A 57 35.50 2.51 60.19
C PRO A 57 35.17 3.12 58.83
N VAL A 58 33.92 2.92 58.39
CA VAL A 58 33.39 3.42 57.12
C VAL A 58 32.42 4.58 57.30
N GLN A 59 32.40 5.53 56.34
CA GLN A 59 31.47 6.66 56.31
C GLN A 59 30.03 6.27 56.04
N HIS A 60 29.04 7.06 56.48
CA HIS A 60 27.65 6.65 56.20
C HIS A 60 27.03 6.40 54.86
N SER A 61 26.54 5.17 54.61
CA SER A 61 26.05 4.68 53.33
C SER A 61 24.58 5.04 53.21
N THR A 62 24.13 5.29 51.96
CA THR A 62 22.75 5.63 51.61
C THR A 62 22.08 4.44 50.93
N ARG A 63 21.08 3.85 51.60
CA ARG A 63 20.32 2.69 51.12
C ARG A 63 19.14 3.17 50.25
N LYS A 64 19.01 2.60 49.04
CA LYS A 64 17.95 2.96 48.10
C LYS A 64 17.26 1.71 47.53
N GLU A 65 16.07 1.36 48.06
CA GLU A 65 15.31 0.20 47.59
C GLU A 65 14.06 0.57 46.78
N GLU A 66 13.99 0.04 45.54
CA GLU A 66 12.90 0.27 44.59
C GLU A 66 12.43 -1.05 44.00
N LYS A 67 11.10 -1.23 43.84
CA LYS A 67 10.53 -2.44 43.25
C LYS A 67 10.28 -2.20 41.76
N GLN A 68 10.97 -2.99 40.91
CA GLN A 68 10.89 -2.88 39.45
C GLN A 68 9.55 -3.38 38.89
N ARG A 69 9.21 -2.96 37.66
CA ARG A 69 7.97 -3.32 36.94
C ARG A 69 7.82 -4.82 36.67
N ASN A 70 8.95 -5.56 36.55
CA ASN A 70 8.97 -7.01 36.30
C ASN A 70 8.65 -7.85 37.55
N GLY A 71 8.62 -7.20 38.72
CA GLY A 71 8.30 -7.82 40.00
C GLY A 71 9.51 -8.23 40.83
N THR A 72 10.62 -7.47 40.75
CA THR A 72 11.85 -7.73 41.49
C THR A 72 12.28 -6.50 42.30
N LEU A 73 12.77 -6.72 43.54
CA LEU A 73 13.22 -5.66 44.42
C LEU A 73 14.71 -5.37 44.20
N THR A 74 15.03 -4.11 43.89
CA THR A 74 16.39 -3.63 43.65
C THR A 74 16.81 -2.69 44.77
N VAL A 75 17.85 -3.08 45.54
CA VAL A 75 18.38 -2.30 46.66
C VAL A 75 19.86 -1.93 46.47
N THR A 76 20.18 -0.61 46.47
CA THR A 76 21.53 -0.09 46.29
C THR A 76 22.03 0.67 47.51
N SER A 77 23.25 0.35 47.95
CA SER A 77 23.90 1.00 49.08
C SER A 77 25.11 1.75 48.53
N THR A 78 25.06 3.09 48.56
CA THR A 78 26.13 3.96 48.06
C THR A 78 26.98 4.48 49.22
N LEU A 79 28.20 3.93 49.35
CA LEU A 79 29.16 4.26 50.40
C LEU A 79 30.18 5.31 49.94
N PRO A 80 30.35 6.42 50.70
CA PRO A 80 31.36 7.42 50.31
C PRO A 80 32.77 6.96 50.71
N VAL A 81 33.74 7.16 49.81
CA VAL A 81 35.13 6.76 50.04
C VAL A 81 36.10 7.94 49.95
N GLY A 82 37.27 7.80 50.55
CA GLY A 82 38.31 8.81 50.52
C GLY A 82 39.07 8.79 49.21
N THR A 83 39.30 9.98 48.60
CA THR A 83 40.03 10.14 47.33
C THR A 83 41.46 9.54 47.44
N ARG A 84 42.24 9.98 48.46
CA ARG A 84 43.58 9.47 48.71
C ARG A 84 43.53 8.00 49.12
N ASP A 85 42.53 7.60 49.94
CA ASP A 85 42.34 6.24 50.41
C ASP A 85 42.07 5.23 49.26
N TRP A 86 41.24 5.61 48.28
CA TRP A 86 40.92 4.76 47.13
C TRP A 86 42.13 4.60 46.19
N ILE A 87 42.73 5.73 45.76
CA ILE A 87 43.89 5.81 44.84
C ILE A 87 45.07 5.01 45.38
N GLU A 88 45.35 5.11 46.70
CA GLU A 88 46.45 4.42 47.36
C GLU A 88 46.32 2.88 47.48
N GLY A 89 45.13 2.35 47.16
CA GLY A 89 44.87 0.91 47.13
C GLY A 89 44.15 0.25 48.29
N GLU A 90 43.16 0.94 48.88
CA GLU A 90 42.38 0.36 49.98
C GLU A 90 41.28 -0.54 49.41
N THR A 91 41.08 -1.71 50.04
CA THR A 91 40.06 -2.68 49.63
C THR A 91 38.79 -2.51 50.47
N TYR A 92 37.66 -2.30 49.79
CA TYR A 92 36.35 -2.10 50.42
C TYR A 92 35.47 -3.32 50.19
N GLN A 93 35.02 -3.96 51.29
CA GLN A 93 34.21 -5.17 51.26
C GLN A 93 32.73 -4.93 51.54
N CYS A 94 31.86 -5.78 50.95
CA CYS A 94 30.41 -5.76 51.16
C CYS A 94 29.72 -7.09 51.43
N ARG A 95 29.23 -7.26 52.67
CA ARG A 95 28.53 -8.47 53.12
C ARG A 95 27.01 -8.30 52.94
N VAL A 96 26.40 -9.18 52.12
CA VAL A 96 24.95 -9.17 51.82
C VAL A 96 24.29 -10.37 52.51
N THR A 97 23.28 -10.09 53.35
CA THR A 97 22.53 -11.09 54.11
C THR A 97 21.05 -10.99 53.83
N HIS A 98 20.37 -12.14 53.71
CA HIS A 98 18.93 -12.25 53.46
C HIS A 98 18.37 -13.47 54.23
N PRO A 99 17.14 -13.39 54.81
CA PRO A 99 16.62 -14.54 55.58
C PRO A 99 16.40 -15.85 54.85
N HIS A 100 15.95 -15.79 53.58
CA HIS A 100 15.70 -16.96 52.74
C HIS A 100 16.97 -17.46 51.99
N LEU A 101 18.04 -16.63 51.98
CA LEU A 101 19.33 -16.91 51.35
C LEU A 101 20.07 -17.93 52.25
N PRO A 102 20.74 -18.96 51.67
CA PRO A 102 21.43 -19.95 52.54
C PRO A 102 22.77 -19.50 53.13
N ARG A 103 23.66 -18.92 52.29
CA ARG A 103 24.99 -18.44 52.70
C ARG A 103 25.21 -17.00 52.30
N ALA A 104 25.79 -16.19 53.21
CA ALA A 104 26.07 -14.76 53.02
C ALA A 104 27.01 -14.45 51.87
N LEU A 105 26.57 -13.60 50.94
CA LEU A 105 27.31 -13.18 49.75
C LEU A 105 28.29 -12.06 50.08
N MET A 106 29.55 -12.19 49.60
CA MET A 106 30.59 -11.19 49.83
C MET A 106 31.16 -10.67 48.53
N ARG A 107 31.24 -9.33 48.40
CA ARG A 107 31.79 -8.64 47.24
C ARG A 107 32.85 -7.64 47.71
N SER A 108 34.00 -7.59 47.03
CA SER A 108 35.10 -6.69 47.38
C SER A 108 35.64 -5.95 46.17
N THR A 109 35.90 -4.64 46.31
CA THR A 109 36.45 -3.81 45.26
C THR A 109 37.63 -2.95 45.71
N THR A 110 38.64 -2.81 44.84
CA THR A 110 39.85 -2.01 45.06
C THR A 110 40.36 -1.42 43.73
N LYS A 111 41.30 -0.47 43.80
CA LYS A 111 41.89 0.20 42.63
C LYS A 111 42.62 -0.80 41.71
N THR A 112 42.30 -0.75 40.40
CA THR A 112 42.89 -1.62 39.36
C THR A 112 44.37 -1.24 39.18
N SER A 113 45.27 -1.95 39.89
CA SER A 113 46.71 -1.70 39.86
C SER A 113 47.40 -2.43 38.70
N GLY A 114 47.76 -1.67 37.67
CA GLY A 114 48.43 -2.16 36.47
C GLY A 114 48.91 -1.05 35.55
N PRO A 115 49.27 -1.38 34.28
CA PRO A 115 49.77 -0.33 33.36
C PRO A 115 48.75 0.76 33.00
N ARG A 116 49.27 1.93 32.60
CA ARG A 116 48.45 3.09 32.25
C ARG A 116 48.64 3.57 30.81
N ALA A 117 47.55 4.06 30.21
CA ALA A 117 47.53 4.58 28.84
C ALA A 117 46.52 5.73 28.73
N ALA A 118 46.95 6.86 28.14
CA ALA A 118 46.12 8.05 27.95
C ALA A 118 45.08 7.82 26.84
N PRO A 119 43.80 8.20 27.05
CA PRO A 119 42.78 7.96 26.00
C PRO A 119 42.88 8.87 24.78
N GLU A 120 42.49 8.34 23.61
CA GLU A 120 42.48 9.04 22.32
C GLU A 120 41.03 9.41 21.99
N VAL A 121 40.67 10.69 22.13
CA VAL A 121 39.32 11.18 21.88
C VAL A 121 39.16 11.68 20.44
N TYR A 122 38.07 11.24 19.75
CA TYR A 122 37.71 11.63 18.39
C TYR A 122 36.20 11.82 18.29
N ALA A 123 35.74 13.04 17.99
CA ALA A 123 34.33 13.39 17.89
C ALA A 123 33.86 13.50 16.44
N PHE A 124 32.62 13.06 16.16
CA PHE A 124 32.03 13.08 14.82
C PHE A 124 30.57 13.54 14.80
N ALA A 125 30.15 14.15 13.68
CA ALA A 125 28.79 14.64 13.45
C ALA A 125 28.17 13.95 12.24
N THR A 126 26.92 13.46 12.39
CA THR A 126 26.20 12.76 11.30
C THR A 126 25.55 13.78 10.35
N PRO A 127 25.51 13.52 9.02
CA PRO A 127 24.84 14.47 8.11
C PRO A 127 23.31 14.41 8.18
N GLU A 128 22.62 15.31 7.45
CA GLU A 128 21.16 15.35 7.44
C GLU A 128 20.54 14.13 6.76
N TRP A 129 19.67 13.45 7.51
CA TRP A 129 18.96 12.25 7.05
C TRP A 129 17.51 12.63 6.67
N PRO A 130 16.94 12.08 5.57
CA PRO A 130 15.55 12.44 5.20
C PRO A 130 14.53 12.14 6.31
N GLY A 131 13.76 13.15 6.66
CA GLY A 131 12.76 13.08 7.73
C GLY A 131 13.30 13.51 9.08
N SER A 132 14.62 13.75 9.16
CA SER A 132 15.32 14.18 10.37
C SER A 132 16.13 15.47 10.08
N ARG A 133 15.45 16.63 10.13
CA ARG A 133 16.05 17.93 9.87
C ARG A 133 16.33 18.70 11.17
N ASP A 134 15.32 18.83 12.05
CA ASP A 134 15.42 19.54 13.33
C ASP A 134 16.22 18.79 14.40
N LYS A 135 16.72 17.58 14.08
CA LYS A 135 17.52 16.75 14.99
C LYS A 135 18.67 16.03 14.27
N ARG A 136 19.85 16.02 14.91
CA ARG A 136 21.07 15.36 14.40
C ARG A 136 21.69 14.50 15.50
N THR A 137 22.58 13.55 15.13
CA THR A 137 23.23 12.67 16.09
C THR A 137 24.74 12.88 16.12
N LEU A 138 25.29 13.07 17.33
CA LEU A 138 26.73 13.25 17.55
C LEU A 138 27.33 12.00 18.16
N ALA A 139 28.43 11.51 17.56
CA ALA A 139 29.14 10.33 18.01
C ALA A 139 30.58 10.63 18.39
N CYS A 140 31.11 9.91 19.40
CA CYS A 140 32.50 10.08 19.84
C CYS A 140 33.15 8.76 20.21
N LEU A 141 34.39 8.58 19.76
CA LEU A 141 35.20 7.39 20.01
C LEU A 141 36.42 7.74 20.88
N ILE A 142 36.47 7.13 22.06
CA ILE A 142 37.56 7.27 23.05
C ILE A 142 38.21 5.90 23.10
N GLN A 143 39.50 5.81 22.71
CA GLN A 143 40.23 4.55 22.59
C GLN A 143 41.67 4.53 23.15
N ASN A 144 42.26 3.31 23.24
CA ASN A 144 43.63 3.02 23.69
C ASN A 144 43.98 3.51 25.09
N PHE A 145 43.13 3.18 26.08
CA PHE A 145 43.34 3.57 27.48
C PHE A 145 43.24 2.38 28.43
N MET A 146 44.06 2.37 29.49
CA MET A 146 44.04 1.33 30.52
C MET A 146 44.30 1.90 31.93
N PRO A 147 43.55 1.49 32.98
CA PRO A 147 42.47 0.48 33.00
C PRO A 147 41.15 0.89 32.35
N GLU A 148 40.18 -0.05 32.28
CA GLU A 148 38.85 0.10 31.67
C GLU A 148 37.96 1.22 32.23
N ASP A 149 38.20 1.67 33.49
CA ASP A 149 37.42 2.74 34.12
C ASP A 149 37.64 4.09 33.44
N ILE A 150 36.54 4.68 32.93
CA ILE A 150 36.53 5.98 32.23
C ILE A 150 35.20 6.73 32.42
N SER A 151 35.26 8.07 32.44
CA SER A 151 34.10 8.95 32.56
C SER A 151 33.97 9.72 31.25
N VAL A 152 32.83 9.56 30.56
CA VAL A 152 32.56 10.23 29.28
C VAL A 152 31.46 11.28 29.48
N GLN A 153 31.75 12.54 29.14
CA GLN A 153 30.82 13.66 29.28
C GLN A 153 30.67 14.49 28.01
N TRP A 154 29.50 15.12 27.85
CA TRP A 154 29.18 15.99 26.71
C TRP A 154 28.92 17.40 27.20
N LEU A 155 29.46 18.39 26.49
CA LEU A 155 29.33 19.80 26.85
C LEU A 155 28.81 20.67 25.71
N HIS A 156 28.01 21.70 26.08
CA HIS A 156 27.42 22.69 25.19
C HIS A 156 27.34 24.02 25.95
N ASN A 157 27.92 25.09 25.36
CA ASN A 157 28.03 26.45 25.94
C ASN A 157 28.88 26.42 27.23
N GLU A 158 30.00 25.67 27.19
CA GLU A 158 30.98 25.47 28.27
C GLU A 158 30.43 24.80 29.54
N VAL A 159 29.10 24.53 29.58
CA VAL A 159 28.42 23.86 30.68
C VAL A 159 28.04 22.43 30.30
N GLN A 160 28.12 21.50 31.27
CA GLN A 160 27.85 20.07 31.07
C GLN A 160 26.38 19.77 30.78
N LEU A 161 26.13 18.75 29.93
CA LEU A 161 24.80 18.28 29.56
C LEU A 161 24.38 17.11 30.47
N PRO A 162 23.06 16.90 30.73
CA PRO A 162 22.66 15.79 31.61
C PRO A 162 23.06 14.41 31.10
N ASP A 163 23.32 13.47 32.04
CA ASP A 163 23.75 12.10 31.74
C ASP A 163 22.74 11.24 30.98
N ALA A 164 21.43 11.53 31.15
CA ALA A 164 20.34 10.81 30.47
C ALA A 164 20.29 11.12 28.97
N ARG A 165 20.80 12.30 28.58
CA ARG A 165 20.84 12.80 27.20
C ARG A 165 21.73 11.97 26.28
N HIS A 166 22.79 11.35 26.85
CA HIS A 166 23.74 10.52 26.09
C HIS A 166 23.79 9.06 26.54
N SER A 167 24.37 8.19 25.69
CA SER A 167 24.53 6.76 25.93
C SER A 167 25.96 6.33 25.62
N THR A 168 26.67 5.82 26.64
CA THR A 168 28.06 5.37 26.51
C THR A 168 28.15 3.85 26.62
N THR A 169 28.84 3.23 25.65
CA THR A 169 29.03 1.78 25.55
C THR A 169 29.94 1.25 26.66
N GLN A 170 29.84 -0.07 26.94
CA GLN A 170 30.64 -0.76 27.94
C GLN A 170 32.09 -0.87 27.42
N PRO A 171 33.12 -0.75 28.30
CA PRO A 171 34.50 -0.82 27.82
C PRO A 171 34.87 -2.20 27.26
N ARG A 172 35.21 -2.22 25.96
CA ARG A 172 35.62 -3.42 25.23
C ARG A 172 37.09 -3.33 24.88
N LYS A 173 37.80 -4.48 24.87
CA LYS A 173 39.23 -4.53 24.57
C LYS A 173 39.53 -4.29 23.10
N THR A 174 40.64 -3.60 22.82
CA THR A 174 41.10 -3.32 21.46
C THR A 174 41.94 -4.50 20.97
N LYS A 175 42.40 -4.44 19.71
CA LYS A 175 43.24 -5.49 19.12
C LYS A 175 44.64 -5.51 19.75
N GLY A 176 45.08 -4.36 20.26
CA GLY A 176 46.36 -4.19 20.94
C GLY A 176 46.26 -4.47 22.43
N SER A 177 46.46 -3.42 23.25
CA SER A 177 46.39 -3.51 24.72
C SER A 177 45.30 -2.63 25.34
N GLY A 178 44.98 -1.52 24.67
CA GLY A 178 43.99 -0.55 25.13
C GLY A 178 42.55 -1.01 25.14
N PHE A 179 41.65 -0.10 25.56
CA PHE A 179 40.20 -0.29 25.65
C PHE A 179 39.47 0.78 24.84
N PHE A 180 38.24 0.49 24.41
CA PHE A 180 37.45 1.45 23.64
C PHE A 180 36.01 1.66 24.14
N VAL A 181 35.54 2.91 24.06
CA VAL A 181 34.18 3.32 24.42
C VAL A 181 33.63 4.28 23.37
N PHE A 182 32.34 4.11 23.05
CA PHE A 182 31.61 4.95 22.11
C PHE A 182 30.54 5.73 22.84
N SER A 183 30.29 6.98 22.43
CA SER A 183 29.26 7.83 23.05
C SER A 183 28.35 8.41 21.98
N ARG A 184 27.03 8.33 22.21
CA ARG A 184 26.01 8.82 21.29
C ARG A 184 25.16 9.89 21.95
N LEU A 185 25.06 11.08 21.30
CA LEU A 185 24.27 12.20 21.81
C LEU A 185 23.41 12.83 20.70
N GLU A 186 22.08 12.78 20.85
CA GLU A 186 21.14 13.38 19.91
C GLU A 186 20.99 14.86 20.24
N VAL A 187 21.11 15.73 19.22
CA VAL A 187 21.03 17.19 19.39
C VAL A 187 19.92 17.85 18.58
N THR A 188 19.18 18.78 19.21
CA THR A 188 18.08 19.51 18.60
C THR A 188 18.58 20.72 17.79
N ARG A 189 17.74 21.24 16.87
CA ARG A 189 18.05 22.39 16.00
C ARG A 189 18.37 23.65 16.80
N ALA A 190 17.64 23.89 17.90
CA ALA A 190 17.84 25.02 18.80
C ALA A 190 19.22 25.01 19.47
N GLU A 191 19.80 23.81 19.65
CA GLU A 191 21.10 23.63 20.28
C GLU A 191 22.27 24.05 19.40
N TRP A 192 22.30 23.61 18.12
CA TRP A 192 23.39 23.97 17.21
C TRP A 192 23.29 25.42 16.69
N GLU A 193 22.06 25.95 16.59
CA GLU A 193 21.81 27.33 16.14
C GLU A 193 22.23 28.36 17.19
N GLN A 194 22.16 27.98 18.48
CA GLN A 194 22.57 28.81 19.63
C GLN A 194 24.10 28.92 19.66
N LYS A 195 24.79 27.78 19.55
CA LYS A 195 26.25 27.66 19.51
C LYS A 195 26.60 26.37 18.78
N ASP A 196 27.28 26.47 17.62
CA ASP A 196 27.65 25.33 16.80
C ASP A 196 28.99 24.71 17.22
N GLU A 197 29.06 24.27 18.48
CA GLU A 197 30.22 23.64 19.08
C GLU A 197 29.77 22.72 20.20
N PHE A 198 30.19 21.46 20.15
CA PHE A 198 29.88 20.44 21.14
C PHE A 198 31.16 19.74 21.55
N ILE A 199 31.50 19.86 22.83
CA ILE A 199 32.72 19.29 23.39
C ILE A 199 32.53 17.89 23.98
N CYS A 200 33.44 16.96 23.63
CA CYS A 200 33.44 15.61 24.20
C CYS A 200 34.56 15.39 25.20
N ARG A 201 34.23 15.51 26.50
CA ARG A 201 35.17 15.37 27.59
C ARG A 201 35.33 13.91 28.01
N ALA A 202 36.55 13.55 28.42
CA ALA A 202 36.87 12.20 28.88
C ALA A 202 37.79 12.29 30.10
N VAL A 203 37.33 11.75 31.23
CA VAL A 203 38.09 11.75 32.48
C VAL A 203 38.68 10.36 32.69
N HIS A 204 40.02 10.27 32.73
CA HIS A 204 40.76 9.01 32.87
C HIS A 204 42.00 9.16 33.75
N GLU A 205 42.30 8.08 34.51
CA GLU A 205 43.43 7.92 35.43
C GLU A 205 44.78 8.39 34.87
N ALA A 206 45.09 8.05 33.59
CA ALA A 206 46.34 8.38 32.92
C ALA A 206 46.30 9.66 32.06
N ALA A 207 45.11 10.25 31.84
CA ALA A 207 44.94 11.46 31.02
C ALA A 207 45.75 12.64 31.56
N SER A 208 46.43 13.37 30.65
CA SER A 208 47.28 14.50 31.01
C SER A 208 47.09 15.69 30.05
N PRO A 209 47.02 16.95 30.54
CA PRO A 209 47.12 17.38 31.95
C PRO A 209 45.80 17.41 32.72
N SER A 210 45.89 17.20 34.05
CA SER A 210 44.79 17.22 35.02
C SER A 210 43.55 16.33 34.67
N GLN A 211 43.82 15.09 34.22
CA GLN A 211 42.83 14.05 33.88
C GLN A 211 41.78 14.42 32.81
N THR A 212 42.09 15.41 31.95
CA THR A 212 41.17 15.87 30.91
C THR A 212 41.72 15.74 29.49
N VAL A 213 40.94 15.05 28.63
CA VAL A 213 41.19 14.87 27.20
C VAL A 213 39.83 15.12 26.53
N GLN A 214 39.74 16.19 25.71
CA GLN A 214 38.50 16.59 25.05
C GLN A 214 38.66 16.99 23.58
N ARG A 215 37.57 16.80 22.80
CA ARG A 215 37.52 17.16 21.37
C ARG A 215 36.21 17.85 21.04
N ALA A 216 36.29 18.95 20.25
CA ALA A 216 35.14 19.74 19.83
C ALA A 216 34.61 19.25 18.48
N VAL A 217 33.27 19.33 18.30
CA VAL A 217 32.59 18.91 17.06
C VAL A 217 31.52 19.95 16.66
N SER A 218 31.24 20.08 15.36
CA SER A 218 30.27 21.04 14.84
C SER A 218 29.33 20.46 13.79
N VAL A 219 28.02 20.77 13.92
CA VAL A 219 26.97 20.35 12.99
C VAL A 219 27.07 21.31 11.80
N ASN A 220 27.56 20.81 10.64
CA ASN A 220 27.80 21.56 9.41
C ASN A 220 28.71 22.81 9.58
N PRO A 221 30.05 22.64 9.67
CA PRO A 221 30.93 23.80 9.87
C PRO A 221 31.34 24.47 8.56
N GLY B 11 28.37 -24.83 39.16
CA GLY B 11 27.44 -23.92 38.53
C GLY B 11 27.32 -24.08 37.02
N VAL B 12 26.19 -23.67 36.47
CA VAL B 12 25.95 -23.84 35.06
C VAL B 12 25.00 -22.77 34.56
N SER B 13 25.20 -22.38 33.32
CA SER B 13 24.32 -21.45 32.58
C SER B 13 24.18 -21.84 31.11
N ALA B 14 22.99 -21.63 30.53
CA ALA B 14 22.67 -21.95 29.14
C ALA B 14 22.11 -20.73 28.41
N TYR B 15 22.55 -20.52 27.15
CA TYR B 15 22.12 -19.41 26.29
C TYR B 15 21.78 -19.93 24.90
N LEU B 16 20.64 -19.49 24.34
CA LEU B 16 20.19 -19.88 23.01
C LEU B 16 20.08 -18.64 22.12
N SER B 17 20.86 -18.61 21.03
CA SER B 17 20.92 -17.48 20.10
C SER B 17 19.97 -17.59 18.90
N ARG B 18 19.79 -16.46 18.18
CA ARG B 18 18.99 -16.33 16.96
C ARG B 18 19.96 -16.27 15.76
N PRO B 19 19.54 -16.55 14.49
CA PRO B 19 20.50 -16.47 13.39
C PRO B 19 20.78 -15.03 12.96
N SER B 20 21.99 -14.79 12.43
CA SER B 20 22.40 -13.48 11.96
C SER B 20 21.67 -13.15 10.66
N PRO B 21 21.20 -11.88 10.47
CA PRO B 21 20.49 -11.53 9.23
C PRO B 21 21.28 -11.80 7.94
N PHE B 22 22.63 -11.85 8.02
CA PHE B 22 23.49 -12.18 6.88
C PHE B 22 23.31 -13.64 6.50
N ASP B 23 23.31 -14.54 7.50
CA ASP B 23 23.12 -15.98 7.32
C ASP B 23 21.67 -16.31 6.97
N LEU B 24 20.71 -15.46 7.41
CA LEU B 24 19.28 -15.65 7.18
C LEU B 24 18.81 -15.10 5.82
N PHE B 25 19.21 -13.86 5.46
CA PHE B 25 18.80 -13.20 4.22
C PHE B 25 19.76 -13.30 3.03
N ILE B 26 21.08 -13.21 3.27
CA ILE B 26 22.06 -13.25 2.18
C ILE B 26 22.54 -14.67 1.84
N ARG B 27 23.18 -15.36 2.81
CA ARG B 27 23.70 -16.73 2.65
C ARG B 27 22.59 -17.78 2.47
N LYS B 28 21.36 -17.46 2.91
CA LYS B 28 20.16 -18.31 2.82
C LYS B 28 20.29 -19.65 3.56
N SER B 29 21.20 -19.71 4.57
CA SER B 29 21.43 -20.88 5.40
C SER B 29 21.52 -20.46 6.87
N PRO B 30 20.38 -20.28 7.56
CA PRO B 30 20.44 -19.83 8.96
C PRO B 30 20.74 -20.94 9.96
N THR B 31 21.42 -20.59 11.07
CA THR B 31 21.80 -21.50 12.16
C THR B 31 21.61 -20.86 13.51
N ILE B 32 21.05 -21.62 14.47
CA ILE B 32 20.84 -21.20 15.85
C ILE B 32 21.77 -22.01 16.77
N THR B 33 22.48 -21.31 17.67
CA THR B 33 23.45 -21.94 18.56
C THR B 33 23.02 -21.93 20.02
N CYS B 34 23.15 -23.09 20.68
CA CYS B 34 22.86 -23.24 22.11
C CYS B 34 24.21 -23.38 22.83
N LEU B 35 24.58 -22.35 23.61
CA LEU B 35 25.83 -22.28 24.37
C LEU B 35 25.59 -22.58 25.84
N VAL B 36 26.29 -23.57 26.39
CA VAL B 36 26.20 -23.95 27.80
C VAL B 36 27.57 -23.89 28.48
N VAL B 37 27.73 -22.92 29.40
CA VAL B 37 28.97 -22.68 30.15
C VAL B 37 28.93 -23.39 31.51
N ASP B 38 29.69 -24.49 31.64
CA ASP B 38 29.79 -25.30 32.85
C ASP B 38 30.99 -24.81 33.66
N LEU B 39 30.73 -24.05 34.73
CA LEU B 39 31.75 -23.45 35.59
C LEU B 39 32.50 -24.45 36.50
N ALA B 40 31.92 -25.66 36.68
CA ALA B 40 32.48 -26.77 37.46
C ALA B 40 32.39 -28.07 36.62
N PRO B 41 33.35 -28.30 35.73
CA PRO B 41 33.30 -29.48 34.87
C PRO B 41 33.44 -30.69 35.73
N SER B 42 32.86 -31.80 35.32
CA SER B 42 32.80 -33.03 36.09
C SER B 42 32.73 -34.15 35.10
N LYS B 43 32.60 -35.37 35.56
CA LYS B 43 32.51 -36.53 34.65
C LYS B 43 31.18 -36.65 33.92
N GLY B 44 31.18 -37.47 32.88
CA GLY B 44 30.01 -37.66 32.06
C GLY B 44 30.01 -36.67 30.92
N THR B 45 28.83 -36.35 30.42
CA THR B 45 28.64 -35.27 29.46
C THR B 45 27.32 -34.56 29.72
N VAL B 46 27.20 -33.32 29.25
CA VAL B 46 25.99 -32.50 29.34
C VAL B 46 24.72 -32.87 28.58
N GLN B 47 24.86 -33.32 27.35
CA GLN B 47 23.71 -33.74 26.53
C GLN B 47 22.74 -32.61 26.15
N LEU B 48 22.74 -32.23 24.87
CA LEU B 48 21.89 -31.16 24.33
C LEU B 48 20.81 -31.68 23.39
N THR B 49 19.57 -31.75 23.90
CA THR B 49 18.40 -32.22 23.16
C THR B 49 17.82 -31.08 22.33
N TRP B 50 17.44 -31.37 21.07
CA TRP B 50 16.83 -30.39 20.17
C TRP B 50 15.39 -30.80 19.82
N SER B 51 14.44 -29.84 19.91
CA SER B 51 13.03 -30.07 19.60
C SER B 51 12.32 -28.81 19.13
N ARG B 52 11.36 -28.98 18.21
CA ARG B 52 10.55 -27.89 17.68
C ARG B 52 9.22 -27.83 18.43
N ALA B 53 8.57 -26.64 18.46
CA ALA B 53 7.26 -26.45 19.11
C ALA B 53 6.16 -27.23 18.40
N SER B 54 6.33 -27.45 17.08
CA SER B 54 5.42 -28.20 16.21
C SER B 54 5.50 -29.71 16.47
N GLY B 55 6.67 -30.19 16.85
CA GLY B 55 6.93 -31.60 17.10
C GLY B 55 7.63 -32.27 15.93
N LYS B 56 7.83 -31.51 14.83
CA LYS B 56 8.48 -31.95 13.61
C LYS B 56 9.99 -32.21 13.84
N PRO B 57 10.63 -33.15 13.09
CA PRO B 57 12.05 -33.43 13.33
C PRO B 57 13.00 -32.29 13.01
N VAL B 58 14.18 -32.31 13.64
CA VAL B 58 15.23 -31.30 13.48
C VAL B 58 16.42 -31.82 12.69
N GLN B 59 17.07 -30.93 11.90
CA GLN B 59 18.28 -31.24 11.14
C GLN B 59 19.51 -31.49 12.00
N HIS B 60 20.50 -32.25 11.50
CA HIS B 60 21.69 -32.47 12.36
C HIS B 60 22.60 -31.41 12.94
N SER B 61 22.70 -31.36 14.28
CA SER B 61 23.39 -30.32 15.05
C SER B 61 24.86 -30.72 15.18
N THR B 62 25.75 -29.71 15.22
CA THR B 62 27.19 -29.86 15.37
C THR B 62 27.60 -29.45 16.79
N ARG B 63 28.04 -30.43 17.59
CA ARG B 63 28.46 -30.23 18.97
C ARG B 63 29.95 -29.86 19.01
N LYS B 64 30.29 -28.77 19.72
CA LYS B 64 31.66 -28.27 19.83
C LYS B 64 32.02 -27.97 21.29
N GLU B 65 32.75 -28.90 21.94
CA GLU B 65 33.18 -28.74 23.32
C GLU B 65 34.67 -28.41 23.49
N GLU B 66 34.95 -27.27 24.15
CA GLU B 66 36.30 -26.76 24.40
C GLU B 66 36.47 -26.38 25.87
N LYS B 67 37.64 -26.73 26.46
CA LYS B 67 37.96 -26.41 27.85
C LYS B 67 38.76 -25.11 27.89
N GLN B 68 38.18 -24.06 28.50
CA GLN B 68 38.79 -22.73 28.59
C GLN B 68 39.98 -22.70 29.56
N ARG B 69 40.84 -21.66 29.42
CA ARG B 69 42.05 -21.45 30.25
C ARG B 69 41.76 -21.25 31.74
N ASN B 70 40.56 -20.72 32.08
CA ASN B 70 40.13 -20.47 33.46
C ASN B 70 39.68 -21.76 34.20
N GLY B 71 39.55 -22.86 33.46
CA GLY B 71 39.16 -24.16 33.99
C GLY B 71 37.69 -24.50 33.89
N THR B 72 37.01 -24.01 32.83
CA THR B 72 35.59 -24.25 32.58
C THR B 72 35.36 -24.86 31.20
N LEU B 73 34.43 -25.83 31.11
CA LEU B 73 34.09 -26.51 29.85
C LEU B 73 32.96 -25.76 29.14
N THR B 74 33.21 -25.36 27.89
CA THR B 74 32.27 -24.63 27.04
C THR B 74 31.85 -25.54 25.88
N VAL B 75 30.55 -25.87 25.82
CA VAL B 75 29.97 -26.73 24.78
C VAL B 75 28.86 -26.02 23.99
N THR B 76 29.04 -25.92 22.65
CA THR B 76 28.09 -25.26 21.74
C THR B 76 27.49 -26.25 20.73
N SER B 77 26.16 -26.24 20.59
CA SER B 77 25.43 -27.08 19.64
C SER B 77 24.76 -26.18 18.60
N THR B 78 25.30 -26.19 17.37
CA THR B 78 24.81 -25.35 16.28
C THR B 78 23.85 -26.13 15.39
N LEU B 79 22.55 -25.83 15.51
CA LEU B 79 21.48 -26.49 14.78
C LEU B 79 21.09 -25.71 13.50
N PRO B 80 21.05 -26.37 12.33
CA PRO B 80 20.62 -25.65 11.11
C PRO B 80 19.10 -25.54 11.06
N VAL B 81 18.60 -24.36 10.65
CA VAL B 81 17.18 -24.09 10.56
C VAL B 81 16.75 -23.68 9.15
N GLY B 82 15.47 -23.84 8.85
CA GLY B 82 14.90 -23.47 7.56
C GLY B 82 14.65 -21.98 7.46
N THR B 83 15.02 -21.38 6.31
CA THR B 83 14.87 -19.95 5.98
C THR B 83 13.40 -19.53 6.14
N ARG B 84 12.49 -20.21 5.41
CA ARG B 84 11.05 -19.95 5.46
C ARG B 84 10.47 -20.34 6.82
N ASP B 85 10.96 -21.45 7.41
CA ASP B 85 10.53 -21.95 8.72
C ASP B 85 10.80 -20.96 9.86
N TRP B 86 12.00 -20.31 9.88
CA TRP B 86 12.37 -19.33 10.91
C TRP B 86 11.56 -18.04 10.78
N ILE B 87 11.55 -17.44 9.56
CA ILE B 87 10.86 -16.18 9.22
C ILE B 87 9.36 -16.27 9.53
N GLU B 88 8.72 -17.41 9.22
CA GLU B 88 7.29 -17.63 9.46
C GLU B 88 6.85 -17.77 10.93
N GLY B 89 7.82 -17.89 11.84
CA GLY B 89 7.58 -17.91 13.28
C GLY B 89 7.63 -19.24 14.02
N GLU B 90 8.53 -20.16 13.61
CA GLU B 90 8.66 -21.45 14.29
C GLU B 90 9.51 -21.29 15.55
N THR B 91 9.09 -21.95 16.66
CA THR B 91 9.80 -21.90 17.94
C THR B 91 10.69 -23.14 18.08
N TYR B 92 12.00 -22.91 18.32
CA TYR B 92 12.99 -23.96 18.48
C TYR B 92 13.44 -24.03 19.93
N GLN B 93 13.26 -25.21 20.55
CA GLN B 93 13.58 -25.47 21.97
C GLN B 93 14.86 -26.27 22.15
N CYS B 94 15.54 -26.06 23.29
CA CYS B 94 16.76 -26.78 23.64
C CYS B 94 16.81 -27.22 25.11
N ARG B 95 16.78 -28.55 25.33
CA ARG B 95 16.85 -29.18 26.65
C ARG B 95 18.31 -29.56 26.99
N VAL B 96 18.81 -29.05 28.14
CA VAL B 96 20.16 -29.29 28.65
C VAL B 96 20.02 -30.11 29.96
N THR B 97 20.62 -31.30 30.00
CA THR B 97 20.51 -32.22 31.15
C THR B 97 21.86 -32.73 31.66
N HIS B 98 22.41 -32.08 32.70
CA HIS B 98 23.67 -32.48 33.34
C HIS B 98 23.41 -33.50 34.48
N PRO B 99 24.26 -34.54 34.69
CA PRO B 99 23.99 -35.51 35.77
C PRO B 99 24.12 -34.93 37.19
N HIS B 100 24.92 -33.84 37.32
CA HIS B 100 25.16 -33.12 38.57
C HIS B 100 24.24 -31.87 38.63
N LEU B 101 22.97 -32.03 38.19
CA LEU B 101 21.96 -30.97 38.15
C LEU B 101 20.56 -31.48 38.57
N PRO B 102 19.83 -30.73 39.44
CA PRO B 102 18.49 -31.21 39.85
C PRO B 102 17.39 -30.97 38.82
N ARG B 103 17.39 -29.78 38.17
CA ARG B 103 16.43 -29.36 37.16
C ARG B 103 17.07 -29.33 35.77
N ALA B 104 16.30 -29.72 34.74
CA ALA B 104 16.76 -29.69 33.36
C ALA B 104 16.53 -28.29 32.82
N LEU B 105 17.59 -27.62 32.36
CA LEU B 105 17.51 -26.26 31.83
C LEU B 105 16.93 -26.26 30.43
N MET B 106 15.86 -25.47 30.22
CA MET B 106 15.20 -25.34 28.92
C MET B 106 15.29 -23.92 28.39
N ARG B 107 15.72 -23.78 27.13
CA ARG B 107 15.86 -22.51 26.43
C ARG B 107 15.10 -22.59 25.10
N SER B 108 14.33 -21.55 24.76
CA SER B 108 13.56 -21.50 23.52
C SER B 108 13.72 -20.17 22.79
N THR B 109 13.89 -20.23 21.45
CA THR B 109 14.04 -19.05 20.62
C THR B 109 13.14 -19.07 19.38
N THR B 110 12.58 -17.91 19.02
CA THR B 110 11.72 -17.70 17.86
C THR B 110 11.90 -16.29 17.28
N LYS B 111 11.36 -16.03 16.07
CA LYS B 111 11.45 -14.74 15.38
C LYS B 111 10.76 -13.62 16.18
N THR B 112 11.47 -12.49 16.37
CA THR B 112 10.99 -11.31 17.10
C THR B 112 9.87 -10.63 16.28
N SER B 113 8.61 -10.98 16.58
CA SER B 113 7.45 -10.46 15.87
C SER B 113 6.96 -9.12 16.46
N GLY B 114 7.25 -8.05 15.72
CA GLY B 114 6.88 -6.69 16.10
C GLY B 114 7.13 -5.67 14.99
N PRO B 115 7.11 -4.34 15.31
CA PRO B 115 7.32 -3.33 14.26
C PRO B 115 8.72 -3.35 13.61
N ARG B 116 8.82 -2.81 12.39
CA ARG B 116 10.05 -2.78 11.60
C ARG B 116 10.51 -1.36 11.26
N ALA B 117 11.85 -1.17 11.22
CA ALA B 117 12.49 0.10 10.90
C ALA B 117 13.81 -0.16 10.17
N ALA B 118 14.03 0.54 9.04
CA ALA B 118 15.24 0.42 8.23
C ALA B 118 16.43 1.10 8.92
N PRO B 119 17.62 0.47 8.98
CA PRO B 119 18.76 1.09 9.68
C PRO B 119 19.41 2.26 8.95
N GLU B 120 19.94 3.23 9.73
CA GLU B 120 20.64 4.43 9.26
C GLU B 120 22.15 4.22 9.48
N VAL B 121 22.90 4.07 8.38
CA VAL B 121 24.35 3.82 8.40
C VAL B 121 25.15 5.12 8.19
N TYR B 122 26.17 5.36 9.05
CA TYR B 122 27.07 6.51 9.00
C TYR B 122 28.49 6.04 9.30
N ALA B 123 29.39 6.13 8.30
CA ALA B 123 30.79 5.73 8.47
C ALA B 123 31.71 6.93 8.69
N PHE B 124 32.74 6.77 9.55
CA PHE B 124 33.69 7.82 9.90
C PHE B 124 35.14 7.32 9.97
N ALA B 125 36.09 8.23 9.68
CA ALA B 125 37.53 7.97 9.72
C ALA B 125 38.21 8.90 10.73
N THR B 126 39.08 8.33 11.59
CA THR B 126 39.81 9.10 12.60
C THR B 126 41.06 9.76 12.02
N PRO B 127 41.43 10.99 12.43
CA PRO B 127 42.64 11.62 11.88
C PRO B 127 43.91 10.96 12.45
N GLU B 128 45.08 11.36 11.92
CA GLU B 128 46.39 10.84 12.35
C GLU B 128 46.72 11.32 13.77
N TRP B 129 46.99 10.37 14.68
CA TRP B 129 47.33 10.64 16.07
C TRP B 129 48.86 10.47 16.27
N PRO B 130 49.53 11.33 17.10
CA PRO B 130 50.98 11.17 17.29
C PRO B 130 51.40 9.78 17.77
N GLY B 131 52.32 9.17 17.04
CA GLY B 131 52.82 7.83 17.32
C GLY B 131 52.07 6.75 16.58
N SER B 132 50.96 7.12 15.89
CA SER B 132 50.11 6.24 15.11
C SER B 132 49.96 6.78 13.67
N ARG B 133 50.95 6.48 12.82
CA ARG B 133 50.99 6.94 11.43
C ARG B 133 50.61 5.81 10.46
N ASP B 134 51.26 4.63 10.59
CA ASP B 134 51.02 3.47 9.74
C ASP B 134 49.70 2.72 10.03
N LYS B 135 48.93 3.21 11.02
CA LYS B 135 47.64 2.64 11.41
C LYS B 135 46.60 3.71 11.78
N ARG B 136 45.35 3.52 11.30
CA ARG B 136 44.22 4.41 11.56
C ARG B 136 42.99 3.59 12.02
N THR B 137 42.01 4.25 12.64
CA THR B 137 40.81 3.57 13.14
C THR B 137 39.55 4.07 12.43
N LEU B 138 38.75 3.12 11.90
CA LEU B 138 37.50 3.42 11.21
C LEU B 138 36.31 3.05 12.09
N ALA B 139 35.38 4.00 12.25
CA ALA B 139 34.19 3.83 13.07
C ALA B 139 32.88 3.91 12.27
N CYS B 140 31.89 3.10 12.65
CA CYS B 140 30.57 3.13 12.03
C CYS B 140 29.40 3.08 12.96
N LEU B 141 28.43 3.99 12.74
CA LEU B 141 27.21 4.08 13.53
C LEU B 141 26.01 3.65 12.71
N ILE B 142 25.40 2.53 13.12
CA ILE B 142 24.21 1.94 12.50
C ILE B 142 23.11 2.12 13.54
N GLN B 143 22.16 3.02 13.27
CA GLN B 143 21.11 3.38 14.23
C GLN B 143 19.67 3.41 13.71
N ASN B 144 18.71 3.48 14.65
CA ASN B 144 17.26 3.53 14.44
C ASN B 144 16.75 2.40 13.55
N PHE B 145 16.67 1.19 14.12
CA PHE B 145 16.20 -0.01 13.45
C PHE B 145 15.56 -0.93 14.46
N MET B 146 14.53 -1.67 14.05
CA MET B 146 13.85 -2.62 14.92
C MET B 146 13.37 -3.88 14.15
N PRO B 147 13.56 -5.12 14.67
CA PRO B 147 14.12 -5.49 15.98
C PRO B 147 15.65 -5.36 16.11
N GLU B 148 16.16 -5.65 17.32
CA GLU B 148 17.57 -5.58 17.71
C GLU B 148 18.57 -6.37 16.85
N ASP B 149 18.11 -7.47 16.20
CA ASP B 149 18.97 -8.33 15.38
C ASP B 149 19.50 -7.63 14.13
N ILE B 150 20.84 -7.53 14.01
CA ILE B 150 21.53 -6.89 12.90
C ILE B 150 22.90 -7.53 12.62
N SER B 151 23.31 -7.54 11.34
CA SER B 151 24.60 -8.05 10.90
C SER B 151 25.42 -6.88 10.37
N VAL B 152 26.59 -6.63 10.98
CA VAL B 152 27.49 -5.54 10.60
C VAL B 152 28.75 -6.10 9.98
N GLN B 153 29.06 -5.68 8.73
CA GLN B 153 30.23 -6.15 7.99
C GLN B 153 31.08 -5.03 7.42
N TRP B 154 32.39 -5.28 7.25
CA TRP B 154 33.35 -4.32 6.70
C TRP B 154 33.93 -4.88 5.41
N LEU B 155 34.05 -4.03 4.39
CA LEU B 155 34.56 -4.41 3.08
C LEU B 155 35.70 -3.54 2.58
N HIS B 156 36.64 -4.16 1.86
CA HIS B 156 37.82 -3.52 1.24
C HIS B 156 38.12 -4.27 -0.07
N ASN B 157 38.19 -3.52 -1.19
CA ASN B 157 38.40 -4.03 -2.55
C ASN B 157 37.23 -4.94 -2.98
N GLU B 158 35.99 -4.51 -2.65
CA GLU B 158 34.72 -5.19 -2.94
C GLU B 158 34.54 -6.58 -2.29
N VAL B 159 35.58 -7.07 -1.59
CA VAL B 159 35.58 -8.34 -0.87
C VAL B 159 35.51 -8.11 0.64
N GLN B 160 34.79 -8.98 1.36
CA GLN B 160 34.57 -8.89 2.80
C GLN B 160 35.84 -9.13 3.63
N LEU B 161 35.96 -8.42 4.76
CA LEU B 161 37.08 -8.52 5.70
C LEU B 161 36.72 -9.52 6.82
N PRO B 162 37.72 -10.22 7.44
CA PRO B 162 37.40 -11.19 8.50
C PRO B 162 36.72 -10.57 9.72
N ASP B 163 35.84 -11.35 10.38
CA ASP B 163 35.06 -10.92 11.54
C ASP B 163 35.89 -10.56 12.79
N ALA B 164 37.08 -11.17 12.94
CA ALA B 164 37.98 -10.92 14.07
C ALA B 164 38.62 -9.53 13.98
N ARG B 165 38.74 -8.98 12.74
CA ARG B 165 39.33 -7.68 12.45
C ARG B 165 38.53 -6.50 13.02
N HIS B 166 37.21 -6.67 13.17
CA HIS B 166 36.33 -5.62 13.71
C HIS B 166 35.61 -6.03 15.00
N SER B 167 35.06 -5.02 15.72
CA SER B 167 34.33 -5.20 16.98
C SER B 167 33.03 -4.40 16.92
N THR B 168 31.88 -5.11 17.03
CA THR B 168 30.55 -4.49 16.99
C THR B 168 29.89 -4.56 18.36
N THR B 169 29.37 -3.40 18.83
CA THR B 169 28.70 -3.25 20.12
C THR B 169 27.36 -3.99 20.17
N GLN B 170 26.89 -4.27 21.40
CA GLN B 170 25.60 -4.93 21.66
C GLN B 170 24.46 -3.94 21.32
N PRO B 171 23.32 -4.41 20.76
CA PRO B 171 22.24 -3.48 20.43
C PRO B 171 21.61 -2.82 21.66
N ARG B 172 21.74 -1.49 21.74
CA ARG B 172 21.20 -0.65 22.82
C ARG B 172 20.07 0.21 22.25
N LYS B 173 19.01 0.45 23.05
CA LYS B 173 17.86 1.26 22.62
C LYS B 173 18.21 2.74 22.48
N THR B 174 17.65 3.40 21.45
CA THR B 174 17.85 4.83 21.20
C THR B 174 16.85 5.65 22.03
N LYS B 175 16.94 7.00 21.94
CA LYS B 175 16.05 7.91 22.67
C LYS B 175 14.61 7.84 22.13
N GLY B 176 14.47 7.42 20.87
CA GLY B 176 13.19 7.23 20.21
C GLY B 176 12.65 5.83 20.41
N SER B 177 12.52 5.07 19.31
CA SER B 177 12.01 3.69 19.30
C SER B 177 13.04 2.66 18.83
N GLY B 178 13.95 3.10 17.95
CA GLY B 178 14.97 2.24 17.35
C GLY B 178 16.08 1.78 18.29
N PHE B 179 17.06 1.07 17.70
CA PHE B 179 18.24 0.54 18.35
C PHE B 179 19.50 1.11 17.68
N PHE B 180 20.64 1.07 18.37
CA PHE B 180 21.91 1.55 17.81
C PHE B 180 23.07 0.59 18.06
N VAL B 181 23.95 0.47 17.07
CA VAL B 181 25.17 -0.35 17.12
C VAL B 181 26.34 0.40 16.53
N PHE B 182 27.52 0.27 17.16
CA PHE B 182 28.76 0.88 16.73
C PHE B 182 29.72 -0.20 16.27
N SER B 183 30.53 0.11 15.24
CA SER B 183 31.53 -0.83 14.73
C SER B 183 32.89 -0.15 14.64
N ARG B 184 33.94 -0.83 15.12
CA ARG B 184 35.30 -0.33 15.13
C ARG B 184 36.23 -1.24 14.33
N LEU B 185 36.94 -0.68 13.34
CA LEU B 185 37.88 -1.42 12.50
C LEU B 185 39.21 -0.69 12.33
N GLU B 186 40.30 -1.30 12.83
CA GLU B 186 41.65 -0.74 12.70
C GLU B 186 42.20 -1.10 11.32
N VAL B 187 42.75 -0.10 10.60
CA VAL B 187 43.30 -0.28 9.25
C VAL B 187 44.76 0.09 9.12
N THR B 188 45.54 -0.77 8.44
CA THR B 188 46.99 -0.57 8.20
C THR B 188 47.23 0.35 7.01
N ARG B 189 48.45 0.93 6.92
CA ARG B 189 48.89 1.84 5.85
C ARG B 189 48.80 1.20 4.47
N ALA B 190 49.17 -0.09 4.37
CA ALA B 190 49.13 -0.86 3.13
C ALA B 190 47.70 -1.02 2.59
N GLU B 191 46.69 -0.99 3.49
CA GLU B 191 45.27 -1.13 3.13
C GLU B 191 44.69 0.10 2.45
N TRP B 192 44.92 1.32 3.02
CA TRP B 192 44.40 2.54 2.40
C TRP B 192 45.18 3.00 1.15
N GLU B 193 46.49 2.66 1.09
CA GLU B 193 47.35 2.99 -0.06
C GLU B 193 47.03 2.20 -1.33
N GLN B 194 46.54 0.96 -1.18
CA GLN B 194 46.14 0.06 -2.28
C GLN B 194 44.79 0.52 -2.86
N LYS B 195 43.84 0.86 -1.95
CA LYS B 195 42.52 1.38 -2.27
C LYS B 195 41.99 2.19 -1.08
N ASP B 196 41.78 3.50 -1.30
CA ASP B 196 41.31 4.41 -0.26
C ASP B 196 39.77 4.48 -0.21
N GLU B 197 39.15 3.32 0.04
CA GLU B 197 37.70 3.17 0.16
C GLU B 197 37.40 1.95 1.03
N PHE B 198 36.58 2.17 2.07
CA PHE B 198 36.17 1.13 3.00
C PHE B 198 34.66 1.19 3.17
N ILE B 199 33.98 0.10 2.78
CA ILE B 199 32.53 0.00 2.83
C ILE B 199 32.05 -0.65 4.13
N CYS B 200 31.02 -0.05 4.76
CA CYS B 200 30.41 -0.61 5.95
C CYS B 200 29.00 -1.10 5.63
N ARG B 201 28.86 -2.42 5.46
CA ARG B 201 27.60 -3.07 5.13
C ARG B 201 26.80 -3.39 6.39
N ALA B 202 25.45 -3.36 6.27
CA ALA B 202 24.54 -3.68 7.36
C ALA B 202 23.37 -4.49 6.83
N VAL B 203 23.21 -5.73 7.35
CA VAL B 203 22.13 -6.63 6.94
C VAL B 203 21.05 -6.61 8.02
N HIS B 204 19.83 -6.19 7.65
CA HIS B 204 18.69 -6.06 8.57
C HIS B 204 17.38 -6.46 7.91
N GLU B 205 16.48 -7.04 8.72
CA GLU B 205 15.12 -7.52 8.40
C GLU B 205 14.29 -6.53 7.57
N ALA B 206 14.33 -5.24 7.93
CA ALA B 206 13.56 -4.18 7.27
C ALA B 206 14.32 -3.38 6.19
N ALA B 207 15.65 -3.59 6.06
CA ALA B 207 16.50 -2.90 5.09
C ALA B 207 16.04 -3.13 3.65
N SER B 208 16.01 -2.05 2.85
CA SER B 208 15.55 -2.11 1.45
C SER B 208 16.45 -1.27 0.52
N PRO B 209 16.80 -1.77 -0.68
CA PRO B 209 16.41 -3.07 -1.29
C PRO B 209 17.34 -4.24 -0.96
N SER B 210 16.75 -5.46 -0.95
CA SER B 210 17.40 -6.74 -0.70
C SER B 210 18.28 -6.84 0.57
N GLN B 211 17.75 -6.32 1.71
CA GLN B 211 18.36 -6.33 3.05
C GLN B 211 19.75 -5.68 3.17
N THR B 212 20.12 -4.77 2.25
CA THR B 212 21.43 -4.13 2.26
C THR B 212 21.36 -2.60 2.36
N VAL B 213 22.08 -2.05 3.35
CA VAL B 213 22.27 -0.61 3.61
C VAL B 213 23.76 -0.46 3.94
N GLN B 214 24.50 0.27 3.09
CA GLN B 214 25.95 0.47 3.26
C GLN B 214 26.44 1.89 2.98
N ARG B 215 27.58 2.26 3.59
CA ARG B 215 28.22 3.58 3.44
C ARG B 215 29.72 3.43 3.27
N ALA B 216 30.30 4.19 2.32
CA ALA B 216 31.74 4.19 2.03
C ALA B 216 32.47 5.26 2.83
N VAL B 217 33.71 4.98 3.23
CA VAL B 217 34.57 5.89 4.01
C VAL B 217 36.02 5.90 3.44
N SER B 218 36.73 7.03 3.57
CA SER B 218 38.09 7.17 3.08
C SER B 218 39.04 7.82 4.07
N VAL B 219 40.25 7.25 4.20
CA VAL B 219 41.32 7.76 5.07
C VAL B 219 41.97 8.91 4.29
N ASN B 220 41.74 10.16 4.74
CA ASN B 220 42.20 11.40 4.11
C ASN B 220 41.81 11.55 2.61
N PRO B 221 40.55 11.95 2.31
CA PRO B 221 40.13 12.08 0.91
C PRO B 221 40.42 13.47 0.35
N GLY C 11 -25.56 15.92 -46.85
CA GLY C 11 -24.85 15.61 -45.62
C GLY C 11 -24.08 14.31 -45.67
N VAL C 12 -22.79 14.34 -45.26
CA VAL C 12 -21.90 13.18 -45.23
C VAL C 12 -21.16 13.13 -43.89
N SER C 13 -21.20 11.98 -43.19
CA SER C 13 -20.55 11.78 -41.90
C SER C 13 -19.59 10.57 -41.91
N ALA C 14 -18.46 10.67 -41.20
CA ALA C 14 -17.44 9.62 -41.11
C ALA C 14 -17.09 9.25 -39.66
N TYR C 15 -17.04 7.94 -39.37
CA TYR C 15 -16.75 7.41 -38.03
C TYR C 15 -15.64 6.35 -38.10
N LEU C 16 -14.66 6.42 -37.18
CA LEU C 16 -13.56 5.47 -37.11
C LEU C 16 -13.60 4.75 -35.75
N SER C 17 -13.78 3.41 -35.78
CA SER C 17 -13.90 2.58 -34.58
C SER C 17 -12.57 1.98 -34.10
N ARG C 18 -12.59 1.45 -32.87
CA ARG C 18 -11.47 0.77 -32.20
C ARG C 18 -11.76 -0.76 -32.25
N PRO C 19 -10.77 -1.66 -32.07
CA PRO C 19 -11.09 -3.09 -32.12
C PRO C 19 -11.72 -3.60 -30.83
N SER C 20 -12.61 -4.60 -30.96
CA SER C 20 -13.30 -5.21 -29.83
C SER C 20 -12.30 -5.99 -28.97
N PRO C 21 -12.40 -5.93 -27.61
CA PRO C 21 -11.44 -6.67 -26.77
C PRO C 21 -11.35 -8.17 -27.05
N PHE C 22 -12.41 -8.77 -27.60
CA PHE C 22 -12.43 -10.19 -27.97
C PHE C 22 -11.48 -10.45 -29.16
N ASP C 23 -11.56 -9.59 -30.21
CA ASP C 23 -10.72 -9.67 -31.40
C ASP C 23 -9.25 -9.33 -31.09
N LEU C 24 -9.02 -8.42 -30.12
CA LEU C 24 -7.68 -7.97 -29.72
C LEU C 24 -7.00 -8.90 -28.73
N PHE C 25 -7.70 -9.32 -27.64
CA PHE C 25 -7.11 -10.19 -26.61
C PHE C 25 -7.29 -11.69 -26.78
N ILE C 26 -8.47 -12.15 -27.24
CA ILE C 26 -8.74 -13.59 -27.39
C ILE C 26 -8.35 -14.11 -28.78
N ARG C 27 -9.01 -13.59 -29.85
CA ARG C 27 -8.76 -14.01 -31.23
C ARG C 27 -7.35 -13.64 -31.75
N LYS C 28 -6.72 -12.63 -31.12
CA LYS C 28 -5.38 -12.11 -31.42
C LYS C 28 -5.26 -11.46 -32.82
N SER C 29 -6.40 -11.18 -33.47
CA SER C 29 -6.47 -10.56 -34.80
C SER C 29 -7.40 -9.33 -34.74
N PRO C 30 -6.86 -8.17 -34.30
CA PRO C 30 -7.71 -6.97 -34.21
C PRO C 30 -7.91 -6.26 -35.55
N THR C 31 -9.08 -5.61 -35.71
CA THR C 31 -9.47 -4.86 -36.90
C THR C 31 -10.19 -3.56 -36.54
N ILE C 32 -9.82 -2.46 -37.22
CA ILE C 32 -10.43 -1.14 -37.05
C ILE C 32 -11.23 -0.79 -38.30
N THR C 33 -12.48 -0.34 -38.12
CA THR C 33 -13.38 -0.03 -39.23
C THR C 33 -13.67 1.46 -39.32
N CYS C 34 -13.62 2.00 -40.53
CA CYS C 34 -13.98 3.37 -40.77
C CYS C 34 -15.26 3.35 -41.57
N LEU C 35 -16.33 3.86 -41.00
CA LEU C 35 -17.68 3.89 -41.56
C LEU C 35 -18.03 5.30 -42.04
N VAL C 36 -18.45 5.42 -43.31
CA VAL C 36 -18.85 6.69 -43.91
C VAL C 36 -20.28 6.60 -44.45
N VAL C 37 -21.21 7.33 -43.80
CA VAL C 37 -22.63 7.35 -44.15
C VAL C 37 -22.93 8.56 -45.05
N ASP C 38 -23.17 8.29 -46.34
CA ASP C 38 -23.48 9.29 -47.37
C ASP C 38 -25.00 9.40 -47.50
N LEU C 39 -25.58 10.46 -46.93
CA LEU C 39 -27.03 10.70 -46.91
C LEU C 39 -27.63 11.12 -48.26
N ALA C 40 -26.77 11.55 -49.21
CA ALA C 40 -27.10 11.95 -50.58
C ALA C 40 -26.13 11.25 -51.58
N PRO C 41 -26.48 10.04 -51.97
CA PRO C 41 -25.69 9.19 -52.86
C PRO C 41 -25.59 9.68 -54.29
N SER C 42 -24.47 9.39 -54.94
CA SER C 42 -24.19 9.94 -56.24
C SER C 42 -23.37 8.99 -57.04
N LYS C 43 -23.10 9.38 -58.27
CA LYS C 43 -22.05 8.74 -59.04
C LYS C 43 -20.73 9.30 -58.53
N GLY C 44 -19.68 8.52 -58.72
CA GLY C 44 -18.36 8.89 -58.28
C GLY C 44 -18.15 8.29 -56.92
N THR C 45 -16.90 7.96 -56.62
CA THR C 45 -16.63 7.09 -55.50
C THR C 45 -15.91 7.75 -54.37
N VAL C 46 -16.37 7.45 -53.17
CA VAL C 46 -15.93 8.11 -51.96
C VAL C 46 -14.45 7.96 -51.60
N GLN C 47 -13.88 6.79 -51.73
CA GLN C 47 -12.43 6.68 -51.47
C GLN C 47 -12.01 6.73 -49.99
N LEU C 48 -11.36 5.66 -49.52
CA LEU C 48 -10.87 5.54 -48.15
C LEU C 48 -9.36 5.21 -48.12
N THR C 49 -8.53 6.24 -47.88
CA THR C 49 -7.07 6.15 -47.81
C THR C 49 -6.67 5.88 -46.36
N TRP C 50 -5.74 4.93 -46.16
CA TRP C 50 -5.27 4.50 -44.85
C TRP C 50 -3.80 4.87 -44.62
N SER C 51 -3.48 5.43 -43.44
CA SER C 51 -2.11 5.84 -43.07
C SER C 51 -1.87 5.77 -41.57
N ARG C 52 -0.64 5.41 -41.18
CA ARG C 52 -0.21 5.35 -39.77
C ARG C 52 0.50 6.65 -39.40
N ALA C 53 0.52 7.00 -38.09
CA ALA C 53 1.19 8.19 -37.57
C ALA C 53 2.70 8.09 -37.73
N SER C 54 3.23 6.84 -37.71
CA SER C 54 4.64 6.51 -37.89
C SER C 54 5.10 6.70 -39.33
N GLY C 55 4.20 6.45 -40.28
CA GLY C 55 4.49 6.53 -41.71
C GLY C 55 4.72 5.17 -42.32
N LYS C 56 4.71 4.12 -41.48
CA LYS C 56 4.90 2.72 -41.86
C LYS C 56 3.71 2.20 -42.69
N PRO C 57 3.91 1.23 -43.62
CA PRO C 57 2.79 0.75 -44.45
C PRO C 57 1.69 0.03 -43.68
N VAL C 58 0.48 0.01 -44.26
CA VAL C 58 -0.71 -0.61 -43.69
C VAL C 58 -1.10 -1.89 -44.45
N GLN C 59 -1.65 -2.88 -43.72
CA GLN C 59 -2.16 -4.14 -44.27
C GLN C 59 -3.41 -3.94 -45.12
N HIS C 60 -3.66 -4.81 -46.12
CA HIS C 60 -4.88 -4.60 -46.93
C HIS C 60 -6.29 -4.57 -46.39
N SER C 61 -7.00 -3.46 -46.63
CA SER C 61 -8.32 -3.15 -46.08
C SER C 61 -9.40 -3.74 -47.01
N THR C 62 -10.55 -4.12 -46.41
CA THR C 62 -11.70 -4.70 -47.11
C THR C 62 -12.82 -3.64 -47.16
N ARG C 63 -13.13 -3.16 -48.38
CA ARG C 63 -14.17 -2.16 -48.63
C ARG C 63 -15.52 -2.86 -48.82
N LYS C 64 -16.55 -2.41 -48.08
CA LYS C 64 -17.89 -2.98 -48.10
C LYS C 64 -18.97 -1.89 -48.27
N GLU C 65 -19.47 -1.70 -49.50
CA GLU C 65 -20.50 -0.70 -49.78
C GLU C 65 -21.90 -1.28 -50.02
N GLU C 66 -22.87 -0.86 -49.20
CA GLU C 66 -24.26 -1.30 -49.25
C GLU C 66 -25.22 -0.10 -49.27
N LYS C 67 -26.26 -0.16 -50.10
CA LYS C 67 -27.28 0.89 -50.19
C LYS C 67 -28.45 0.48 -49.30
N GLN C 68 -28.70 1.25 -48.23
CA GLN C 68 -29.75 0.97 -47.24
C GLN C 68 -31.14 1.32 -47.80
N ARG C 69 -32.19 0.78 -47.15
CA ARG C 69 -33.60 0.97 -47.53
C ARG C 69 -34.13 2.41 -47.54
N ASN C 70 -33.54 3.30 -46.71
CA ASN C 70 -33.92 4.71 -46.61
C ASN C 70 -33.39 5.57 -47.78
N GLY C 71 -32.51 4.99 -48.60
CA GLY C 71 -31.92 5.64 -49.77
C GLY C 71 -30.57 6.29 -49.54
N THR C 72 -29.74 5.70 -48.66
CA THR C 72 -28.39 6.19 -48.34
C THR C 72 -27.34 5.09 -48.54
N LEU C 73 -26.17 5.47 -49.10
CA LEU C 73 -25.07 4.55 -49.35
C LEU C 73 -24.14 4.49 -48.14
N THR C 74 -23.93 3.27 -47.61
CA THR C 74 -23.09 3.00 -46.45
C THR C 74 -21.86 2.21 -46.91
N VAL C 75 -20.66 2.81 -46.76
CA VAL C 75 -19.39 2.18 -47.13
C VAL C 75 -18.43 2.04 -45.95
N THR C 76 -18.01 0.79 -45.64
CA THR C 76 -17.11 0.48 -44.52
C THR C 76 -15.79 -0.12 -45.01
N SER C 77 -14.67 0.41 -44.50
CA SER C 77 -13.33 -0.08 -44.81
C SER C 77 -12.75 -0.66 -43.53
N THR C 78 -12.58 -1.99 -43.49
CA THR C 78 -12.06 -2.72 -42.33
C THR C 78 -10.59 -3.03 -42.52
N LEU C 79 -9.73 -2.30 -41.80
CA LEU C 79 -8.27 -2.44 -41.86
C LEU C 79 -7.73 -3.36 -40.75
N PRO C 80 -6.92 -4.38 -41.09
CA PRO C 80 -6.35 -5.24 -40.04
C PRO C 80 -5.15 -4.55 -39.36
N VAL C 81 -5.08 -4.66 -38.04
CA VAL C 81 -4.01 -4.04 -37.25
C VAL C 81 -3.23 -5.07 -36.41
N GLY C 82 -2.02 -4.71 -36.03
CA GLY C 82 -1.16 -5.56 -35.21
C GLY C 82 -1.56 -5.51 -33.75
N THR C 83 -1.64 -6.68 -33.08
CA THR C 83 -1.99 -6.84 -31.66
C THR C 83 -1.15 -5.95 -30.74
N ARG C 84 0.19 -6.14 -30.75
CA ARG C 84 1.12 -5.34 -29.96
C ARG C 84 1.31 -3.91 -30.49
N ASP C 85 1.11 -3.72 -31.81
CA ASP C 85 1.19 -2.42 -32.47
C ASP C 85 0.06 -1.54 -31.92
N TRP C 86 -1.17 -2.09 -31.78
CA TRP C 86 -2.31 -1.35 -31.25
C TRP C 86 -2.15 -1.07 -29.74
N ILE C 87 -1.87 -2.12 -28.94
CA ILE C 87 -1.71 -2.07 -27.49
C ILE C 87 -0.61 -1.08 -27.07
N GLU C 88 0.51 -1.07 -27.82
CA GLU C 88 1.65 -0.18 -27.54
C GLU C 88 1.42 1.32 -27.83
N GLY C 89 0.29 1.65 -28.48
CA GLY C 89 -0.12 3.03 -28.73
C GLY C 89 0.09 3.63 -30.10
N GLU C 90 -0.08 2.84 -31.17
CA GLU C 90 0.06 3.35 -32.53
C GLU C 90 -1.23 4.05 -32.96
N THR C 91 -1.10 5.21 -33.64
CA THR C 91 -2.23 5.99 -34.13
C THR C 91 -2.50 5.69 -35.60
N TYR C 92 -3.73 5.27 -35.91
CA TYR C 92 -4.16 4.91 -37.25
C TYR C 92 -5.11 5.99 -37.80
N GLN C 93 -4.74 6.60 -38.93
CA GLN C 93 -5.49 7.69 -39.57
C GLN C 93 -6.30 7.27 -40.79
N CYS C 94 -7.33 8.03 -41.08
CA CYS C 94 -8.11 7.82 -42.28
C CYS C 94 -8.42 9.11 -43.01
N ARG C 95 -8.45 9.09 -44.34
CA ARG C 95 -8.71 10.24 -45.22
C ARG C 95 -9.82 9.89 -46.22
N VAL C 96 -10.97 10.58 -46.13
CA VAL C 96 -12.13 10.38 -47.01
C VAL C 96 -12.15 11.50 -48.07
N THR C 97 -12.15 11.13 -49.36
CA THR C 97 -12.14 12.09 -50.47
C THR C 97 -13.34 11.88 -51.41
N HIS C 98 -14.49 12.47 -51.03
CA HIS C 98 -15.75 12.40 -51.78
C HIS C 98 -15.77 13.45 -52.91
N PRO C 99 -16.35 13.16 -54.09
CA PRO C 99 -16.37 14.16 -55.18
C PRO C 99 -17.31 15.35 -54.91
N HIS C 100 -18.43 15.09 -54.22
CA HIS C 100 -19.44 16.10 -53.86
C HIS C 100 -19.19 16.68 -52.45
N LEU C 101 -17.91 16.92 -52.12
CA LEU C 101 -17.45 17.48 -50.84
C LEU C 101 -16.27 18.45 -51.09
N PRO C 102 -16.25 19.65 -50.47
CA PRO C 102 -15.15 20.59 -50.75
C PRO C 102 -13.81 20.25 -50.08
N ARG C 103 -13.82 19.95 -48.77
CA ARG C 103 -12.62 19.62 -48.00
C ARG C 103 -12.67 18.16 -47.55
N ALA C 104 -11.54 17.44 -47.70
CA ALA C 104 -11.42 16.03 -47.33
C ALA C 104 -11.48 15.82 -45.81
N LEU C 105 -12.41 14.95 -45.36
CA LEU C 105 -12.60 14.61 -43.96
C LEU C 105 -11.49 13.70 -43.46
N MET C 106 -11.07 13.88 -42.19
CA MET C 106 -10.01 13.09 -41.58
C MET C 106 -10.41 12.58 -40.20
N ARG C 107 -10.15 11.28 -39.94
CA ARG C 107 -10.44 10.61 -38.66
C ARG C 107 -9.21 9.83 -38.19
N SER C 108 -8.95 9.82 -36.87
CA SER C 108 -7.82 9.10 -36.29
C SER C 108 -8.19 8.39 -34.99
N THR C 109 -7.72 7.14 -34.83
CA THR C 109 -7.98 6.34 -33.63
C THR C 109 -6.71 5.69 -33.07
N THR C 110 -6.60 5.66 -31.73
CA THR C 110 -5.50 5.05 -30.98
C THR C 110 -5.99 4.48 -29.65
N LYS C 111 -5.14 3.68 -28.97
CA LYS C 111 -5.46 3.05 -27.68
C LYS C 111 -5.74 4.08 -26.59
N THR C 112 -6.88 3.92 -25.87
CA THR C 112 -7.32 4.81 -24.79
C THR C 112 -6.37 4.64 -23.59
N SER C 113 -5.34 5.51 -23.51
CA SER C 113 -4.31 5.46 -22.47
C SER C 113 -4.72 6.23 -21.21
N GLY C 114 -5.10 5.47 -20.18
CA GLY C 114 -5.54 6.01 -18.89
C GLY C 114 -5.74 4.94 -17.83
N PRO C 115 -6.47 5.25 -16.72
CA PRO C 115 -6.66 4.25 -15.65
C PRO C 115 -7.46 3.02 -16.05
N ARG C 116 -7.22 1.90 -15.33
CA ARG C 116 -7.87 0.61 -15.58
C ARG C 116 -8.68 0.10 -14.39
N ALA C 117 -9.80 -0.59 -14.70
CA ALA C 117 -10.71 -1.18 -13.70
C ALA C 117 -11.31 -2.47 -14.26
N ALA C 118 -11.27 -3.55 -13.46
CA ALA C 118 -11.81 -4.87 -13.83
C ALA C 118 -13.34 -4.86 -13.79
N PRO C 119 -14.04 -5.41 -14.82
CA PRO C 119 -15.51 -5.38 -14.79
C PRO C 119 -16.17 -6.35 -13.80
N GLU C 120 -17.33 -5.93 -13.24
CA GLU C 120 -18.12 -6.75 -12.30
C GLU C 120 -19.31 -7.34 -13.07
N VAL C 121 -19.33 -8.66 -13.25
CA VAL C 121 -20.37 -9.36 -14.01
C VAL C 121 -21.44 -9.97 -13.10
N TYR C 122 -22.74 -9.75 -13.43
CA TYR C 122 -23.91 -10.26 -12.73
C TYR C 122 -24.98 -10.70 -13.73
N ALA C 123 -25.33 -11.99 -13.72
CA ALA C 123 -26.34 -12.57 -14.62
C ALA C 123 -27.66 -12.85 -13.89
N PHE C 124 -28.79 -12.64 -14.57
CA PHE C 124 -30.14 -12.84 -14.02
C PHE C 124 -31.10 -13.52 -15.00
N ALA C 125 -32.08 -14.27 -14.45
CA ALA C 125 -33.11 -14.98 -15.21
C ALA C 125 -34.50 -14.48 -14.83
N THR C 126 -35.35 -14.17 -15.83
CA THR C 126 -36.71 -13.69 -15.61
C THR C 126 -37.68 -14.85 -15.33
N PRO C 127 -38.67 -14.69 -14.41
CA PRO C 127 -39.60 -15.81 -14.16
C PRO C 127 -40.64 -15.98 -15.27
N GLU C 128 -41.50 -17.01 -15.15
CA GLU C 128 -42.56 -17.33 -16.12
C GLU C 128 -43.64 -16.25 -16.18
N TRP C 129 -43.81 -15.65 -17.36
CA TRP C 129 -44.80 -14.59 -17.63
C TRP C 129 -46.01 -15.20 -18.36
N PRO C 130 -47.27 -14.80 -18.00
CA PRO C 130 -48.44 -15.37 -18.70
C PRO C 130 -48.41 -15.17 -20.21
N GLY C 131 -48.55 -16.26 -20.95
CA GLY C 131 -48.52 -16.29 -22.41
C GLY C 131 -47.13 -16.55 -22.96
N SER C 132 -46.11 -16.59 -22.08
CA SER C 132 -44.71 -16.84 -22.42
C SER C 132 -44.15 -17.99 -21.57
N ARG C 133 -44.40 -19.23 -22.02
CA ARG C 133 -43.97 -20.45 -21.34
C ARG C 133 -42.75 -21.07 -22.01
N ASP C 134 -42.83 -21.30 -23.35
CA ASP C 134 -41.76 -21.90 -24.14
C ASP C 134 -40.56 -20.97 -24.41
N LYS C 135 -40.62 -19.72 -23.90
CA LYS C 135 -39.56 -18.72 -24.04
C LYS C 135 -39.33 -17.89 -22.77
N ARG C 136 -38.05 -17.69 -22.40
CA ARG C 136 -37.62 -16.90 -21.25
C ARG C 136 -36.59 -15.84 -21.66
N THR C 137 -36.40 -14.81 -20.81
CA THR C 137 -35.45 -13.73 -21.10
C THR C 137 -34.34 -13.70 -20.06
N LEU C 138 -33.08 -13.71 -20.52
CA LEU C 138 -31.90 -13.67 -19.65
C LEU C 138 -31.25 -12.30 -19.75
N ALA C 139 -30.98 -11.69 -18.59
CA ALA C 139 -30.37 -10.37 -18.49
C ALA C 139 -29.02 -10.38 -17.80
N CYS C 140 -28.08 -9.56 -18.27
CA CYS C 140 -26.77 -9.44 -17.66
C CYS C 140 -26.26 -8.03 -17.49
N LEU C 141 -25.82 -7.71 -16.26
CA LEU C 141 -25.28 -6.41 -15.88
C LEU C 141 -23.77 -6.50 -15.69
N ILE C 142 -23.02 -5.75 -16.51
CA ILE C 142 -21.56 -5.65 -16.45
C ILE C 142 -21.29 -4.18 -16.11
N GLN C 143 -20.64 -3.94 -14.95
CA GLN C 143 -20.40 -2.59 -14.44
C GLN C 143 -19.01 -2.36 -13.83
N ASN C 144 -18.69 -1.08 -13.54
CA ASN C 144 -17.45 -0.59 -12.93
C ASN C 144 -16.16 -1.05 -13.64
N PHE C 145 -15.90 -0.46 -14.82
CA PHE C 145 -14.71 -0.76 -15.64
C PHE C 145 -14.29 0.42 -16.48
N MET C 146 -12.98 0.55 -16.73
CA MET C 146 -12.41 1.62 -17.54
C MET C 146 -11.15 1.17 -18.33
N PRO C 147 -11.01 1.51 -19.64
CA PRO C 147 -11.87 2.37 -20.48
C PRO C 147 -13.20 1.73 -20.92
N GLU C 148 -14.05 2.53 -21.61
CA GLU C 148 -15.37 2.16 -22.12
C GLU C 148 -15.46 0.93 -23.04
N ASP C 149 -14.35 0.57 -23.73
CA ASP C 149 -14.29 -0.57 -24.66
C ASP C 149 -14.45 -1.91 -23.93
N ILE C 150 -15.49 -2.68 -24.30
CA ILE C 150 -15.81 -4.00 -23.72
C ILE C 150 -16.51 -4.93 -24.74
N SER C 151 -16.25 -6.25 -24.63
CA SER C 151 -16.86 -7.29 -25.46
C SER C 151 -17.77 -8.15 -24.58
N VAL C 152 -19.07 -8.21 -24.90
CA VAL C 152 -20.05 -8.99 -24.14
C VAL C 152 -20.53 -10.17 -24.98
N GLN C 153 -20.37 -11.39 -24.44
CA GLN C 153 -20.76 -12.63 -25.13
C GLN C 153 -21.62 -13.56 -24.28
N TRP C 154 -22.46 -14.38 -24.94
CA TRP C 154 -23.34 -15.35 -24.30
C TRP C 154 -22.97 -16.75 -24.74
N LEU C 155 -22.93 -17.69 -23.79
CA LEU C 155 -22.56 -19.09 -24.05
C LEU C 155 -23.58 -20.11 -23.56
N HIS C 156 -23.71 -21.21 -24.31
CA HIS C 156 -24.59 -22.34 -24.02
C HIS C 156 -23.90 -23.62 -24.54
N ASN C 157 -23.74 -24.62 -23.65
CA ASN C 157 -23.05 -25.90 -23.90
C ASN C 157 -21.57 -25.65 -24.24
N GLU C 158 -20.93 -24.75 -23.46
CA GLU C 158 -19.53 -24.33 -23.57
C GLU C 158 -19.12 -23.66 -24.91
N VAL C 159 -20.07 -23.60 -25.87
CA VAL C 159 -19.87 -22.98 -27.18
C VAL C 159 -20.63 -21.64 -27.25
N GLN C 160 -20.05 -20.65 -27.95
CA GLN C 160 -20.60 -19.30 -28.09
C GLN C 160 -21.88 -19.26 -28.92
N LEU C 161 -22.79 -18.33 -28.55
CA LEU C 161 -24.07 -18.10 -29.23
C LEU C 161 -23.90 -16.95 -30.25
N PRO C 162 -24.69 -16.92 -31.37
CA PRO C 162 -24.52 -15.83 -32.35
C PRO C 162 -24.83 -14.44 -31.80
N ASP C 163 -24.14 -13.43 -32.34
CA ASP C 163 -24.25 -12.02 -31.91
C ASP C 163 -25.62 -11.38 -32.13
N ALA C 164 -26.38 -11.86 -33.13
CA ALA C 164 -27.72 -11.35 -33.45
C ALA C 164 -28.75 -11.77 -32.40
N ARG C 165 -28.48 -12.89 -31.69
CA ARG C 165 -29.34 -13.47 -30.66
C ARG C 165 -29.47 -12.56 -29.42
N HIS C 166 -28.43 -11.75 -29.12
CA HIS C 166 -28.43 -10.84 -27.97
C HIS C 166 -28.30 -9.36 -28.35
N SER C 167 -28.63 -8.47 -27.40
CA SER C 167 -28.58 -7.01 -27.53
C SER C 167 -27.86 -6.40 -26.33
N THR C 168 -26.72 -5.72 -26.58
CA THR C 168 -25.91 -5.07 -25.55
C THR C 168 -26.01 -3.54 -25.66
N THR C 169 -26.30 -2.89 -24.51
CA THR C 169 -26.44 -1.44 -24.39
C THR C 169 -25.08 -0.77 -24.62
N GLN C 170 -25.11 0.51 -25.01
CA GLN C 170 -23.90 1.32 -25.21
C GLN C 170 -23.33 1.66 -23.83
N PRO C 171 -21.98 1.75 -23.68
CA PRO C 171 -21.42 2.09 -22.36
C PRO C 171 -21.74 3.48 -21.81
N ARG C 172 -22.41 3.50 -20.65
CA ARG C 172 -22.81 4.71 -19.93
C ARG C 172 -21.99 4.81 -18.64
N LYS C 173 -21.63 6.05 -18.26
CA LYS C 173 -20.86 6.33 -17.04
C LYS C 173 -21.67 6.10 -15.77
N THR C 174 -21.06 5.46 -14.77
CA THR C 174 -21.69 5.19 -13.47
C THR C 174 -21.59 6.42 -12.57
N LYS C 175 -22.12 6.32 -11.33
CA LYS C 175 -22.07 7.39 -10.33
C LYS C 175 -20.62 7.66 -9.88
N GLY C 176 -19.76 6.64 -9.99
CA GLY C 176 -18.36 6.73 -9.64
C GLY C 176 -17.50 7.14 -10.81
N SER C 177 -16.56 6.27 -11.21
CA SER C 177 -15.62 6.51 -12.31
C SER C 177 -15.76 5.50 -13.46
N GLY C 178 -16.26 4.30 -13.14
CA GLY C 178 -16.44 3.22 -14.10
C GLY C 178 -17.59 3.39 -15.08
N PHE C 179 -17.77 2.37 -15.94
CA PHE C 179 -18.82 2.31 -16.96
C PHE C 179 -19.73 1.13 -16.71
N PHE C 180 -20.96 1.16 -17.27
CA PHE C 180 -21.88 0.05 -17.15
C PHE C 180 -22.54 -0.33 -18.48
N VAL C 181 -22.72 -1.64 -18.70
CA VAL C 181 -23.38 -2.21 -19.88
C VAL C 181 -24.35 -3.33 -19.49
N PHE C 182 -25.50 -3.39 -20.17
CA PHE C 182 -26.53 -4.41 -19.95
C PHE C 182 -26.66 -5.29 -21.19
N SER C 183 -26.98 -6.58 -20.99
CA SER C 183 -27.17 -7.51 -22.11
C SER C 183 -28.48 -8.27 -21.95
N ARG C 184 -29.22 -8.44 -23.05
CA ARG C 184 -30.49 -9.14 -23.09
C ARG C 184 -30.45 -10.29 -24.09
N LEU C 185 -30.78 -11.53 -23.63
CA LEU C 185 -30.81 -12.73 -24.47
C LEU C 185 -32.07 -13.56 -24.24
N GLU C 186 -32.91 -13.70 -25.29
CA GLU C 186 -34.13 -14.51 -25.23
C GLU C 186 -33.75 -15.97 -25.47
N VAL C 187 -34.26 -16.88 -24.61
CA VAL C 187 -33.96 -18.32 -24.69
C VAL C 187 -35.20 -19.20 -24.85
N THR C 188 -35.13 -20.18 -25.76
CA THR C 188 -36.22 -21.13 -26.06
C THR C 188 -36.24 -22.28 -25.05
N ARG C 189 -37.39 -22.99 -24.94
CA ARG C 189 -37.60 -24.13 -24.05
C ARG C 189 -36.62 -25.27 -24.30
N ALA C 190 -36.33 -25.55 -25.59
CA ALA C 190 -35.38 -26.58 -26.02
C ALA C 190 -33.95 -26.30 -25.53
N GLU C 191 -33.61 -25.01 -25.34
CA GLU C 191 -32.28 -24.59 -24.89
C GLU C 191 -32.02 -24.87 -23.41
N TRP C 192 -32.96 -24.51 -22.51
CA TRP C 192 -32.77 -24.77 -21.07
C TRP C 192 -32.99 -26.23 -20.68
N GLU C 193 -33.84 -26.97 -21.43
CA GLU C 193 -34.10 -28.40 -21.20
C GLU C 193 -32.91 -29.28 -21.58
N GLN C 194 -32.11 -28.82 -22.58
CA GLN C 194 -30.91 -29.52 -23.06
C GLN C 194 -29.80 -29.36 -22.01
N LYS C 195 -29.60 -28.11 -21.55
CA LYS C 195 -28.61 -27.72 -20.53
C LYS C 195 -29.14 -26.47 -19.82
N ASP C 196 -29.38 -26.58 -18.50
CA ASP C 196 -29.88 -25.46 -17.72
C ASP C 196 -28.74 -24.62 -17.11
N GLU C 197 -27.89 -24.09 -18.00
CA GLU C 197 -26.75 -23.24 -17.65
C GLU C 197 -26.44 -22.34 -18.83
N PHE C 198 -26.37 -21.03 -18.56
CA PHE C 198 -26.07 -20.01 -19.57
C PHE C 198 -25.00 -19.09 -19.01
N ILE C 199 -23.84 -19.06 -19.68
CA ILE C 199 -22.68 -18.28 -19.26
C ILE C 199 -22.66 -16.93 -19.99
N CYS C 200 -22.41 -15.85 -19.25
CA CYS C 200 -22.27 -14.51 -19.82
C CYS C 200 -20.82 -14.07 -19.66
N ARG C 201 -20.06 -14.12 -20.74
CA ARG C 201 -18.64 -13.76 -20.79
C ARG C 201 -18.46 -12.27 -21.05
N ALA C 202 -17.38 -11.69 -20.52
CA ALA C 202 -17.03 -10.30 -20.72
C ALA C 202 -15.52 -10.17 -20.92
N VAL C 203 -15.12 -9.64 -22.10
CA VAL C 203 -13.72 -9.45 -22.44
C VAL C 203 -13.36 -7.97 -22.26
N HIS C 204 -12.40 -7.69 -21.36
CA HIS C 204 -11.97 -6.33 -21.02
C HIS C 204 -10.47 -6.23 -20.78
N GLU C 205 -9.88 -5.09 -21.15
CA GLU C 205 -8.47 -4.69 -21.04
C GLU C 205 -7.84 -5.01 -19.66
N ALA C 206 -8.57 -4.71 -18.57
CA ALA C 206 -8.13 -4.89 -17.18
C ALA C 206 -8.56 -6.20 -16.52
N ALA C 207 -9.47 -6.97 -17.15
CA ALA C 207 -9.98 -8.24 -16.62
C ALA C 207 -8.86 -9.25 -16.37
N SER C 208 -8.92 -9.92 -15.21
CA SER C 208 -7.91 -10.90 -14.81
C SER C 208 -8.54 -12.17 -14.18
N PRO C 209 -8.06 -13.38 -14.51
CA PRO C 209 -6.93 -13.71 -15.41
C PRO C 209 -7.32 -13.88 -16.88
N SER C 210 -6.36 -13.59 -17.77
CA SER C 210 -6.44 -13.70 -19.23
C SER C 210 -7.67 -13.04 -19.90
N GLN C 211 -7.99 -11.79 -19.47
CA GLN C 211 -9.08 -10.94 -19.99
C GLN C 211 -10.52 -11.52 -19.92
N THR C 212 -10.75 -12.50 -19.04
CA THR C 212 -12.06 -13.15 -18.93
C THR C 212 -12.69 -13.02 -17.54
N VAL C 213 -13.94 -12.51 -17.51
CA VAL C 213 -14.79 -12.38 -16.33
C VAL C 213 -16.17 -12.87 -16.78
N GLN C 214 -16.64 -13.99 -16.19
CA GLN C 214 -17.91 -14.61 -16.56
C GLN C 214 -18.77 -15.06 -15.38
N ARG C 215 -20.10 -15.11 -15.59
CA ARG C 215 -21.09 -15.56 -14.60
C ARG C 215 -22.12 -16.48 -15.23
N ALA C 216 -22.44 -17.58 -14.55
CA ALA C 216 -23.41 -18.58 -15.00
C ALA C 216 -24.81 -18.26 -14.45
N VAL C 217 -25.85 -18.56 -15.23
CA VAL C 217 -27.25 -18.34 -14.87
C VAL C 217 -28.11 -19.56 -15.26
N SER C 218 -29.21 -19.82 -14.51
CA SER C 218 -30.09 -20.96 -14.76
C SER C 218 -31.57 -20.60 -14.71
N VAL C 219 -32.34 -21.10 -15.69
CA VAL C 219 -33.79 -20.91 -15.79
C VAL C 219 -34.41 -21.92 -14.80
N ASN C 220 -34.94 -21.43 -13.68
CA ASN C 220 -35.52 -22.21 -12.57
C ASN C 220 -34.56 -23.29 -11.99
N PRO C 221 -33.59 -22.89 -11.12
CA PRO C 221 -32.65 -23.89 -10.57
C PRO C 221 -33.18 -24.56 -9.31
N VAL D 12 -24.90 23.64 -36.04
CA VAL D 12 -26.03 23.88 -35.14
C VAL D 12 -27.09 22.78 -35.34
N SER D 13 -27.49 22.12 -34.24
CA SER D 13 -28.50 21.04 -34.27
C SER D 13 -29.67 21.31 -33.32
N ALA D 14 -30.89 20.90 -33.72
CA ALA D 14 -32.11 21.08 -32.94
C ALA D 14 -32.85 19.76 -32.73
N TYR D 15 -33.37 19.53 -31.51
CA TYR D 15 -34.10 18.33 -31.11
C TYR D 15 -35.38 18.71 -30.37
N LEU D 16 -36.50 18.08 -30.72
CA LEU D 16 -37.79 18.32 -30.08
C LEU D 16 -38.31 17.02 -29.45
N SER D 17 -38.50 17.03 -28.13
CA SER D 17 -38.94 15.87 -27.35
C SER D 17 -40.46 15.78 -27.16
N ARG D 18 -40.91 14.59 -26.71
CA ARG D 18 -42.30 14.27 -26.39
C ARG D 18 -42.44 14.26 -24.85
N PRO D 19 -43.65 14.39 -24.24
CA PRO D 19 -43.73 14.37 -22.78
C PRO D 19 -43.65 12.97 -22.19
N SER D 20 -43.13 12.87 -20.97
CA SER D 20 -43.00 11.60 -20.24
C SER D 20 -44.37 11.08 -19.83
N PRO D 21 -44.65 9.76 -19.99
CA PRO D 21 -45.96 9.23 -19.58
C PRO D 21 -46.36 9.53 -18.14
N PHE D 22 -45.37 9.78 -17.25
CA PHE D 22 -45.63 10.15 -15.85
C PHE D 22 -46.24 11.54 -15.79
N ASP D 23 -45.72 12.49 -16.60
CA ASP D 23 -46.22 13.86 -16.68
C ASP D 23 -47.56 13.94 -17.42
N LEU D 24 -47.77 13.04 -18.41
CA LEU D 24 -48.98 12.98 -19.21
C LEU D 24 -50.15 12.26 -18.51
N PHE D 25 -49.88 11.06 -17.92
CA PHE D 25 -50.92 10.25 -17.28
C PHE D 25 -51.09 10.42 -15.78
N ILE D 26 -50.00 10.55 -15.02
CA ILE D 26 -50.07 10.67 -13.55
C ILE D 26 -50.19 12.12 -13.07
N ARG D 27 -49.17 12.96 -13.37
CA ARG D 27 -49.13 14.37 -12.96
C ARG D 27 -50.20 15.24 -13.65
N LYS D 28 -50.70 14.79 -14.83
CA LYS D 28 -51.72 15.47 -15.65
C LYS D 28 -51.26 16.83 -16.22
N SER D 29 -49.94 17.11 -16.19
CA SER D 29 -49.36 18.35 -16.69
C SER D 29 -48.18 18.03 -17.62
N PRO D 30 -48.45 17.73 -18.91
CA PRO D 30 -47.36 17.39 -19.83
C PRO D 30 -46.62 18.61 -20.40
N THR D 31 -45.32 18.42 -20.69
CA THR D 31 -44.42 19.45 -21.25
C THR D 31 -43.51 18.87 -22.33
N ILE D 32 -43.36 19.61 -23.44
CA ILE D 32 -42.48 19.26 -24.57
C ILE D 32 -41.30 20.24 -24.61
N THR D 33 -40.09 19.72 -24.73
CA THR D 33 -38.86 20.53 -24.73
C THR D 33 -38.15 20.56 -26.09
N CYS D 34 -37.75 21.77 -26.51
CA CYS D 34 -37.02 21.98 -27.75
C CYS D 34 -35.59 22.34 -27.37
N LEU D 35 -34.63 21.43 -27.65
CA LEU D 35 -33.21 21.59 -27.34
C LEU D 35 -32.40 21.92 -28.60
N VAL D 36 -31.66 23.04 -28.56
CA VAL D 36 -30.81 23.49 -29.67
C VAL D 36 -29.35 23.66 -29.20
N VAL D 37 -28.47 22.78 -29.70
CA VAL D 37 -27.04 22.76 -29.37
C VAL D 37 -26.22 23.53 -30.43
N ASP D 38 -25.74 24.73 -30.05
CA ASP D 38 -24.93 25.61 -30.91
C ASP D 38 -23.44 25.36 -30.62
N PRO D 41 -20.88 29.31 -30.62
CA PRO D 41 -21.64 30.45 -30.10
C PRO D 41 -20.89 31.78 -30.29
N SER D 42 -21.57 32.83 -30.77
CA SER D 42 -21.03 34.19 -30.98
C SER D 42 -21.94 35.07 -30.13
N LYS D 43 -22.86 35.82 -30.79
CA LYS D 43 -23.90 36.56 -30.11
C LYS D 43 -25.16 35.71 -30.36
N GLY D 44 -25.22 34.58 -29.65
CA GLY D 44 -26.24 33.54 -29.73
C GLY D 44 -27.60 34.10 -29.38
N THR D 45 -28.20 34.86 -30.32
CA THR D 45 -29.52 35.47 -30.21
C THR D 45 -30.41 34.53 -31.02
N VAL D 46 -30.68 33.36 -30.44
CA VAL D 46 -31.49 32.30 -31.06
C VAL D 46 -32.96 32.59 -30.77
N GLN D 47 -33.83 32.38 -31.77
CA GLN D 47 -35.27 32.62 -31.62
C GLN D 47 -36.04 31.30 -31.69
N LEU D 48 -36.53 30.82 -30.54
CA LEU D 48 -37.29 29.57 -30.44
C LEU D 48 -38.80 29.84 -30.49
N THR D 49 -39.33 30.00 -31.71
CA THR D 49 -40.74 30.27 -31.99
C THR D 49 -41.57 29.00 -31.74
N TRP D 50 -42.78 29.17 -31.17
CA TRP D 50 -43.69 28.05 -30.90
C TRP D 50 -45.00 28.22 -31.65
N SER D 51 -45.47 27.16 -32.34
CA SER D 51 -46.72 27.17 -33.11
C SER D 51 -47.36 25.78 -33.20
N ARG D 52 -48.70 25.75 -33.20
CA ARG D 52 -49.48 24.52 -33.33
C ARG D 52 -49.88 24.33 -34.81
N ALA D 53 -50.15 23.07 -35.22
CA ALA D 53 -50.58 22.73 -36.58
C ALA D 53 -51.98 23.31 -36.87
N SER D 54 -52.79 23.45 -35.81
CA SER D 54 -54.15 24.01 -35.86
C SER D 54 -54.15 25.53 -36.07
N GLY D 55 -53.13 26.19 -35.54
CA GLY D 55 -52.98 27.65 -35.60
C GLY D 55 -53.42 28.32 -34.31
N LYS D 56 -53.90 27.51 -33.35
CA LYS D 56 -54.37 27.95 -32.03
C LYS D 56 -53.18 28.44 -31.17
N PRO D 57 -53.39 29.40 -30.23
CA PRO D 57 -52.26 29.90 -29.43
C PRO D 57 -51.63 28.86 -28.48
N VAL D 58 -50.36 29.11 -28.12
CA VAL D 58 -49.58 28.26 -27.23
C VAL D 58 -49.36 28.91 -25.87
N GLN D 59 -49.30 28.07 -24.80
CA GLN D 59 -49.02 28.50 -23.43
C GLN D 59 -47.59 28.97 -23.24
N HIS D 60 -47.33 29.87 -22.27
CA HIS D 60 -45.93 30.32 -22.10
C HIS D 60 -44.75 29.43 -21.79
N SER D 61 -43.73 29.45 -22.68
CA SER D 61 -42.57 28.57 -22.66
C SER D 61 -41.48 29.19 -21.77
N THR D 62 -40.66 28.32 -21.14
CA THR D 62 -39.55 28.68 -20.26
C THR D 62 -38.22 28.43 -21.00
N ARG D 63 -37.51 29.51 -21.34
CA ARG D 63 -36.22 29.46 -22.03
C ARG D 63 -35.08 29.30 -21.03
N LYS D 64 -34.18 28.32 -21.26
CA LYS D 64 -33.06 28.03 -20.37
C LYS D 64 -31.75 27.88 -21.16
N GLU D 65 -30.91 28.94 -21.17
CA GLU D 65 -29.62 28.92 -21.88
C GLU D 65 -28.40 28.82 -20.95
N GLU D 66 -27.59 27.76 -21.16
CA GLU D 66 -26.39 27.47 -20.38
C GLU D 66 -25.19 27.20 -21.30
N LYS D 67 -24.01 27.75 -20.94
CA LYS D 67 -22.78 27.55 -21.70
C LYS D 67 -22.00 26.38 -21.10
N GLN D 68 -21.83 25.30 -21.88
CA GLN D 68 -21.15 24.08 -21.46
C GLN D 68 -19.63 24.27 -21.34
N ARG D 69 -18.95 23.37 -20.59
CA ARG D 69 -17.51 23.40 -20.35
C ARG D 69 -16.66 23.22 -21.61
N ASN D 70 -17.21 22.52 -22.64
CA ASN D 70 -16.53 22.30 -23.92
C ASN D 70 -16.50 23.53 -24.85
N GLY D 71 -17.27 24.57 -24.48
CA GLY D 71 -17.34 25.83 -25.21
C GLY D 71 -18.51 25.94 -26.17
N THR D 72 -19.66 25.33 -25.82
CA THR D 72 -20.87 25.35 -26.64
C THR D 72 -22.07 25.85 -25.84
N LEU D 73 -22.93 26.68 -26.46
CA LEU D 73 -24.14 27.23 -25.82
C LEU D 73 -25.33 26.30 -26.06
N THR D 74 -25.96 25.87 -24.96
CA THR D 74 -27.11 24.96 -24.95
C THR D 74 -28.35 25.73 -24.46
N VAL D 75 -29.36 25.87 -25.34
CA VAL D 75 -30.62 26.57 -25.03
C VAL D 75 -31.85 25.66 -25.18
N THR D 76 -32.63 25.51 -24.08
CA THR D 76 -33.84 24.68 -24.05
C THR D 76 -35.10 25.49 -23.77
N SER D 77 -36.14 25.25 -24.57
CA SER D 77 -37.44 25.90 -24.44
C SER D 77 -38.45 24.82 -24.06
N THR D 78 -38.99 24.92 -22.82
CA THR D 78 -39.97 23.95 -22.32
C THR D 78 -41.39 24.54 -22.38
N LEU D 79 -42.18 24.06 -23.36
CA LEU D 79 -43.55 24.50 -23.59
C LEU D 79 -44.59 23.59 -22.92
N PRO D 80 -45.53 24.15 -22.13
CA PRO D 80 -46.59 23.31 -21.53
C PRO D 80 -47.68 22.98 -22.55
N VAL D 81 -48.13 21.72 -22.54
CA VAL D 81 -49.16 21.24 -23.47
C VAL D 81 -50.39 20.69 -22.74
N GLY D 82 -51.52 20.64 -23.43
CA GLY D 82 -52.77 20.10 -22.89
C GLY D 82 -52.78 18.58 -22.91
N THR D 83 -53.21 17.96 -21.79
CA THR D 83 -53.31 16.49 -21.62
C THR D 83 -54.19 15.89 -22.72
N ARG D 84 -55.45 16.36 -22.83
CA ARG D 84 -56.39 15.91 -23.84
C ARG D 84 -55.93 16.30 -25.24
N ASP D 85 -55.34 17.50 -25.40
CA ASP D 85 -54.83 18.01 -26.67
C ASP D 85 -53.68 17.16 -27.24
N TRP D 86 -52.74 16.70 -26.38
CA TRP D 86 -51.61 15.85 -26.81
C TRP D 86 -52.08 14.45 -27.21
N ILE D 87 -52.84 13.78 -26.31
CA ILE D 87 -53.36 12.41 -26.48
C ILE D 87 -54.21 12.29 -27.75
N GLU D 88 -55.05 13.31 -28.03
CA GLU D 88 -55.93 13.33 -29.21
C GLU D 88 -55.24 13.51 -30.57
N GLY D 89 -53.94 13.83 -30.56
CA GLY D 89 -53.11 13.92 -31.76
C GLY D 89 -52.78 15.29 -32.32
N GLU D 90 -52.56 16.30 -31.46
CA GLU D 90 -52.21 17.65 -31.92
C GLU D 90 -50.70 17.71 -32.23
N THR D 91 -50.33 18.37 -33.34
CA THR D 91 -48.94 18.52 -33.77
C THR D 91 -48.39 19.87 -33.31
N TYR D 92 -47.28 19.84 -32.56
CA TYR D 92 -46.62 21.03 -32.03
C TYR D 92 -45.30 21.27 -32.77
N GLN D 93 -45.18 22.45 -33.39
CA GLN D 93 -44.01 22.85 -34.19
C GLN D 93 -43.07 23.82 -33.48
N CYS D 94 -41.76 23.75 -33.79
CA CYS D 94 -40.76 24.65 -33.24
C CYS D 94 -39.71 25.26 -34.19
N ARG D 95 -39.93 26.53 -34.59
CA ARG D 95 -39.06 27.28 -35.50
C ARG D 95 -37.87 27.84 -34.74
N VAL D 96 -36.65 27.45 -35.16
CA VAL D 96 -35.40 27.88 -34.54
C VAL D 96 -34.65 28.82 -35.52
N THR D 97 -34.62 30.13 -35.18
CA THR D 97 -33.98 31.17 -35.99
C THR D 97 -32.62 31.55 -35.40
N HIS D 98 -31.57 31.53 -36.24
CA HIS D 98 -30.19 31.85 -35.84
C HIS D 98 -29.48 32.67 -36.95
N PRO D 99 -28.71 33.74 -36.60
CA PRO D 99 -28.06 34.55 -37.65
C PRO D 99 -26.93 33.87 -38.43
N HIS D 100 -26.08 33.07 -37.74
CA HIS D 100 -24.96 32.34 -38.35
C HIS D 100 -25.47 31.17 -39.22
N LEU D 101 -26.59 30.56 -38.81
CA LEU D 101 -27.25 29.44 -39.48
C LEU D 101 -27.86 29.89 -40.82
N PRO D 102 -27.68 29.10 -41.93
CA PRO D 102 -28.23 29.53 -43.22
C PRO D 102 -29.74 29.61 -43.52
N ARG D 103 -30.49 28.53 -43.28
CA ARG D 103 -31.95 28.48 -43.30
C ARG D 103 -32.50 28.09 -41.93
N ALA D 104 -33.65 28.66 -41.55
CA ALA D 104 -34.32 28.41 -40.27
C ALA D 104 -34.72 26.94 -40.11
N LEU D 105 -34.26 26.30 -39.00
CA LEU D 105 -34.55 24.90 -38.68
C LEU D 105 -35.95 24.75 -38.09
N MET D 106 -36.68 23.72 -38.53
CA MET D 106 -38.03 23.42 -38.05
C MET D 106 -38.14 22.00 -37.54
N ARG D 107 -38.68 21.84 -36.32
CA ARG D 107 -38.89 20.55 -35.68
C ARG D 107 -40.35 20.44 -35.25
N SER D 108 -40.97 19.28 -35.49
CA SER D 108 -42.37 19.03 -35.14
C SER D 108 -42.55 17.70 -34.43
N THR D 109 -43.37 17.69 -33.35
CA THR D 109 -43.66 16.48 -32.60
C THR D 109 -45.16 16.29 -32.34
N THR D 110 -45.62 15.04 -32.40
CA THR D 110 -47.01 14.62 -32.16
C THR D 110 -47.07 13.21 -31.55
N LYS D 111 -48.25 12.80 -31.04
CA LYS D 111 -48.45 11.50 -30.41
C LYS D 111 -48.23 10.35 -31.41
N THR D 112 -47.40 9.35 -30.99
CA THR D 112 -47.06 8.17 -31.79
C THR D 112 -48.31 7.28 -31.94
N SER D 113 -49.05 7.46 -33.04
CA SER D 113 -50.29 6.72 -33.31
C SER D 113 -50.02 5.38 -34.01
N GLY D 114 -50.15 4.30 -33.23
CA GLY D 114 -49.93 2.93 -33.68
C GLY D 114 -50.34 1.88 -32.67
N PRO D 115 -49.92 0.59 -32.85
CA PRO D 115 -50.34 -0.46 -31.89
C PRO D 115 -49.81 -0.28 -30.47
N ARG D 116 -50.52 -0.89 -29.50
CA ARG D 116 -50.20 -0.79 -28.07
C ARG D 116 -49.90 -2.15 -27.43
N ALA D 117 -48.95 -2.15 -26.46
CA ALA D 117 -48.54 -3.33 -25.71
C ALA D 117 -48.16 -2.93 -24.28
N ALA D 118 -48.69 -3.67 -23.28
CA ALA D 118 -48.43 -3.42 -21.86
C ALA D 118 -47.01 -3.88 -21.48
N PRO D 119 -46.24 -3.06 -20.71
CA PRO D 119 -44.87 -3.46 -20.37
C PRO D 119 -44.76 -4.55 -19.31
N GLU D 120 -43.71 -5.37 -19.43
CA GLU D 120 -43.39 -6.47 -18.53
C GLU D 120 -42.21 -6.02 -17.65
N VAL D 121 -42.46 -5.84 -16.34
CA VAL D 121 -41.46 -5.37 -15.37
C VAL D 121 -40.85 -6.54 -14.60
N TYR D 122 -39.49 -6.58 -14.51
CA TYR D 122 -38.72 -7.61 -13.79
C TYR D 122 -37.59 -6.92 -12.99
N ALA D 123 -37.68 -6.92 -11.65
CA ALA D 123 -36.66 -6.30 -10.78
C ALA D 123 -35.68 -7.33 -10.23
N PHE D 124 -34.39 -6.95 -10.13
CA PHE D 124 -33.32 -7.81 -9.64
C PHE D 124 -32.34 -7.10 -8.70
N ALA D 125 -31.74 -7.87 -7.78
CA ALA D 125 -30.76 -7.39 -6.80
C ALA D 125 -29.43 -8.12 -6.97
N THR D 126 -28.31 -7.38 -7.02
CA THR D 126 -26.97 -7.95 -7.18
C THR D 126 -26.42 -8.45 -5.84
N PRO D 127 -25.68 -9.58 -5.80
CA PRO D 127 -25.12 -10.04 -4.51
C PRO D 127 -23.92 -9.22 -4.03
N GLU D 128 -23.40 -9.55 -2.84
CA GLU D 128 -22.25 -8.87 -2.23
C GLU D 128 -20.96 -9.12 -3.02
N TRP D 129 -20.34 -8.02 -3.50
CA TRP D 129 -19.09 -8.04 -4.26
C TRP D 129 -17.92 -7.64 -3.35
N PRO D 130 -16.73 -8.31 -3.44
CA PRO D 130 -15.60 -7.94 -2.55
C PRO D 130 -15.19 -6.47 -2.68
N GLY D 131 -15.15 -5.79 -1.54
CA GLY D 131 -14.82 -4.37 -1.46
C GLY D 131 -16.04 -3.47 -1.51
N SER D 132 -17.23 -4.05 -1.78
CA SER D 132 -18.51 -3.36 -1.86
C SER D 132 -19.53 -4.02 -0.92
N ARG D 133 -19.49 -3.64 0.36
CA ARG D 133 -20.38 -4.17 1.41
C ARG D 133 -21.50 -3.19 1.75
N ASP D 134 -21.14 -1.92 2.05
CA ASP D 134 -22.09 -0.86 2.41
C ASP D 134 -22.79 -0.37 1.13
N LYS D 135 -22.39 -0.89 -0.04
CA LYS D 135 -23.03 -0.68 -1.34
C LYS D 135 -23.50 -1.78 -2.26
N ARG D 136 -24.75 -1.70 -2.75
CA ARG D 136 -25.38 -2.71 -3.61
C ARG D 136 -26.03 -2.07 -4.84
N THR D 137 -26.17 -2.83 -5.95
CA THR D 137 -26.76 -2.32 -7.19
C THR D 137 -28.06 -3.04 -7.52
N LEU D 138 -29.12 -2.27 -7.79
CA LEU D 138 -30.44 -2.80 -8.15
C LEU D 138 -30.69 -2.57 -9.64
N ALA D 139 -31.09 -3.64 -10.34
CA ALA D 139 -31.38 -3.59 -11.77
C ALA D 139 -32.81 -3.95 -12.11
N CYS D 140 -33.36 -3.32 -13.18
CA CYS D 140 -34.69 -3.60 -13.68
C CYS D 140 -34.83 -3.61 -15.19
N LEU D 141 -35.47 -4.67 -15.71
CA LEU D 141 -35.73 -4.87 -17.13
C LEU D 141 -37.22 -4.73 -17.40
N ILE D 142 -37.58 -3.68 -18.14
CA ILE D 142 -38.96 -3.35 -18.55
C ILE D 142 -39.00 -3.64 -20.05
N GLN D 143 -39.76 -4.69 -20.44
CA GLN D 143 -39.80 -5.16 -21.82
C GLN D 143 -41.19 -5.32 -22.45
N ASN D 144 -41.21 -5.65 -23.76
CA ASN D 144 -42.37 -5.89 -24.61
C ASN D 144 -43.50 -4.86 -24.46
N PHE D 145 -43.25 -3.64 -24.97
CA PHE D 145 -44.18 -2.52 -24.93
C PHE D 145 -44.06 -1.64 -26.17
N MET D 146 -45.18 -1.06 -26.62
CA MET D 146 -45.20 -0.15 -27.76
C MET D 146 -46.28 0.96 -27.62
N PRO D 147 -45.98 2.25 -27.92
CA PRO D 147 -44.73 2.80 -28.48
C PRO D 147 -43.56 2.90 -27.50
N GLU D 148 -42.39 3.34 -28.01
CA GLU D 148 -41.11 3.52 -27.31
C GLU D 148 -41.13 4.38 -26.05
N ASP D 149 -42.07 5.34 -25.96
CA ASP D 149 -42.18 6.27 -24.82
C ASP D 149 -42.59 5.56 -23.53
N ILE D 150 -41.74 5.66 -22.49
CA ILE D 150 -41.94 5.06 -21.17
C ILE D 150 -41.27 5.88 -20.06
N SER D 151 -41.89 5.87 -18.87
CA SER D 151 -41.38 6.54 -17.68
C SER D 151 -40.99 5.47 -16.65
N VAL D 152 -39.70 5.44 -16.26
CA VAL D 152 -39.19 4.46 -15.30
C VAL D 152 -38.84 5.17 -13.99
N GLN D 153 -39.43 4.73 -12.87
CA GLN D 153 -39.21 5.32 -11.55
C GLN D 153 -38.86 4.29 -10.49
N TRP D 154 -38.11 4.72 -9.46
CA TRP D 154 -37.68 3.90 -8.33
C TRP D 154 -38.27 4.45 -7.05
N LEU D 155 -38.78 3.55 -6.19
CA LEU D 155 -39.41 3.92 -4.92
C LEU D 155 -38.83 3.20 -3.71
N HIS D 156 -38.78 3.90 -2.57
CA HIS D 156 -38.31 3.42 -1.28
C HIS D 156 -39.13 4.10 -0.19
N ASN D 157 -39.75 3.30 0.70
CA ASN D 157 -40.65 3.75 1.79
C ASN D 157 -41.89 4.46 1.21
N GLU D 158 -42.47 3.87 0.13
CA GLU D 158 -43.66 4.34 -0.61
C GLU D 158 -43.52 5.72 -1.27
N VAL D 159 -42.38 6.40 -1.06
CA VAL D 159 -42.06 7.71 -1.65
C VAL D 159 -41.01 7.56 -2.74
N GLN D 160 -41.14 8.36 -3.82
CA GLN D 160 -40.26 8.33 -4.99
C GLN D 160 -38.85 8.81 -4.69
N LEU D 161 -37.85 8.20 -5.37
CA LEU D 161 -36.43 8.53 -5.26
C LEU D 161 -36.04 9.53 -6.36
N PRO D 162 -35.02 10.42 -6.14
CA PRO D 162 -34.66 11.40 -7.19
C PRO D 162 -34.18 10.76 -8.49
N ASP D 163 -34.45 11.43 -9.62
CA ASP D 163 -34.10 10.97 -10.97
C ASP D 163 -32.61 10.83 -11.25
N ALA D 164 -31.76 11.62 -10.57
CA ALA D 164 -30.30 11.59 -10.72
C ALA D 164 -29.52 10.37 -10.23
N ARG D 165 -30.04 9.69 -9.18
CA ARG D 165 -29.46 8.46 -8.61
C ARG D 165 -29.68 7.10 -9.39
N HIS D 166 -30.57 7.21 -10.40
CA HIS D 166 -30.88 6.09 -11.30
C HIS D 166 -30.54 6.47 -12.75
N SER D 167 -30.26 5.44 -13.58
CA SER D 167 -29.93 5.57 -15.00
C SER D 167 -30.74 4.59 -15.83
N THR D 168 -31.54 5.11 -16.77
CA THR D 168 -32.39 4.33 -17.66
C THR D 168 -31.87 4.44 -19.09
N THR D 169 -31.73 3.30 -19.76
CA THR D 169 -31.24 3.17 -21.13
C THR D 169 -32.23 3.72 -22.17
N GLN D 170 -31.75 3.94 -23.40
CA GLN D 170 -32.58 4.38 -24.52
C GLN D 170 -33.49 3.21 -24.97
N PRO D 171 -34.75 3.46 -25.39
CA PRO D 171 -35.61 2.33 -25.81
C PRO D 171 -35.11 1.63 -27.06
N ARG D 172 -34.75 0.34 -26.93
CA ARG D 172 -34.26 -0.51 -28.02
C ARG D 172 -35.31 -1.56 -28.34
N LYS D 173 -35.47 -1.90 -29.63
CA LYS D 173 -36.44 -2.90 -30.09
C LYS D 173 -36.02 -4.32 -29.70
N THR D 174 -36.99 -5.17 -29.32
CA THR D 174 -36.76 -6.57 -28.97
C THR D 174 -36.70 -7.42 -30.24
N LYS D 175 -36.60 -8.75 -30.09
CA LYS D 175 -36.56 -9.68 -31.22
C LYS D 175 -37.95 -9.79 -31.89
N GLY D 176 -39.01 -9.52 -31.11
CA GLY D 176 -40.39 -9.55 -31.56
C GLY D 176 -40.83 -8.19 -32.09
N SER D 177 -41.83 -7.58 -31.42
CA SER D 177 -42.40 -6.28 -31.80
C SER D 177 -42.21 -5.20 -30.73
N GLY D 178 -42.17 -5.60 -29.46
CA GLY D 178 -42.00 -4.70 -28.32
C GLY D 178 -40.62 -4.11 -28.18
N PHE D 179 -40.46 -3.22 -27.19
CA PHE D 179 -39.20 -2.54 -26.87
C PHE D 179 -38.70 -2.96 -25.49
N PHE D 180 -37.48 -2.53 -25.11
CA PHE D 180 -36.91 -2.83 -23.79
C PHE D 180 -36.07 -1.68 -23.24
N VAL D 181 -36.16 -1.47 -21.92
CA VAL D 181 -35.42 -0.47 -21.16
C VAL D 181 -34.86 -1.07 -19.86
N PHE D 182 -33.58 -0.81 -19.59
CA PHE D 182 -32.90 -1.29 -18.39
C PHE D 182 -32.70 -0.11 -17.42
N SER D 183 -32.95 -0.36 -16.12
CA SER D 183 -32.78 0.66 -15.08
C SER D 183 -31.78 0.21 -14.02
N ARG D 184 -30.83 1.09 -13.68
CA ARG D 184 -29.78 0.80 -12.70
C ARG D 184 -29.85 1.81 -11.55
N LEU D 185 -29.96 1.29 -10.30
CA LEU D 185 -30.02 2.12 -9.10
C LEU D 185 -29.09 1.61 -7.99
N GLU D 186 -28.10 2.44 -7.60
CA GLU D 186 -27.16 2.11 -6.53
C GLU D 186 -27.80 2.42 -5.19
N VAL D 187 -27.77 1.47 -4.24
CA VAL D 187 -28.37 1.62 -2.91
C VAL D 187 -27.38 1.46 -1.76
N THR D 188 -27.47 2.38 -0.78
CA THR D 188 -26.61 2.40 0.41
C THR D 188 -27.12 1.44 1.49
N ARG D 189 -26.24 1.06 2.44
CA ARG D 189 -26.55 0.15 3.57
C ARG D 189 -27.69 0.67 4.44
N ALA D 190 -27.70 2.00 4.70
CA ALA D 190 -28.72 2.67 5.50
C ALA D 190 -30.11 2.57 4.87
N GLU D 191 -30.18 2.44 3.52
CA GLU D 191 -31.43 2.33 2.77
C GLU D 191 -32.13 0.99 2.92
N TRP D 192 -31.39 -0.14 2.75
CA TRP D 192 -31.99 -1.47 2.90
C TRP D 192 -32.25 -1.88 4.34
N GLU D 193 -31.45 -1.35 5.30
CA GLU D 193 -31.59 -1.62 6.73
C GLU D 193 -32.82 -0.92 7.32
N GLN D 194 -33.21 0.24 6.74
CA GLN D 194 -34.38 1.03 7.14
C GLN D 194 -35.64 0.28 6.71
N LYS D 195 -35.68 -0.18 5.44
CA LYS D 195 -36.75 -0.95 4.84
C LYS D 195 -36.15 -1.74 3.68
N ASP D 196 -36.26 -3.08 3.74
CA ASP D 196 -35.71 -3.97 2.72
C ASP D 196 -36.72 -4.27 1.60
N GLU D 197 -37.17 -3.21 0.91
CA GLU D 197 -38.11 -3.27 -0.20
C GLU D 197 -37.88 -2.06 -1.09
N PHE D 198 -37.69 -2.33 -2.38
CA PHE D 198 -37.48 -1.30 -3.40
C PHE D 198 -38.40 -1.58 -4.58
N ILE D 199 -39.31 -0.64 -4.84
CA ILE D 199 -40.31 -0.76 -5.90
C ILE D 199 -39.83 -0.10 -7.20
N CYS D 200 -40.01 -0.80 -8.33
CA CYS D 200 -39.68 -0.27 -9.65
C CYS D 200 -40.94 -0.03 -10.43
N ARG D 201 -41.36 1.25 -10.50
CA ARG D 201 -42.58 1.68 -11.18
C ARG D 201 -42.30 1.96 -12.67
N ALA D 202 -43.31 1.72 -13.51
CA ALA D 202 -43.22 1.97 -14.95
C ALA D 202 -44.53 2.56 -15.44
N VAL D 203 -44.47 3.78 -15.99
CA VAL D 203 -45.65 4.48 -16.51
C VAL D 203 -45.64 4.37 -18.03
N HIS D 204 -46.69 3.74 -18.60
CA HIS D 204 -46.81 3.50 -20.04
C HIS D 204 -48.25 3.65 -20.52
N GLU D 205 -48.40 4.16 -21.76
CA GLU D 205 -49.64 4.40 -22.51
C GLU D 205 -50.66 3.24 -22.43
N ALA D 206 -50.18 1.99 -22.60
CA ALA D 206 -51.00 0.78 -22.60
C ALA D 206 -51.10 0.04 -21.26
N ALA D 207 -50.29 0.43 -20.25
CA ALA D 207 -50.27 -0.18 -18.92
C ALA D 207 -51.63 -0.13 -18.24
N SER D 208 -52.05 -1.25 -17.63
CA SER D 208 -53.34 -1.38 -16.96
C SER D 208 -53.23 -2.13 -15.61
N PRO D 209 -53.92 -1.67 -14.55
CA PRO D 209 -54.82 -0.51 -14.46
C PRO D 209 -54.15 0.82 -14.12
N SER D 210 -54.74 1.93 -14.61
CA SER D 210 -54.32 3.32 -14.41
C SER D 210 -52.84 3.64 -14.71
N GLN D 211 -52.32 3.13 -15.85
CA GLN D 211 -50.96 3.33 -16.38
C GLN D 211 -49.80 2.92 -15.45
N THR D 212 -50.04 2.02 -14.49
CA THR D 212 -49.03 1.58 -13.53
C THR D 212 -48.76 0.07 -13.56
N VAL D 213 -47.48 -0.29 -13.73
CA VAL D 213 -46.95 -1.65 -13.69
C VAL D 213 -45.67 -1.57 -12.85
N GLN D 214 -45.67 -2.23 -11.68
CA GLN D 214 -44.54 -2.19 -10.75
C GLN D 214 -44.16 -3.55 -10.15
N ARG D 215 -42.88 -3.69 -9.76
CA ARG D 215 -42.32 -4.90 -9.14
C ARG D 215 -41.41 -4.53 -7.97
N ALA D 216 -41.55 -5.26 -6.86
CA ALA D 216 -40.77 -5.06 -5.64
C ALA D 216 -39.54 -5.96 -5.64
N VAL D 217 -38.43 -5.46 -5.06
CA VAL D 217 -37.14 -6.17 -4.95
C VAL D 217 -36.54 -5.99 -3.55
N SER D 218 -35.77 -7.00 -3.08
CA SER D 218 -35.16 -6.96 -1.74
C SER D 218 -33.69 -7.39 -1.74
N VAL D 219 -32.86 -6.63 -1.02
CA VAL D 219 -31.42 -6.91 -0.85
C VAL D 219 -31.33 -7.99 0.23
N ASN D 220 -30.99 -9.24 -0.17
CA ASN D 220 -30.92 -10.43 0.69
C ASN D 220 -32.23 -10.73 1.48
N PRO D 221 -33.25 -11.34 0.83
CA PRO D 221 -34.52 -11.61 1.54
C PRO D 221 -34.50 -12.95 2.27
N PHE E 3 67.50 23.84 74.42
CA PHE E 3 66.58 22.82 73.92
C PHE E 3 67.29 21.79 73.03
N VAL E 4 67.07 20.49 73.31
CA VAL E 4 67.65 19.36 72.59
C VAL E 4 66.57 18.31 72.26
N CYS E 5 66.52 17.83 70.99
CA CYS E 5 65.54 16.85 70.52
C CYS E 5 66.20 15.46 70.38
N ASN E 6 66.05 14.62 71.42
CA ASN E 6 66.63 13.27 71.46
C ASN E 6 65.75 12.22 72.14
N THR E 7 64.76 12.66 72.96
CA THR E 7 63.84 11.75 73.68
C THR E 7 62.86 11.16 72.65
N CYS E 8 62.72 9.83 72.65
CA CYS E 8 61.87 9.07 71.74
C CYS E 8 61.14 7.90 72.41
N PRO E 9 59.92 7.48 71.94
CA PRO E 9 59.20 6.38 72.61
C PRO E 9 59.77 4.96 72.60
N GLU E 10 59.10 4.03 73.31
CA GLU E 10 59.47 2.62 73.41
C GLU E 10 59.30 1.92 72.06
N LYS E 11 60.26 1.05 71.70
CA LYS E 11 60.34 0.27 70.45
C LYS E 11 60.75 1.10 69.22
N TRP E 12 60.96 2.41 69.41
CA TRP E 12 61.38 3.36 68.38
C TRP E 12 62.88 3.70 68.56
N ILE E 13 63.57 4.04 67.46
CA ILE E 13 65.01 4.38 67.47
C ILE E 13 65.20 5.88 67.12
N ASN E 14 66.11 6.56 67.84
CA ASN E 14 66.42 7.97 67.66
C ASN E 14 67.52 8.23 66.64
N PHE E 15 67.37 9.32 65.86
CA PHE E 15 68.32 9.84 64.88
C PHE E 15 67.95 11.29 64.56
N GLN E 16 68.88 12.23 64.84
CA GLN E 16 68.74 13.67 64.63
C GLN E 16 67.53 14.24 65.42
N ARG E 17 66.72 15.11 64.79
CA ARG E 17 65.53 15.71 65.40
C ARG E 17 64.24 14.88 65.17
N LYS E 18 64.41 13.64 64.65
CA LYS E 18 63.30 12.73 64.36
C LYS E 18 63.42 11.43 65.19
N CYS E 19 62.37 10.58 65.08
CA CYS E 19 62.24 9.28 65.73
C CYS E 19 61.82 8.27 64.68
N TYR E 20 62.36 7.03 64.72
CA TYR E 20 62.06 6.03 63.69
C TYR E 20 61.64 4.67 64.22
N TYR E 21 60.59 4.08 63.62
CA TYR E 21 60.08 2.75 63.96
C TYR E 21 60.19 1.84 62.73
N PHE E 22 60.68 0.61 62.94
CA PHE E 22 60.85 -0.38 61.89
C PHE E 22 59.94 -1.57 62.18
N GLY E 23 58.77 -1.56 61.52
CA GLY E 23 57.74 -2.57 61.67
C GLY E 23 57.90 -3.80 60.82
N LYS E 24 57.47 -4.96 61.35
CA LYS E 24 57.54 -6.26 60.67
C LYS E 24 56.14 -6.86 60.56
N GLY E 25 55.79 -7.30 59.35
CA GLY E 25 54.49 -7.90 59.04
C GLY E 25 54.00 -7.60 57.63
N THR E 26 53.23 -8.54 57.04
CA THR E 26 52.67 -8.44 55.69
C THR E 26 51.60 -7.35 55.62
N LYS E 27 51.91 -6.25 54.90
CA LYS E 27 51.03 -5.11 54.71
C LYS E 27 51.29 -4.41 53.38
N GLN E 28 50.21 -3.92 52.72
CA GLN E 28 50.29 -3.15 51.47
C GLN E 28 50.77 -1.73 51.79
N TRP E 29 51.03 -0.88 50.75
CA TRP E 29 51.48 0.50 50.99
C TRP E 29 50.46 1.31 51.80
N VAL E 30 49.17 1.20 51.44
CA VAL E 30 48.09 1.91 52.12
C VAL E 30 47.89 1.40 53.57
N HIS E 31 48.01 0.08 53.79
CA HIS E 31 47.86 -0.54 55.10
C HIS E 31 49.02 -0.23 56.03
N ALA E 32 50.20 0.09 55.46
CA ALA E 32 51.41 0.50 56.17
C ALA E 32 51.24 1.96 56.62
N ARG E 33 50.60 2.79 55.76
CA ARG E 33 50.32 4.20 56.01
C ARG E 33 49.36 4.34 57.20
N TYR E 34 48.31 3.50 57.25
CA TYR E 34 47.33 3.47 58.33
C TYR E 34 47.99 3.00 59.64
N ALA E 35 48.91 2.02 59.55
CA ALA E 35 49.66 1.46 60.68
C ALA E 35 50.58 2.52 61.31
N CYS E 36 51.11 3.44 60.48
CA CYS E 36 51.98 4.55 60.90
C CYS E 36 51.17 5.56 61.71
N ASP E 37 49.94 5.89 61.25
CA ASP E 37 49.02 6.82 61.91
C ASP E 37 48.56 6.27 63.26
N ASP E 38 48.34 4.94 63.33
CA ASP E 38 47.93 4.22 64.55
C ASP E 38 49.01 4.30 65.62
N MET E 39 50.28 4.45 65.21
CA MET E 39 51.43 4.57 66.10
C MET E 39 51.86 6.04 66.31
N GLU E 40 50.91 6.99 66.07
CA GLU E 40 51.08 8.44 66.20
C GLU E 40 52.21 9.06 65.36
N GLY E 41 52.48 8.44 64.21
CA GLY E 41 53.51 8.88 63.26
C GLY E 41 53.03 8.80 61.82
N GLN E 42 53.99 8.81 60.88
CA GLN E 42 53.72 8.74 59.44
C GLN E 42 54.85 7.98 58.73
N LEU E 43 54.64 7.56 57.46
CA LEU E 43 55.66 6.84 56.68
C LEU E 43 56.89 7.73 56.46
N VAL E 44 58.09 7.14 56.59
CA VAL E 44 59.40 7.82 56.50
C VAL E 44 59.61 8.77 55.31
N SER E 45 60.18 9.97 55.61
CA SER E 45 60.48 11.02 54.62
C SER E 45 61.98 11.34 54.68
N ILE E 46 62.69 11.07 53.58
CA ILE E 46 64.14 11.30 53.48
C ILE E 46 64.43 12.59 52.71
N HIS E 47 65.22 13.49 53.35
CA HIS E 47 65.61 14.79 52.78
C HIS E 47 67.13 15.09 52.86
N SER E 48 67.92 14.16 53.45
CA SER E 48 69.37 14.31 53.58
C SER E 48 70.09 12.96 53.42
N PRO E 49 71.33 12.91 52.87
CA PRO E 49 72.03 11.62 52.72
C PRO E 49 72.42 10.96 54.05
N GLU E 50 72.45 11.75 55.15
CA GLU E 50 72.76 11.30 56.51
C GLU E 50 71.58 10.45 57.03
N GLU E 51 70.34 10.90 56.75
CA GLU E 51 69.07 10.27 57.13
C GLU E 51 68.97 8.88 56.47
N GLN E 52 69.27 8.80 55.16
CA GLN E 52 69.25 7.58 54.36
C GLN E 52 70.25 6.54 54.88
N ASP E 53 71.48 7.00 55.25
CA ASP E 53 72.58 6.16 55.76
C ASP E 53 72.20 5.44 57.05
N PHE E 54 71.44 6.12 57.95
CA PHE E 54 70.96 5.56 59.22
C PHE E 54 69.92 4.47 58.96
N LEU E 55 69.01 4.72 58.01
CA LEU E 55 67.92 3.82 57.65
C LEU E 55 68.41 2.49 57.08
N THR E 56 69.45 2.53 56.22
CA THR E 56 70.05 1.35 55.58
C THR E 56 70.60 0.35 56.61
N LYS E 57 71.16 0.87 57.73
CA LYS E 57 71.72 0.08 58.83
C LYS E 57 70.66 -0.69 59.64
N HIS E 58 69.40 -0.19 59.65
CA HIS E 58 68.29 -0.80 60.41
C HIS E 58 67.17 -1.41 59.55
N ALA E 59 67.12 -1.07 58.25
CA ALA E 59 66.10 -1.56 57.31
C ALA E 59 66.18 -3.06 57.05
N SER E 60 65.04 -3.65 56.63
CA SER E 60 64.92 -5.06 56.30
C SER E 60 65.65 -5.34 54.98
N HIS E 61 66.41 -6.45 54.95
CA HIS E 61 67.19 -6.89 53.77
C HIS E 61 66.27 -7.32 52.62
N THR E 62 65.05 -7.78 52.96
CA THR E 62 64.03 -8.22 51.99
C THR E 62 63.44 -7.04 51.20
N GLY E 63 62.95 -6.03 51.93
CA GLY E 63 62.34 -4.83 51.35
C GLY E 63 61.40 -4.13 52.31
N SER E 64 61.44 -2.78 52.33
CA SER E 64 60.60 -1.94 53.19
C SER E 64 59.83 -0.86 52.43
N TRP E 65 58.66 -0.44 52.97
CA TRP E 65 57.82 0.62 52.38
C TRP E 65 58.23 1.99 52.92
N ILE E 66 58.23 3.02 52.04
CA ILE E 66 58.54 4.41 52.40
C ILE E 66 57.36 5.36 52.13
N GLY E 67 57.50 6.63 52.40
CA GLY E 67 56.40 7.55 52.32
C GLY E 67 56.30 8.28 51.02
N LEU E 68 56.91 7.75 49.96
CA LEU E 68 56.87 8.39 48.66
C LEU E 68 55.73 7.89 47.79
N ARG E 69 54.93 8.80 47.24
CA ARG E 69 53.79 8.47 46.38
C ARG E 69 53.41 9.64 45.44
N ASN E 70 52.39 9.41 44.61
CA ASN E 70 51.84 10.40 43.68
C ASN E 70 50.31 10.33 43.71
N LEU E 71 49.64 11.50 43.65
CA LEU E 71 48.18 11.61 43.68
C LEU E 71 47.48 11.12 42.38
N ASP E 72 48.26 10.69 41.35
CA ASP E 72 47.83 10.27 40.00
C ASP E 72 47.53 11.49 39.15
N LEU E 73 46.90 12.52 39.77
CA LEU E 73 46.54 13.81 39.19
C LEU E 73 47.82 14.62 38.88
N LYS E 74 48.85 14.45 39.72
CA LYS E 74 50.14 15.12 39.57
C LYS E 74 51.08 14.33 38.68
N GLY E 75 51.35 13.08 39.05
CA GLY E 75 52.31 12.22 38.37
C GLY E 75 53.70 12.39 38.97
N GLU E 76 53.88 13.48 39.75
CA GLU E 76 55.10 13.86 40.44
C GLU E 76 55.14 13.20 41.82
N PHE E 77 56.30 12.73 42.26
CA PHE E 77 56.47 12.08 43.56
C PHE E 77 56.57 13.10 44.69
N ILE E 78 55.59 13.06 45.61
CA ILE E 78 55.50 13.95 46.77
C ILE E 78 55.31 13.11 48.04
N TRP E 79 56.11 13.39 49.07
CA TRP E 79 56.12 12.72 50.38
C TRP E 79 54.77 12.85 51.11
N VAL E 80 54.47 11.89 52.02
CA VAL E 80 53.23 11.86 52.82
C VAL E 80 52.97 13.11 53.66
N ASP E 81 54.04 13.74 54.17
CA ASP E 81 53.95 14.97 54.97
C ASP E 81 53.55 16.20 54.14
N GLY E 82 53.80 16.14 52.82
CA GLY E 82 53.45 17.20 51.88
C GLY E 82 54.63 17.82 51.14
N SER E 83 55.84 17.72 51.72
CA SER E 83 57.07 18.27 51.15
C SER E 83 57.49 17.59 49.84
N HIS E 84 58.15 18.36 48.96
CA HIS E 84 58.64 17.90 47.65
C HIS E 84 59.97 17.17 47.77
N VAL E 85 60.40 16.49 46.69
CA VAL E 85 61.66 15.74 46.66
C VAL E 85 62.82 16.68 46.33
N ASP E 86 63.75 16.81 47.28
CA ASP E 86 64.97 17.63 47.15
C ASP E 86 66.18 16.71 46.95
N TYR E 87 66.24 15.62 47.74
CA TYR E 87 67.28 14.60 47.69
C TYR E 87 66.70 13.31 47.10
N SER E 88 67.38 12.77 46.08
CA SER E 88 66.96 11.56 45.37
C SER E 88 67.98 10.43 45.46
N ASN E 89 67.55 9.25 45.92
CA ASN E 89 68.37 8.05 46.04
C ASN E 89 67.69 6.87 45.32
N TRP E 90 67.46 7.05 44.01
CA TRP E 90 66.82 6.06 43.15
C TRP E 90 67.83 5.02 42.66
N ALA E 91 67.34 3.80 42.40
CA ALA E 91 68.11 2.67 41.87
C ALA E 91 68.37 2.88 40.36
N PRO E 92 69.37 2.20 39.73
CA PRO E 92 69.60 2.43 38.28
C PRO E 92 68.38 2.13 37.41
N GLY E 93 67.90 3.17 36.72
CA GLY E 93 66.73 3.11 35.86
C GLY E 93 65.49 3.76 36.45
N GLU E 94 65.39 3.72 37.79
CA GLU E 94 64.28 4.28 38.57
C GLU E 94 64.38 5.82 38.68
N PRO E 95 63.25 6.58 38.75
CA PRO E 95 61.84 6.14 38.75
C PRO E 95 61.33 5.69 37.37
N THR E 96 60.90 4.42 37.30
CA THR E 96 60.38 3.78 36.09
C THR E 96 59.04 4.36 35.62
N SER E 97 58.71 4.14 34.34
CA SER E 97 57.46 4.59 33.75
C SER E 97 56.74 3.40 33.07
N ARG E 98 56.86 2.19 33.68
CA ARG E 98 56.26 0.93 33.23
C ARG E 98 54.73 1.04 33.25
N SER E 99 54.17 1.50 34.38
CA SER E 99 52.75 1.76 34.55
C SER E 99 52.55 3.29 34.47
N GLN E 100 53.49 3.97 33.77
CA GLN E 100 53.58 5.41 33.53
C GLN E 100 53.69 6.26 34.79
N ASP E 103 51.52 4.33 40.92
CA ASP E 103 52.68 3.62 41.47
C ASP E 103 53.07 4.18 42.83
N CYS E 104 53.83 3.38 43.62
CA CYS E 104 54.33 3.75 44.94
C CYS E 104 55.82 3.40 45.08
N VAL E 105 56.50 3.99 46.08
CA VAL E 105 57.94 3.78 46.27
C VAL E 105 58.29 2.91 47.48
N MET E 106 59.21 1.95 47.27
CA MET E 106 59.72 1.03 48.28
C MET E 106 61.25 1.11 48.38
N MET E 107 61.79 0.85 49.58
CA MET E 107 63.22 0.88 49.86
C MET E 107 63.77 -0.55 49.93
N ARG E 108 64.80 -0.84 49.12
CA ARG E 108 65.46 -2.14 49.07
C ARG E 108 66.40 -2.30 50.27
N GLY E 109 66.98 -3.51 50.42
CA GLY E 109 67.95 -3.81 51.47
C GLY E 109 69.23 -3.01 51.31
N SER E 110 69.55 -2.63 50.05
CA SER E 110 70.69 -1.81 49.66
C SER E 110 70.49 -0.34 50.03
N GLY E 111 69.24 0.08 50.16
CA GLY E 111 68.84 1.43 50.51
C GLY E 111 68.30 2.27 49.35
N ARG E 112 68.47 1.76 48.11
CA ARG E 112 68.02 2.42 46.89
C ARG E 112 66.50 2.36 46.75
N TRP E 113 65.90 3.38 46.08
CA TRP E 113 64.45 3.47 45.88
C TRP E 113 64.02 2.91 44.52
N ASN E 114 62.93 2.14 44.50
CA ASN E 114 62.35 1.59 43.29
C ASN E 114 60.82 1.65 43.29
N ASP E 115 60.22 1.82 42.10
CA ASP E 115 58.76 1.88 41.95
C ASP E 115 58.19 0.49 42.15
N ALA E 116 57.00 0.42 42.75
CA ALA E 116 56.30 -0.83 43.03
C ALA E 116 54.80 -0.58 43.07
N PHE E 117 54.00 -1.58 42.69
CA PHE E 117 52.54 -1.49 42.72
C PHE E 117 52.05 -1.37 44.17
N CYS E 118 51.01 -0.56 44.39
CA CYS E 118 50.42 -0.28 45.71
C CYS E 118 49.89 -1.53 46.40
N ASP E 119 49.29 -2.46 45.62
CA ASP E 119 48.72 -3.71 46.12
C ASP E 119 49.75 -4.78 46.50
N ARG E 120 51.06 -4.53 46.22
CA ARG E 120 52.16 -5.44 46.54
C ARG E 120 52.31 -5.57 48.05
N LYS E 121 52.36 -6.82 48.55
CA LYS E 121 52.45 -7.10 49.99
C LYS E 121 53.89 -7.32 50.47
N LEU E 122 54.44 -6.32 51.18
CA LEU E 122 55.78 -6.37 51.76
C LEU E 122 55.71 -6.64 53.26
N GLY E 123 56.77 -7.24 53.80
CA GLY E 123 56.87 -7.61 55.21
C GLY E 123 57.50 -6.57 56.11
N ALA E 124 57.79 -5.35 55.57
CA ALA E 124 58.40 -4.27 56.34
C ALA E 124 57.97 -2.87 55.89
N TRP E 125 57.93 -1.93 56.85
CA TRP E 125 57.58 -0.52 56.66
C TRP E 125 58.28 0.34 57.72
N VAL E 126 58.54 1.63 57.41
CA VAL E 126 59.23 2.54 58.33
C VAL E 126 58.33 3.74 58.70
N CYS E 127 58.12 3.95 60.01
CA CYS E 127 57.34 5.07 60.55
C CYS E 127 58.32 6.16 61.02
N ASP E 128 57.88 7.44 61.02
CA ASP E 128 58.69 8.57 61.45
C ASP E 128 57.85 9.71 62.07
N ARG E 129 58.37 10.30 63.16
CA ARG E 129 57.75 11.41 63.88
C ARG E 129 58.83 12.32 64.50
N LEU E 130 58.48 13.60 64.76
CA LEU E 130 59.42 14.56 65.35
C LEU E 130 59.74 14.19 66.80
N ALA E 131 61.04 14.17 67.14
CA ALA E 131 61.51 13.81 68.48
C ALA E 131 61.18 14.90 69.50
N THR E 132 60.70 14.50 70.70
CA THR E 132 60.32 15.42 71.76
C THR E 132 61.58 16.06 72.35
N CYS E 133 61.52 17.38 72.57
CA CYS E 133 62.62 18.18 73.11
C CYS E 133 62.69 18.09 74.63
N THR E 134 63.89 18.33 75.18
CA THR E 134 64.19 18.29 76.62
C THR E 134 64.44 19.73 77.14
N PRO E 135 64.00 20.11 78.37
CA PRO E 135 64.24 21.48 78.86
C PRO E 135 65.71 21.93 78.82
N PRO E 136 66.01 23.26 78.64
CA PRO E 136 67.41 23.69 78.55
C PRO E 136 68.22 23.52 79.83
N PHE F 3 -13.68 -36.42 -18.24
CA PHE F 3 -13.18 -36.47 -16.87
C PHE F 3 -13.72 -35.31 -16.01
N VAL F 4 -14.40 -35.64 -14.90
CA VAL F 4 -15.00 -34.69 -13.96
C VAL F 4 -14.22 -34.66 -12.63
N CYS F 5 -13.90 -33.44 -12.14
CA CYS F 5 -13.14 -33.23 -10.90
C CYS F 5 -14.06 -32.81 -9.75
N ASN F 6 -14.58 -33.79 -8.98
CA ASN F 6 -15.51 -33.53 -7.87
C ASN F 6 -15.32 -34.41 -6.64
N THR F 7 -14.56 -35.52 -6.77
CA THR F 7 -14.29 -36.47 -5.68
C THR F 7 -13.30 -35.82 -4.71
N CYS F 8 -13.63 -35.85 -3.41
CA CYS F 8 -12.89 -35.23 -2.31
C CYS F 8 -12.83 -36.12 -1.05
N PRO F 9 -11.75 -36.09 -0.23
CA PRO F 9 -11.69 -36.97 0.97
C PRO F 9 -12.67 -36.74 2.12
N GLU F 10 -12.60 -37.63 3.14
CA GLU F 10 -13.43 -37.59 4.35
C GLU F 10 -13.07 -36.37 5.20
N LYS F 11 -14.11 -35.67 5.74
CA LYS F 11 -14.03 -34.45 6.58
C LYS F 11 -13.70 -33.16 5.80
N TRP F 12 -13.49 -33.29 4.48
CA TRP F 12 -13.21 -32.20 3.55
C TRP F 12 -14.47 -31.86 2.74
N ILE F 13 -14.60 -30.59 2.29
CA ILE F 13 -15.74 -30.10 1.51
C ILE F 13 -15.30 -29.73 0.09
N ASN F 14 -16.11 -30.11 -0.92
CA ASN F 14 -15.84 -29.85 -2.33
C ASN F 14 -16.38 -28.51 -2.83
N PHE F 15 -15.61 -27.86 -3.74
CA PHE F 15 -15.94 -26.62 -4.43
C PHE F 15 -15.02 -26.46 -5.63
N GLN F 16 -15.61 -26.41 -6.84
CA GLN F 16 -14.94 -26.29 -8.14
C GLN F 16 -13.89 -27.40 -8.39
N ARG F 17 -12.68 -27.05 -8.86
CA ARG F 17 -11.58 -27.99 -9.13
C ARG F 17 -10.70 -28.31 -7.89
N LYS F 18 -11.09 -27.75 -6.72
CA LYS F 18 -10.39 -27.93 -5.45
C LYS F 18 -11.33 -28.64 -4.45
N CYS F 19 -10.80 -28.94 -3.26
CA CYS F 19 -11.47 -29.45 -2.06
C CYS F 19 -10.93 -28.70 -0.86
N TYR F 20 -11.76 -28.45 0.18
CA TYR F 20 -11.33 -27.62 1.31
C TYR F 20 -11.61 -28.24 2.68
N TYR F 21 -10.67 -28.04 3.63
CA TYR F 21 -10.78 -28.51 5.02
C TYR F 21 -10.78 -27.30 5.96
N PHE F 22 -11.71 -27.31 6.93
CA PHE F 22 -11.85 -26.25 7.92
C PHE F 22 -11.53 -26.82 9.30
N GLY F 23 -10.29 -26.60 9.74
CA GLY F 23 -9.77 -27.10 11.01
C GLY F 23 -10.05 -26.20 12.20
N LYS F 24 -10.24 -26.83 13.37
CA LYS F 24 -10.51 -26.16 14.65
C LYS F 24 -9.44 -26.52 15.68
N GLY F 25 -8.89 -25.49 16.33
CA GLY F 25 -7.84 -25.65 17.34
C GLY F 25 -6.86 -24.50 17.37
N THR F 26 -6.31 -24.20 18.56
CA THR F 26 -5.33 -23.12 18.79
C THR F 26 -4.00 -23.40 18.08
N LYS F 27 -3.72 -22.64 17.00
CA LYS F 27 -2.51 -22.78 16.19
C LYS F 27 -2.03 -21.44 15.62
N GLN F 28 -0.69 -21.25 15.60
CA GLN F 28 -0.03 -20.07 15.01
C GLN F 28 -0.09 -20.23 13.48
N TRP F 29 0.31 -19.20 12.71
CA TRP F 29 0.31 -19.29 11.24
C TRP F 29 1.21 -20.40 10.73
N VAL F 30 2.44 -20.51 11.29
CA VAL F 30 3.40 -21.54 10.90
C VAL F 30 2.93 -22.96 11.29
N HIS F 31 2.30 -23.09 12.48
CA HIS F 31 1.79 -24.37 12.98
C HIS F 31 0.56 -24.84 12.21
N ALA F 32 -0.18 -23.89 11.60
CA ALA F 32 -1.34 -24.17 10.74
C ALA F 32 -0.85 -24.66 9.37
N ARG F 33 0.29 -24.10 8.88
CA ARG F 33 0.93 -24.46 7.63
C ARG F 33 1.43 -25.90 7.68
N TYR F 34 2.04 -26.30 8.82
CA TYR F 34 2.54 -27.66 9.04
C TYR F 34 1.37 -28.64 9.14
N ALA F 35 0.25 -28.22 9.77
CA ALA F 35 -0.97 -29.01 9.93
C ALA F 35 -1.65 -29.35 8.61
N CYS F 36 -1.57 -28.43 7.62
CA CYS F 36 -2.10 -28.59 6.27
C CYS F 36 -1.27 -29.60 5.47
N ASP F 37 0.07 -29.57 5.63
CA ASP F 37 1.01 -30.49 4.98
C ASP F 37 0.79 -31.89 5.52
N ASP F 38 0.50 -32.02 6.84
CA ASP F 38 0.21 -33.29 7.50
C ASP F 38 -1.07 -33.93 6.97
N MET F 39 -2.00 -33.10 6.46
CA MET F 39 -3.27 -33.53 5.88
C MET F 39 -3.22 -33.61 4.34
N GLU F 40 -1.99 -33.73 3.78
CA GLU F 40 -1.68 -33.82 2.35
C GLU F 40 -2.18 -32.65 1.48
N GLY F 41 -2.26 -31.48 2.09
CA GLY F 41 -2.69 -30.23 1.45
C GLY F 41 -1.82 -29.05 1.82
N GLN F 42 -2.34 -27.85 1.60
CA GLN F 42 -1.65 -26.58 1.90
C GLN F 42 -2.67 -25.51 2.32
N LEU F 43 -2.21 -24.38 2.92
CA LEU F 43 -3.09 -23.29 3.33
C LEU F 43 -3.80 -22.67 2.13
N VAL F 44 -5.10 -22.36 2.29
CA VAL F 44 -5.99 -21.84 1.23
C VAL F 44 -5.46 -20.66 0.39
N SER F 45 -5.63 -20.76 -0.95
CA SER F 45 -5.22 -19.74 -1.92
C SER F 45 -6.44 -19.29 -2.72
N ILE F 46 -6.79 -17.99 -2.58
CA ILE F 46 -7.96 -17.37 -3.22
C ILE F 46 -7.57 -16.54 -4.47
N HIS F 47 -8.11 -16.94 -5.64
CA HIS F 47 -7.83 -16.29 -6.93
C HIS F 47 -9.09 -15.86 -7.71
N SER F 48 -10.29 -16.12 -7.16
CA SER F 48 -11.56 -15.74 -7.78
C SER F 48 -12.59 -15.31 -6.72
N PRO F 49 -13.52 -14.37 -7.03
CA PRO F 49 -14.53 -13.96 -6.02
C PRO F 49 -15.53 -15.06 -5.67
N GLU F 50 -15.67 -16.09 -6.54
CA GLU F 50 -16.55 -17.24 -6.36
C GLU F 50 -16.03 -18.14 -5.21
N GLU F 51 -14.69 -18.37 -5.18
CA GLU F 51 -13.97 -19.16 -4.20
C GLU F 51 -14.09 -18.54 -2.80
N GLN F 52 -13.94 -17.19 -2.71
CA GLN F 52 -14.02 -16.40 -1.49
C GLN F 52 -15.44 -16.51 -0.90
N ASP F 53 -16.47 -16.44 -1.77
CA ASP F 53 -17.89 -16.53 -1.39
C ASP F 53 -18.24 -17.86 -0.72
N PHE F 54 -17.65 -18.97 -1.22
CA PHE F 54 -17.84 -20.31 -0.67
C PHE F 54 -17.21 -20.43 0.72
N LEU F 55 -16.00 -19.86 0.88
CA LEU F 55 -15.24 -19.89 2.13
C LEU F 55 -15.92 -19.16 3.28
N THR F 56 -16.53 -17.99 3.00
CA THR F 56 -17.25 -17.17 3.98
C THR F 56 -18.42 -17.93 4.63
N LYS F 57 -19.09 -18.79 3.84
CA LYS F 57 -20.24 -19.62 4.28
C LYS F 57 -19.83 -20.74 5.26
N HIS F 58 -18.56 -21.20 5.21
CA HIS F 58 -18.05 -22.28 6.05
C HIS F 58 -16.98 -21.85 7.08
N ALA F 59 -16.38 -20.65 6.92
CA ALA F 59 -15.33 -20.14 7.80
C ALA F 59 -15.82 -19.84 9.21
N SER F 60 -14.89 -19.83 10.18
CA SER F 60 -15.17 -19.52 11.59
C SER F 60 -15.47 -18.04 11.74
N HIS F 61 -16.51 -17.73 12.54
CA HIS F 61 -16.95 -16.35 12.83
C HIS F 61 -15.92 -15.58 13.65
N THR F 62 -15.10 -16.31 14.44
CA THR F 62 -14.04 -15.76 15.28
C THR F 62 -12.86 -15.24 14.45
N GLY F 63 -12.32 -16.09 13.58
CA GLY F 63 -11.19 -15.78 12.70
C GLY F 63 -10.43 -17.00 12.26
N SER F 64 -10.01 -17.03 10.97
CA SER F 64 -9.28 -18.16 10.36
C SER F 64 -7.98 -17.72 9.67
N TRP F 65 -6.99 -18.63 9.60
CA TRP F 65 -5.69 -18.40 8.94
C TRP F 65 -5.76 -18.78 7.46
N ILE F 66 -5.11 -17.97 6.58
CA ILE F 66 -5.04 -18.23 5.13
C ILE F 66 -3.58 -18.40 4.66
N GLY F 67 -3.39 -18.82 3.41
CA GLY F 67 -2.08 -19.07 2.82
C GLY F 67 -1.33 -17.90 2.23
N LEU F 68 -1.63 -16.66 2.68
CA LEU F 68 -0.94 -15.49 2.17
C LEU F 68 0.08 -14.98 3.17
N ARG F 69 1.29 -14.67 2.66
CA ARG F 69 2.43 -14.20 3.46
C ARG F 69 3.46 -13.45 2.58
N ASN F 70 4.56 -13.00 3.21
CA ASN F 70 5.67 -12.34 2.52
C ASN F 70 6.99 -12.90 3.06
N LEU F 71 7.96 -13.15 2.17
CA LEU F 71 9.27 -13.68 2.52
C LEU F 71 10.14 -12.63 3.25
N ASP F 72 9.58 -11.40 3.48
CA ASP F 72 10.21 -10.22 4.11
C ASP F 72 11.29 -9.62 3.20
N LEU F 73 12.03 -10.50 2.49
CA LEU F 73 13.06 -10.17 1.50
C LEU F 73 12.37 -9.54 0.26
N LYS F 74 11.12 -9.95 0.00
CA LYS F 74 10.29 -9.47 -1.10
C LYS F 74 9.62 -8.13 -0.75
N GLY F 75 8.75 -8.15 0.26
CA GLY F 75 7.97 -6.99 0.68
C GLY F 75 6.53 -7.11 0.24
N GLU F 76 6.31 -7.76 -0.93
CA GLU F 76 4.98 -7.99 -1.49
C GLU F 76 4.43 -9.35 -1.05
N PHE F 77 3.09 -9.50 -1.02
CA PHE F 77 2.41 -10.72 -0.59
C PHE F 77 2.37 -11.78 -1.69
N ILE F 78 2.76 -13.01 -1.35
CA ILE F 78 2.80 -14.18 -2.23
C ILE F 78 2.25 -15.41 -1.52
N TRP F 79 1.29 -16.10 -2.16
CA TRP F 79 0.62 -17.31 -1.66
C TRP F 79 1.60 -18.48 -1.43
N VAL F 80 1.23 -19.42 -0.52
CA VAL F 80 2.05 -20.59 -0.17
C VAL F 80 2.42 -21.49 -1.36
N ASP F 81 1.52 -21.61 -2.35
CA ASP F 81 1.74 -22.41 -3.56
C ASP F 81 2.79 -21.79 -4.50
N GLY F 82 3.01 -20.48 -4.38
CA GLY F 82 3.98 -19.73 -5.17
C GLY F 82 3.41 -18.64 -6.05
N SER F 83 2.11 -18.76 -6.42
CA SER F 83 1.41 -17.80 -7.27
C SER F 83 1.24 -16.41 -6.64
N HIS F 84 1.23 -15.36 -7.48
CA HIS F 84 1.08 -13.96 -7.08
C HIS F 84 -0.39 -13.61 -6.84
N VAL F 85 -0.64 -12.44 -6.23
CA VAL F 85 -1.99 -11.95 -5.93
C VAL F 85 -2.59 -11.25 -7.16
N ASP F 86 -3.68 -11.82 -7.68
CA ASP F 86 -4.42 -11.29 -8.82
C ASP F 86 -5.74 -10.67 -8.33
N TYR F 87 -6.42 -11.37 -7.40
CA TYR F 87 -7.67 -10.95 -6.76
C TYR F 87 -7.39 -10.59 -5.29
N SER F 88 -7.88 -9.43 -4.83
CA SER F 88 -7.65 -8.98 -3.46
C SER F 88 -8.91 -8.49 -2.74
N ASN F 89 -9.23 -9.14 -1.60
CA ASN F 89 -10.38 -8.81 -0.75
C ASN F 89 -9.90 -8.32 0.63
N TRP F 90 -9.26 -7.14 0.63
CA TRP F 90 -8.73 -6.52 1.85
C TRP F 90 -9.80 -5.74 2.60
N ALA F 91 -9.70 -5.72 3.94
CA ALA F 91 -10.59 -4.97 4.83
C ALA F 91 -10.24 -3.46 4.74
N PRO F 92 -11.13 -2.51 5.15
CA PRO F 92 -10.76 -1.08 5.05
C PRO F 92 -9.51 -0.72 5.84
N GLY F 93 -8.50 -0.20 5.13
CA GLY F 93 -7.22 0.19 5.69
C GLY F 93 -6.11 -0.83 5.51
N GLU F 94 -6.48 -2.07 5.12
CA GLU F 94 -5.55 -3.18 4.90
C GLU F 94 -5.08 -3.21 3.42
N PRO F 95 -3.83 -3.67 3.10
CA PRO F 95 -2.77 -4.19 3.99
C PRO F 95 -2.10 -3.13 4.86
N THR F 96 -2.22 -3.29 6.19
CA THR F 96 -1.66 -2.36 7.19
C THR F 96 -0.14 -2.34 7.23
N SER F 97 0.41 -1.13 7.37
CA SER F 97 1.85 -0.90 7.44
C SER F 97 2.30 -0.51 8.86
N ARG F 98 1.70 -1.17 9.89
CA ARG F 98 2.03 -0.95 11.30
C ARG F 98 3.46 -1.42 11.58
N SER F 99 3.85 -2.57 11.01
CA SER F 99 5.20 -3.11 11.09
C SER F 99 6.00 -2.40 10.00
N GLN F 100 5.70 -2.70 8.71
CA GLN F 100 6.30 -2.11 7.50
C GLN F 100 5.62 -2.67 6.26
N ASP F 103 5.10 -10.25 8.20
CA ASP F 103 3.71 -10.29 8.64
C ASP F 103 2.84 -11.30 7.86
N CYS F 104 1.75 -11.78 8.48
CA CYS F 104 0.83 -12.74 7.88
C CYS F 104 -0.62 -12.28 7.70
N VAL F 105 -1.37 -12.97 6.82
CA VAL F 105 -2.75 -12.65 6.47
C VAL F 105 -3.74 -13.65 7.08
N MET F 106 -4.79 -13.14 7.75
CA MET F 106 -5.88 -13.90 8.35
C MET F 106 -7.23 -13.46 7.78
N MET F 107 -8.19 -14.40 7.71
CA MET F 107 -9.54 -14.16 7.21
C MET F 107 -10.52 -14.01 8.36
N ARG F 108 -11.26 -12.89 8.38
CA ARG F 108 -12.27 -12.60 9.41
C ARG F 108 -13.56 -13.40 9.13
N GLY F 109 -14.52 -13.32 10.06
CA GLY F 109 -15.82 -13.97 9.92
C GLY F 109 -16.62 -13.37 8.78
N SER F 110 -16.35 -12.10 8.45
CA SER F 110 -16.97 -11.34 7.37
C SER F 110 -16.43 -11.76 5.99
N GLY F 111 -15.22 -12.31 5.98
CA GLY F 111 -14.56 -12.78 4.75
C GLY F 111 -13.45 -11.87 4.27
N ARG F 112 -13.31 -10.68 4.88
CA ARG F 112 -12.28 -9.71 4.53
C ARG F 112 -10.92 -10.11 5.10
N TRP F 113 -9.84 -9.70 4.41
CA TRP F 113 -8.47 -10.03 4.80
C TRP F 113 -7.83 -8.90 5.59
N ASN F 114 -7.08 -9.26 6.65
CA ASN F 114 -6.35 -8.30 7.50
C ASN F 114 -4.98 -8.85 7.90
N ASP F 115 -3.97 -7.95 7.99
CA ASP F 115 -2.61 -8.30 8.39
C ASP F 115 -2.57 -8.58 9.89
N ALA F 116 -1.93 -9.69 10.26
CA ALA F 116 -1.78 -10.11 11.65
C ALA F 116 -0.37 -10.64 11.91
N PHE F 117 0.07 -10.59 13.17
CA PHE F 117 1.39 -11.11 13.56
C PHE F 117 1.39 -12.63 13.48
N CYS F 118 2.51 -13.22 13.03
CA CYS F 118 2.69 -14.66 12.83
C CYS F 118 2.52 -15.47 14.11
N ASP F 119 3.00 -14.93 15.25
CA ASP F 119 2.92 -15.57 16.56
C ASP F 119 1.52 -15.55 17.21
N ARG F 120 0.54 -14.84 16.58
CA ARG F 120 -0.84 -14.75 17.06
C ARG F 120 -1.52 -16.12 16.97
N LYS F 121 -2.15 -16.54 18.08
CA LYS F 121 -2.79 -17.85 18.18
C LYS F 121 -4.30 -17.80 17.87
N LEU F 122 -4.68 -18.31 16.69
CA LEU F 122 -6.07 -18.38 16.24
C LEU F 122 -6.59 -19.82 16.36
N GLY F 123 -7.91 -19.95 16.54
CA GLY F 123 -8.58 -21.23 16.70
C GLY F 123 -9.08 -21.88 15.42
N ALA F 124 -8.74 -21.29 14.25
CA ALA F 124 -9.16 -21.82 12.94
C ALA F 124 -8.16 -21.57 11.81
N TRP F 125 -8.13 -22.51 10.85
CA TRP F 125 -7.28 -22.47 9.65
C TRP F 125 -7.96 -23.25 8.50
N VAL F 126 -7.65 -22.88 7.24
CA VAL F 126 -8.25 -23.52 6.06
C VAL F 126 -7.17 -24.19 5.19
N CYS F 127 -7.35 -25.50 4.92
CA CYS F 127 -6.45 -26.30 4.06
C CYS F 127 -7.10 -26.42 2.68
N ASP F 128 -6.27 -26.59 1.61
CA ASP F 128 -6.74 -26.74 0.24
C ASP F 128 -5.84 -27.63 -0.62
N ARG F 129 -6.46 -28.48 -1.45
CA ARG F 129 -5.79 -29.40 -2.38
C ARG F 129 -6.63 -29.61 -3.64
N LEU F 130 -6.00 -30.01 -4.75
CA LEU F 130 -6.68 -30.25 -6.02
C LEU F 130 -7.59 -31.49 -5.95
N ALA F 131 -8.82 -31.36 -6.48
CA ALA F 131 -9.82 -32.43 -6.49
C ALA F 131 -9.47 -33.54 -7.48
N THR F 132 -9.62 -34.80 -7.04
CA THR F 132 -9.34 -35.97 -7.87
C THR F 132 -10.43 -36.14 -8.93
N CYS F 133 -10.01 -36.47 -10.16
CA CYS F 133 -10.90 -36.64 -11.31
C CYS F 133 -11.48 -38.05 -11.37
N THR F 134 -12.67 -38.18 -11.96
CA THR F 134 -13.42 -39.45 -12.11
C THR F 134 -13.49 -39.84 -13.61
N PRO F 135 -13.30 -41.14 -13.97
CA PRO F 135 -13.36 -41.54 -15.41
C PRO F 135 -14.68 -41.17 -16.12
N PHE G 3 38.14 -14.62 -30.57
CA PHE G 3 37.21 -13.63 -31.11
C PHE G 3 36.79 -12.61 -30.05
N VAL G 4 37.02 -11.31 -30.34
CA VAL G 4 36.71 -10.18 -29.47
C VAL G 4 35.47 -9.37 -29.92
N CYS G 5 34.54 -9.09 -28.99
CA CYS G 5 33.32 -8.34 -29.28
C CYS G 5 33.37 -6.86 -28.87
N ASN G 6 33.86 -6.00 -29.79
CA ASN G 6 34.03 -4.57 -29.53
C ASN G 6 33.73 -3.58 -30.67
N THR G 7 33.66 -4.07 -31.93
CA THR G 7 33.39 -3.27 -33.13
C THR G 7 31.91 -2.88 -33.11
N CYS G 8 31.63 -1.58 -33.30
CA CYS G 8 30.30 -0.98 -33.26
C CYS G 8 30.10 0.09 -34.35
N PRO G 9 28.88 0.29 -34.92
CA PRO G 9 28.70 1.30 -35.99
C PRO G 9 28.89 2.78 -35.67
N GLU G 10 28.80 3.64 -36.71
CA GLU G 10 28.92 5.09 -36.61
C GLU G 10 27.74 5.68 -35.84
N LYS G 11 28.00 6.66 -34.94
CA LYS G 11 27.04 7.37 -34.08
C LYS G 11 26.56 6.55 -32.87
N TRP G 12 27.02 5.29 -32.77
CA TRP G 12 26.71 4.35 -31.70
C TRP G 12 27.91 4.26 -30.73
N ILE G 13 27.65 3.94 -29.45
CA ILE G 13 28.68 3.82 -28.41
C ILE G 13 28.78 2.36 -27.93
N ASN G 14 30.02 1.86 -27.74
CA ASN G 14 30.30 0.48 -27.31
C ASN G 14 30.37 0.34 -25.79
N PHE G 15 29.87 -0.81 -25.29
CA PHE G 15 29.89 -1.24 -23.90
C PHE G 15 29.60 -2.74 -23.83
N GLN G 16 30.58 -3.51 -23.31
CA GLN G 16 30.55 -4.98 -23.18
C GLN G 16 30.56 -5.51 -24.63
N ARG G 17 29.74 -6.54 -24.93
CA ARG G 17 29.58 -7.07 -26.29
C ARG G 17 28.12 -6.72 -26.96
N LYS G 18 27.75 -5.50 -26.55
CA LYS G 18 26.50 -4.85 -26.94
C LYS G 18 27.06 -3.51 -27.47
N CYS G 19 26.20 -2.76 -28.20
CA CYS G 19 26.44 -1.44 -28.76
C CYS G 19 25.19 -0.61 -28.46
N TYR G 20 25.34 0.70 -28.18
CA TYR G 20 24.20 1.53 -27.79
C TYR G 20 24.10 2.86 -28.55
N TYR G 21 22.87 3.24 -28.91
CA TYR G 21 22.56 4.50 -29.60
C TYR G 21 21.63 5.34 -28.74
N PHE G 22 21.95 6.64 -28.60
CA PHE G 22 21.18 7.59 -27.80
C PHE G 22 20.59 8.64 -28.74
N GLY G 23 19.33 8.43 -29.11
CA GLY G 23 18.57 9.28 -30.03
C GLY G 23 17.91 10.47 -29.38
N LYS G 24 17.84 11.58 -30.12
CA LYS G 24 17.21 12.84 -29.69
C LYS G 24 16.09 13.23 -30.64
N GLY G 25 14.92 13.54 -30.08
CA GLY G 25 13.73 13.91 -30.82
C GLY G 25 12.43 13.48 -30.16
N THR G 26 11.35 14.25 -30.36
CA THR G 26 10.02 14.01 -29.81
C THR G 26 9.39 12.76 -30.44
N LYS G 27 9.25 11.68 -29.65
CA LYS G 27 8.68 10.40 -30.07
C LYS G 27 7.99 9.68 -28.91
N GLN G 28 6.86 9.01 -29.19
CA GLN G 28 6.11 8.18 -28.23
C GLN G 28 6.86 6.86 -28.02
N TRP G 29 6.42 6.00 -27.07
CA TRP G 29 7.10 4.72 -26.82
C TRP G 29 7.10 3.83 -28.06
N VAL G 30 5.94 3.73 -28.74
CA VAL G 30 5.78 2.92 -29.94
C VAL G 30 6.60 3.46 -31.12
N HIS G 31 6.66 4.80 -31.27
CA HIS G 31 7.40 5.47 -32.33
C HIS G 31 8.92 5.38 -32.14
N ALA G 32 9.35 5.20 -30.87
CA ALA G 32 10.75 5.01 -30.49
C ALA G 32 11.16 3.58 -30.83
N ARG G 33 10.23 2.61 -30.63
CA ARG G 33 10.41 1.18 -30.92
C ARG G 33 10.63 0.98 -32.43
N TYR G 34 9.83 1.67 -33.26
CA TYR G 34 9.93 1.62 -34.72
C TYR G 34 11.24 2.24 -35.19
N ALA G 35 11.67 3.34 -34.53
CA ALA G 35 12.91 4.07 -34.81
C ALA G 35 14.13 3.18 -34.53
N CYS G 36 14.02 2.31 -33.50
CA CYS G 36 15.06 1.35 -33.10
C CYS G 36 15.25 0.29 -34.20
N ASP G 37 14.12 -0.25 -34.73
CA ASP G 37 14.12 -1.25 -35.80
C ASP G 37 14.67 -0.69 -37.11
N ASP G 38 14.38 0.60 -37.39
CA ASP G 38 14.88 1.31 -38.58
C ASP G 38 16.39 1.46 -38.56
N MET G 39 16.99 1.46 -37.35
CA MET G 39 18.44 1.57 -37.15
C MET G 39 19.09 0.19 -36.90
N GLU G 40 18.41 -0.89 -37.34
CA GLU G 40 18.83 -2.30 -37.23
C GLU G 40 19.09 -2.80 -35.79
N GLY G 41 18.37 -2.20 -34.84
CA GLY G 41 18.45 -2.55 -33.42
C GLY G 41 17.13 -2.70 -32.69
N GLN G 42 17.20 -2.74 -31.35
CA GLN G 42 16.09 -2.78 -30.42
C GLN G 42 16.11 -1.82 -29.25
N LEU G 43 14.98 -1.55 -28.57
CA LEU G 43 14.93 -0.62 -27.43
C LEU G 43 15.74 -1.34 -26.34
N VAL G 44 16.58 -0.57 -25.61
CA VAL G 44 17.50 -1.04 -24.57
C VAL G 44 16.93 -2.03 -23.53
N SER G 45 17.69 -3.12 -23.26
CA SER G 45 17.35 -4.16 -22.29
C SER G 45 18.46 -4.27 -21.25
N ILE G 46 18.12 -3.96 -19.98
CA ILE G 46 19.07 -3.98 -18.85
C ILE G 46 18.92 -5.26 -18.02
N HIS G 47 20.04 -6.00 -17.86
CA HIS G 47 20.09 -7.26 -17.10
C HIS G 47 21.23 -7.33 -16.06
N SER G 48 22.06 -6.26 -15.96
CA SER G 48 23.17 -6.17 -15.01
C SER G 48 23.35 -4.75 -14.47
N PRO G 49 23.80 -4.56 -13.19
CA PRO G 49 23.98 -3.19 -12.66
C PRO G 49 25.10 -2.40 -13.36
N GLU G 50 26.03 -3.11 -14.04
CA GLU G 50 27.14 -2.53 -14.80
C GLU G 50 26.59 -1.83 -16.05
N GLU G 51 25.60 -2.48 -16.72
CA GLU G 51 24.91 -2.01 -17.93
C GLU G 51 24.19 -0.69 -17.64
N GLN G 52 23.45 -0.65 -16.52
CA GLN G 52 22.68 0.51 -16.05
C GLN G 52 23.59 1.71 -15.76
N ASP G 53 24.76 1.46 -15.10
CA ASP G 53 25.76 2.47 -14.73
C ASP G 53 26.32 3.21 -15.95
N PHE G 54 26.54 2.48 -17.07
CA PHE G 54 27.04 3.03 -18.33
C PHE G 54 25.99 3.95 -18.97
N LEU G 55 24.72 3.51 -18.95
CA LEU G 55 23.59 4.23 -19.54
C LEU G 55 23.32 5.57 -18.87
N THR G 56 23.42 5.64 -17.52
CA THR G 56 23.21 6.86 -16.71
C THR G 56 24.19 7.98 -17.11
N LYS G 57 25.44 7.61 -17.47
CA LYS G 57 26.50 8.53 -17.88
C LYS G 57 26.24 9.18 -19.25
N HIS G 58 25.46 8.52 -20.13
CA HIS G 58 25.16 9.01 -21.48
C HIS G 58 23.69 9.39 -21.73
N ALA G 59 22.77 8.97 -20.83
CA ALA G 59 21.33 9.25 -20.94
C ALA G 59 20.98 10.72 -20.79
N SER G 60 19.82 11.12 -21.33
CA SER G 60 19.31 12.48 -21.26
C SER G 60 18.83 12.78 -19.85
N HIS G 61 19.15 13.98 -19.34
CA HIS G 61 18.79 14.46 -18.01
C HIS G 61 17.27 14.68 -17.89
N THR G 62 16.60 14.97 -19.02
CA THR G 62 15.16 15.20 -19.11
C THR G 62 14.37 13.90 -18.91
N GLY G 63 14.70 12.87 -19.69
CA GLY G 63 14.05 11.56 -19.66
C GLY G 63 14.18 10.80 -20.96
N SER G 64 14.41 9.47 -20.86
CA SER G 64 14.59 8.57 -22.01
C SER G 64 13.67 7.35 -21.97
N TRP G 65 13.31 6.80 -23.15
CA TRP G 65 12.46 5.61 -23.27
C TRP G 65 13.32 4.33 -23.27
N ILE G 66 12.84 3.26 -22.60
CA ILE G 66 13.51 1.95 -22.54
C ILE G 66 12.63 0.83 -23.13
N GLY G 67 13.21 -0.37 -23.30
CA GLY G 67 12.54 -1.52 -23.89
C GLY G 67 11.66 -2.37 -22.99
N LEU G 68 11.11 -1.78 -21.92
CA LEU G 68 10.25 -2.49 -20.99
C LEU G 68 8.77 -2.12 -21.14
N ARG G 69 7.91 -3.14 -21.24
CA ARG G 69 6.46 -3.04 -21.43
C ARG G 69 5.77 -4.34 -20.99
N ASN G 70 4.45 -4.47 -21.23
CA ASN G 70 3.66 -5.66 -20.93
C ASN G 70 2.54 -5.84 -21.95
N LEU G 71 2.23 -7.11 -22.31
CA LEU G 71 1.17 -7.45 -23.28
C LEU G 71 -0.23 -7.30 -22.65
N ASP G 72 -0.30 -6.91 -21.36
CA ASP G 72 -1.49 -6.74 -20.51
C ASP G 72 -2.05 -8.08 -20.07
N LEU G 73 -2.07 -9.07 -21.00
CA LEU G 73 -2.52 -10.45 -20.78
C LEU G 73 -1.60 -11.13 -19.77
N LYS G 74 -0.28 -10.81 -19.84
CA LYS G 74 0.76 -11.33 -18.95
C LYS G 74 0.71 -10.61 -17.61
N GLY G 75 0.42 -9.31 -17.64
CA GLY G 75 0.38 -8.46 -16.46
C GLY G 75 1.75 -7.94 -16.12
N GLU G 76 2.72 -8.86 -15.91
CA GLU G 76 4.12 -8.57 -15.59
C GLU G 76 4.88 -7.95 -16.77
N PHE G 77 5.89 -7.12 -16.46
CA PHE G 77 6.72 -6.44 -17.45
C PHE G 77 7.75 -7.37 -18.09
N ILE G 78 7.77 -7.43 -19.44
CA ILE G 78 8.68 -8.24 -20.25
C ILE G 78 9.38 -7.35 -21.29
N TRP G 79 10.72 -7.47 -21.40
CA TRP G 79 11.56 -6.73 -22.34
C TRP G 79 11.19 -7.01 -23.80
N VAL G 80 11.49 -6.05 -24.71
CA VAL G 80 11.20 -6.14 -26.16
C VAL G 80 11.81 -7.37 -26.85
N ASP G 81 13.00 -7.81 -26.40
CA ASP G 81 13.69 -8.99 -26.93
C ASP G 81 13.00 -10.31 -26.57
N GLY G 82 12.22 -10.29 -25.49
CA GLY G 82 11.46 -11.44 -25.01
C GLY G 82 11.81 -11.93 -23.62
N SER G 83 13.05 -11.62 -23.15
CA SER G 83 13.57 -12.02 -21.84
C SER G 83 12.82 -11.37 -20.67
N HIS G 84 12.74 -12.09 -19.54
CA HIS G 84 12.08 -11.64 -18.30
C HIS G 84 12.98 -10.73 -17.49
N VAL G 85 12.41 -10.04 -16.47
CA VAL G 85 13.14 -9.13 -15.59
C VAL G 85 13.84 -9.91 -14.48
N ASP G 86 15.17 -9.85 -14.47
CA ASP G 86 16.03 -10.48 -13.46
C ASP G 86 16.59 -9.42 -12.52
N TYR G 87 17.03 -8.29 -13.09
CA TYR G 87 17.57 -7.11 -12.38
C TYR G 87 16.56 -5.97 -12.49
N SER G 88 16.18 -5.36 -11.35
CA SER G 88 15.21 -4.26 -11.33
C SER G 88 15.73 -3.00 -10.62
N ASN G 89 15.74 -1.86 -11.36
CA ASN G 89 16.18 -0.56 -10.86
C ASN G 89 15.01 0.44 -10.86
N TRP G 90 13.96 0.11 -10.09
CA TRP G 90 12.75 0.94 -9.97
C TRP G 90 12.97 2.11 -9.01
N ALA G 91 12.29 3.24 -9.29
CA ALA G 91 12.30 4.45 -8.46
C ALA G 91 11.42 4.20 -7.21
N PRO G 92 11.53 4.99 -6.11
CA PRO G 92 10.68 4.73 -4.93
C PRO G 92 9.18 4.81 -5.24
N GLY G 93 8.48 3.70 -5.03
CA GLY G 93 7.05 3.57 -5.28
C GLY G 93 6.70 2.85 -6.58
N GLU G 94 7.71 2.64 -7.45
CA GLU G 94 7.56 1.97 -8.74
C GLU G 94 7.77 0.44 -8.61
N PRO G 95 7.07 -0.43 -9.39
CA PRO G 95 6.08 -0.14 -10.44
C PRO G 95 4.72 0.33 -9.91
N THR G 96 4.33 1.55 -10.32
CA THR G 96 3.07 2.19 -9.91
C THR G 96 1.83 1.52 -10.48
N SER G 97 0.78 1.46 -9.66
CA SER G 97 -0.51 0.90 -10.04
C SER G 97 -1.50 2.07 -10.21
N ARG G 98 -1.05 3.15 -10.90
CA ARG G 98 -1.81 4.36 -11.20
C ARG G 98 -2.98 4.02 -12.15
N SER G 99 -2.70 3.17 -13.17
CA SER G 99 -3.69 2.64 -14.10
C SER G 99 -4.28 1.40 -13.41
N GLN G 100 -3.41 0.37 -13.18
CA GLN G 100 -3.67 -0.90 -12.49
C GLN G 100 -2.48 -1.85 -12.69
N ASP G 103 0.98 -0.06 -19.40
CA ASP G 103 1.92 1.01 -19.09
C ASP G 103 3.34 0.72 -19.59
N CYS G 104 4.02 1.74 -20.11
CA CYS G 104 5.39 1.65 -20.62
C CYS G 104 6.41 2.22 -19.64
N VAL G 105 7.63 1.69 -19.67
CA VAL G 105 8.69 2.11 -18.75
C VAL G 105 9.66 3.10 -19.38
N MET G 106 9.98 4.17 -18.63
CA MET G 106 10.91 5.22 -19.03
C MET G 106 12.04 5.37 -18.00
N MET G 107 13.23 5.77 -18.47
CA MET G 107 14.40 5.98 -17.63
C MET G 107 14.62 7.47 -17.38
N ARG G 108 14.71 7.85 -16.10
CA ARG G 108 14.94 9.24 -15.67
C ARG G 108 16.42 9.61 -15.84
N GLY G 109 16.74 10.89 -15.61
CA GLY G 109 18.11 11.39 -15.66
C GLY G 109 18.99 10.78 -14.59
N SER G 110 18.36 10.37 -13.46
CA SER G 110 18.98 9.72 -12.31
C SER G 110 19.33 8.26 -12.61
N GLY G 111 18.63 7.66 -13.57
CA GLY G 111 18.84 6.27 -13.98
C GLY G 111 17.78 5.31 -13.50
N ARG G 112 16.89 5.78 -12.60
CA ARG G 112 15.80 4.97 -12.03
C ARG G 112 14.65 4.80 -13.03
N TRP G 113 13.92 3.68 -12.93
CA TRP G 113 12.81 3.35 -13.81
C TRP G 113 11.45 3.71 -13.22
N ASN G 114 10.59 4.35 -14.03
CA ASN G 114 9.23 4.73 -13.63
C ASN G 114 8.21 4.42 -14.73
N ASP G 115 6.98 4.04 -14.32
CA ASP G 115 5.90 3.74 -15.26
C ASP G 115 5.37 5.03 -15.85
N ALA G 116 5.04 5.00 -17.14
CA ALA G 116 4.51 6.15 -17.87
C ALA G 116 3.48 5.72 -18.92
N PHE G 117 2.63 6.67 -19.36
CA PHE G 117 1.65 6.39 -20.39
C PHE G 117 2.36 6.28 -21.75
N CYS G 118 1.91 5.33 -22.60
CA CYS G 118 2.48 5.04 -23.92
C CYS G 118 2.45 6.25 -24.86
N ASP G 119 1.36 7.04 -24.81
CA ASP G 119 1.14 8.22 -25.64
C ASP G 119 1.97 9.45 -25.23
N ARG G 120 2.71 9.37 -24.09
CA ARG G 120 3.56 10.44 -23.59
C ARG G 120 4.73 10.67 -24.55
N LYS G 121 4.94 11.94 -24.94
CA LYS G 121 5.98 12.31 -25.89
C LYS G 121 7.28 12.77 -25.22
N LEU G 122 8.31 11.90 -25.27
CA LEU G 122 9.64 12.17 -24.71
C LEU G 122 10.63 12.52 -25.83
N GLY G 123 11.65 13.31 -25.49
CA GLY G 123 12.67 13.76 -26.42
C GLY G 123 13.89 12.86 -26.54
N ALA G 124 13.88 11.69 -25.89
CA ALA G 124 15.00 10.74 -25.92
C ALA G 124 14.58 9.27 -25.82
N TRP G 125 15.37 8.39 -26.47
CA TRP G 125 15.18 6.94 -26.51
C TRP G 125 16.55 6.26 -26.70
N VAL G 126 16.68 5.01 -26.20
CA VAL G 126 17.94 4.25 -26.31
C VAL G 126 17.80 2.97 -27.16
N CYS G 127 18.67 2.84 -28.18
CA CYS G 127 18.72 1.68 -29.08
C CYS G 127 19.84 0.73 -28.60
N ASP G 128 19.68 -0.58 -28.85
CA ASP G 128 20.66 -1.61 -28.48
C ASP G 128 20.70 -2.81 -29.43
N ARG G 129 21.92 -3.24 -29.78
CA ARG G 129 22.18 -4.39 -30.66
C ARG G 129 23.47 -5.09 -30.26
N LEU G 130 23.62 -6.39 -30.61
CA LEU G 130 24.82 -7.17 -30.29
C LEU G 130 26.04 -6.68 -31.09
N ALA G 131 27.18 -6.53 -30.39
CA ALA G 131 28.44 -6.06 -30.98
C ALA G 131 29.05 -7.11 -31.90
N THR G 132 29.54 -6.65 -33.08
CA THR G 132 30.16 -7.53 -34.07
C THR G 132 31.55 -7.96 -33.59
N CYS G 133 31.87 -9.25 -33.78
CA CYS G 133 33.12 -9.86 -33.37
C CYS G 133 34.23 -9.64 -34.39
N THR G 134 35.48 -9.59 -33.93
CA THR G 134 36.68 -9.38 -34.74
C THR G 134 37.53 -10.68 -34.75
N PRO G 135 38.09 -11.11 -35.91
CA PRO G 135 38.92 -12.35 -35.93
C PRO G 135 40.11 -12.35 -34.95
N PRO G 136 40.49 -13.51 -34.35
CA PRO G 136 41.58 -13.52 -33.36
C PRO G 136 42.97 -13.18 -33.89
N ALA G 137 43.74 -12.41 -33.11
CA ALA G 137 45.09 -11.99 -33.44
C ALA G 137 46.07 -12.44 -32.35
N VAL H 4 -90.74 27.29 -28.58
CA VAL H 4 -90.31 26.20 -29.45
C VAL H 4 -88.84 26.36 -29.89
N CYS H 5 -88.05 25.27 -29.78
CA CYS H 5 -86.65 25.23 -30.15
C CYS H 5 -86.45 24.49 -31.48
N ASN H 6 -86.36 25.28 -32.56
CA ASN H 6 -86.21 24.83 -33.94
C ASN H 6 -85.33 25.79 -34.77
N THR H 7 -85.10 27.03 -34.26
CA THR H 7 -84.28 28.06 -34.91
C THR H 7 -82.81 27.61 -34.83
N CYS H 8 -82.12 27.63 -35.98
CA CYS H 8 -80.73 27.22 -36.14
C CYS H 8 -79.92 28.16 -37.06
N PRO H 9 -78.58 28.32 -36.85
CA PRO H 9 -77.81 29.25 -37.72
C PRO H 9 -77.65 28.94 -39.20
N GLU H 10 -77.00 29.88 -39.94
CA GLU H 10 -76.72 29.77 -41.37
C GLU H 10 -75.70 28.66 -41.63
N LYS H 11 -75.93 27.85 -42.69
CA LYS H 11 -75.12 26.71 -43.15
C LYS H 11 -75.27 25.45 -42.28
N TRP H 12 -76.09 25.54 -41.21
CA TRP H 12 -76.39 24.44 -40.28
C TRP H 12 -77.79 23.89 -40.58
N ILE H 13 -78.02 22.60 -40.28
CA ILE H 13 -79.30 21.91 -40.51
C ILE H 13 -79.95 21.52 -39.17
N ASN H 14 -81.28 21.73 -39.05
CA ASN H 14 -82.06 21.42 -37.85
C ASN H 14 -82.60 20.00 -37.81
N PHE H 15 -82.62 19.41 -36.59
CA PHE H 15 -83.17 18.09 -36.27
C PHE H 15 -83.36 18.00 -34.76
N GLN H 16 -84.62 17.80 -34.33
CA GLN H 16 -85.05 17.71 -32.93
C GLN H 16 -84.69 18.98 -32.13
N ARG H 17 -84.13 18.83 -30.92
CA ARG H 17 -83.72 19.94 -30.04
C ARG H 17 -82.26 20.36 -30.26
N LYS H 18 -81.62 19.82 -31.32
CA LYS H 18 -80.23 20.10 -31.68
C LYS H 18 -80.10 20.76 -33.06
N CYS H 19 -78.86 21.16 -33.41
CA CYS H 19 -78.46 21.79 -34.67
C CYS H 19 -77.25 21.04 -35.20
N TYR H 20 -77.16 20.83 -36.52
CA TYR H 20 -76.05 20.06 -37.09
C TYR H 20 -75.36 20.71 -38.29
N TYR H 21 -74.02 20.69 -38.29
CA TYR H 21 -73.17 21.22 -39.36
C TYR H 21 -72.34 20.09 -39.96
N PHE H 22 -72.31 20.03 -41.29
CA PHE H 22 -71.55 19.01 -42.04
C PHE H 22 -70.44 19.70 -42.82
N GLY H 23 -69.24 19.69 -42.24
CA GLY H 23 -68.05 20.32 -42.80
C GLY H 23 -67.28 19.47 -43.78
N LYS H 24 -66.68 20.15 -44.78
CA LYS H 24 -65.88 19.51 -45.83
C LYS H 24 -64.46 20.10 -45.83
N GLY H 25 -63.47 19.21 -45.83
CA GLY H 25 -62.06 19.56 -45.81
C GLY H 25 -61.19 18.57 -45.07
N THR H 26 -59.92 18.43 -45.51
CA THR H 26 -58.94 17.52 -44.92
C THR H 26 -58.56 17.93 -43.49
N LYS H 27 -59.02 17.15 -42.49
CA LYS H 27 -58.76 17.40 -41.08
C LYS H 27 -58.64 16.12 -40.26
N GLN H 28 -57.71 16.11 -39.29
CA GLN H 28 -57.49 15.00 -38.36
C GLN H 28 -58.62 15.05 -37.31
N TRP H 29 -58.75 14.04 -36.42
CA TRP H 29 -59.79 14.03 -35.39
C TRP H 29 -59.69 15.24 -34.46
N VAL H 30 -58.46 15.54 -34.00
CA VAL H 30 -58.21 16.68 -33.11
C VAL H 30 -58.46 18.03 -33.78
N HIS H 31 -58.09 18.16 -35.08
CA HIS H 31 -58.27 19.38 -35.87
C HIS H 31 -59.72 19.63 -36.21
N ALA H 32 -60.54 18.55 -36.24
CA ALA H 32 -61.99 18.60 -36.48
C ALA H 32 -62.67 19.07 -35.19
N ARG H 33 -62.16 18.64 -34.01
CA ARG H 33 -62.66 19.02 -32.68
C ARG H 33 -62.47 20.52 -32.46
N TYR H 34 -61.30 21.07 -32.84
CA TYR H 34 -60.98 22.50 -32.73
C TYR H 34 -61.86 23.31 -33.67
N ALA H 35 -62.13 22.77 -34.89
CA ALA H 35 -62.98 23.40 -35.91
C ALA H 35 -64.43 23.51 -35.43
N CYS H 36 -64.89 22.54 -34.63
CA CYS H 36 -66.23 22.49 -34.03
C CYS H 36 -66.38 23.60 -33.00
N ASP H 37 -65.35 23.79 -32.13
CA ASP H 37 -65.31 24.82 -31.10
C ASP H 37 -65.29 26.22 -31.71
N ASP H 38 -64.58 26.38 -32.85
CA ASP H 38 -64.48 27.64 -33.60
C ASP H 38 -65.83 28.06 -34.17
N MET H 39 -66.72 27.08 -34.42
CA MET H 39 -68.07 27.30 -34.95
C MET H 39 -69.13 27.30 -33.82
N GLU H 40 -68.70 27.54 -32.56
CA GLU H 40 -69.51 27.60 -31.35
C GLU H 40 -70.32 26.32 -31.03
N GLY H 41 -69.76 25.17 -31.44
CA GLY H 41 -70.35 23.85 -31.22
C GLY H 41 -69.32 22.83 -30.79
N GLN H 42 -69.66 21.55 -30.94
CA GLN H 42 -68.79 20.41 -30.60
C GLN H 42 -69.05 19.23 -31.56
N LEU H 43 -68.15 18.23 -31.58
CA LEU H 43 -68.30 17.05 -32.45
C LEU H 43 -69.56 16.26 -32.06
N VAL H 44 -70.31 15.78 -33.07
CA VAL H 44 -71.60 15.08 -32.93
C VAL H 44 -71.66 13.94 -31.89
N SER H 45 -72.74 13.93 -31.08
CA SER H 45 -73.01 12.94 -30.04
C SER H 45 -74.36 12.26 -30.31
N ILE H 46 -74.32 10.95 -30.60
CA ILE H 46 -75.50 10.14 -30.94
C ILE H 46 -75.99 9.30 -29.74
N HIS H 47 -77.25 9.53 -29.31
CA HIS H 47 -77.88 8.86 -28.16
C HIS H 47 -79.24 8.21 -28.48
N SER H 48 -79.73 8.34 -29.74
CA SER H 48 -81.00 7.75 -30.17
C SER H 48 -80.91 7.24 -31.62
N PRO H 49 -81.65 6.16 -32.01
CA PRO H 49 -81.58 5.68 -33.40
C PRO H 49 -82.18 6.65 -34.43
N GLU H 50 -83.02 7.59 -33.97
CA GLU H 50 -83.66 8.62 -34.80
C GLU H 50 -82.59 9.65 -35.24
N GLU H 51 -81.68 10.02 -34.29
CA GLU H 51 -80.58 10.95 -34.48
C GLU H 51 -79.62 10.42 -35.55
N GLN H 52 -79.24 9.13 -35.45
CA GLN H 52 -78.35 8.43 -36.38
C GLN H 52 -78.93 8.38 -37.80
N ASP H 53 -80.25 8.11 -37.93
CA ASP H 53 -80.98 8.02 -39.19
C ASP H 53 -80.93 9.32 -39.99
N PHE H 54 -81.01 10.48 -39.29
CA PHE H 54 -80.95 11.81 -39.88
C PHE H 54 -79.55 12.10 -40.43
N LEU H 55 -78.52 11.71 -39.65
CA LEU H 55 -77.11 11.92 -39.98
C LEU H 55 -76.67 11.17 -41.24
N THR H 56 -77.13 9.91 -41.41
CA THR H 56 -76.82 9.05 -42.56
C THR H 56 -77.28 9.69 -43.89
N LYS H 57 -78.42 10.39 -43.87
CA LYS H 57 -79.01 11.08 -45.03
C LYS H 57 -78.19 12.29 -45.50
N HIS H 58 -77.41 12.92 -44.59
CA HIS H 58 -76.61 14.11 -44.89
C HIS H 58 -75.08 13.91 -44.82
N ALA H 59 -74.62 12.79 -44.21
CA ALA H 59 -73.19 12.47 -44.07
C ALA H 59 -72.49 12.19 -45.40
N SER H 60 -71.16 12.36 -45.42
CA SER H 60 -70.33 12.11 -46.58
C SER H 60 -70.21 10.60 -46.82
N HIS H 61 -70.33 10.18 -48.09
CA HIS H 61 -70.23 8.80 -48.52
C HIS H 61 -68.82 8.21 -48.32
N THR H 62 -67.81 9.10 -48.35
CA THR H 62 -66.40 8.75 -48.17
C THR H 62 -66.10 8.37 -46.72
N GLY H 63 -66.46 9.24 -45.77
CA GLY H 63 -66.25 9.05 -44.34
C GLY H 63 -66.21 10.34 -43.56
N SER H 64 -66.83 10.35 -42.36
CA SER H 64 -66.91 11.53 -41.48
C SER H 64 -66.44 11.24 -40.06
N TRP H 65 -65.93 12.28 -39.35
CA TRP H 65 -65.47 12.18 -37.96
C TRP H 65 -66.61 12.47 -36.98
N ILE H 66 -66.67 11.71 -35.86
CA ILE H 66 -67.68 11.88 -34.81
C ILE H 66 -67.02 12.22 -33.44
N GLY H 67 -67.84 12.59 -32.45
CA GLY H 67 -67.38 12.98 -31.13
C GLY H 67 -67.09 11.90 -30.11
N LEU H 68 -66.76 10.67 -30.56
CA LEU H 68 -66.46 9.58 -29.63
C LEU H 68 -64.96 9.30 -29.56
N ARG H 69 -64.43 9.15 -28.32
CA ARG H 69 -63.01 8.93 -28.04
C ARG H 69 -62.77 8.29 -26.66
N ASN H 70 -61.55 7.74 -26.45
CA ASN H 70 -61.13 7.16 -25.18
C ASN H 70 -59.94 7.93 -24.61
N LEU H 71 -59.93 8.18 -23.29
CA LEU H 71 -58.88 8.94 -22.60
C LEU H 71 -57.57 8.12 -22.40
N ASP H 72 -57.55 6.83 -22.84
CA ASP H 72 -56.45 5.86 -22.69
C ASP H 72 -56.38 5.36 -21.23
N LEU H 73 -56.42 6.31 -20.27
CA LEU H 73 -56.42 6.09 -18.82
C LEU H 73 -57.72 5.39 -18.42
N LYS H 74 -58.78 5.61 -19.21
CA LYS H 74 -60.08 4.97 -19.03
C LYS H 74 -60.10 3.66 -19.83
N GLY H 75 -59.88 3.76 -21.14
CA GLY H 75 -59.96 2.64 -22.07
C GLY H 75 -61.39 2.45 -22.53
N GLU H 76 -62.31 3.28 -21.99
CA GLU H 76 -63.74 3.32 -22.26
C GLU H 76 -64.06 4.48 -23.22
N PHE H 77 -64.94 4.23 -24.20
CA PHE H 77 -65.34 5.24 -25.18
C PHE H 77 -66.35 6.20 -24.54
N ILE H 78 -65.98 7.49 -24.46
CA ILE H 78 -66.80 8.55 -23.87
C ILE H 78 -66.89 9.75 -24.82
N TRP H 79 -68.13 10.22 -25.09
CA TRP H 79 -68.43 11.35 -25.97
C TRP H 79 -67.75 12.65 -25.50
N VAL H 80 -67.49 13.59 -26.45
CA VAL H 80 -66.85 14.89 -26.19
C VAL H 80 -67.55 15.75 -25.13
N ASP H 81 -68.90 15.68 -25.07
CA ASP H 81 -69.70 16.42 -24.11
C ASP H 81 -69.56 15.90 -22.67
N GLY H 82 -69.13 14.63 -22.53
CA GLY H 82 -68.91 13.98 -21.24
C GLY H 82 -69.77 12.76 -20.98
N SER H 83 -70.94 12.67 -21.64
CA SER H 83 -71.90 11.57 -21.49
C SER H 83 -71.36 10.22 -21.97
N HIS H 84 -71.82 9.13 -21.33
CA HIS H 84 -71.43 7.74 -21.67
C HIS H 84 -72.24 7.21 -22.84
N VAL H 85 -71.81 6.06 -23.40
CA VAL H 85 -72.48 5.41 -24.54
C VAL H 85 -73.66 4.57 -24.05
N ASP H 86 -74.87 4.95 -24.48
CA ASP H 86 -76.12 4.25 -24.17
C ASP H 86 -76.60 3.50 -25.41
N TYR H 87 -76.53 4.15 -26.58
CA TYR H 87 -76.90 3.60 -27.88
C TYR H 87 -75.63 3.36 -28.70
N SER H 88 -75.48 2.15 -29.25
CA SER H 88 -74.34 1.75 -30.07
C SER H 88 -74.77 1.38 -31.50
N ASN H 89 -73.98 1.84 -32.48
CA ASN H 89 -74.22 1.61 -33.91
C ASN H 89 -72.90 1.15 -34.58
N TRP H 90 -72.21 0.20 -33.92
CA TRP H 90 -70.93 -0.34 -34.37
C TRP H 90 -71.04 -1.23 -35.60
N ALA H 91 -70.02 -1.17 -36.47
CA ALA H 91 -69.91 -1.99 -37.69
C ALA H 91 -69.53 -3.44 -37.29
N PRO H 92 -69.74 -4.48 -38.13
CA PRO H 92 -69.36 -5.85 -37.71
C PRO H 92 -67.88 -5.99 -37.37
N GLY H 93 -67.61 -6.39 -36.12
CA GLY H 93 -66.27 -6.58 -35.58
C GLY H 93 -65.77 -5.42 -34.73
N GLU H 94 -66.45 -4.27 -34.83
CA GLU H 94 -66.14 -3.04 -34.10
C GLU H 94 -66.89 -2.99 -32.74
N PRO H 95 -66.35 -2.35 -31.67
CA PRO H 95 -65.09 -1.60 -31.56
C PRO H 95 -63.83 -2.49 -31.56
N THR H 96 -63.03 -2.37 -32.64
CA THR H 96 -61.81 -3.15 -32.86
C THR H 96 -60.71 -2.83 -31.87
N SER H 97 -60.10 -3.90 -31.32
CA SER H 97 -58.97 -3.80 -30.39
C SER H 97 -57.72 -4.40 -31.06
N ARG H 98 -57.53 -4.04 -32.36
CA ARG H 98 -56.41 -4.48 -33.19
C ARG H 98 -55.09 -3.91 -32.66
N SER H 99 -55.11 -2.64 -32.24
CA SER H 99 -53.99 -1.96 -31.60
C SER H 99 -54.12 -2.27 -30.10
N GLN H 100 -55.24 -1.80 -29.48
CA GLN H 100 -55.69 -2.01 -28.09
C GLN H 100 -56.88 -1.10 -27.77
N ASP H 103 -57.32 5.28 -29.82
CA ASP H 103 -58.15 5.18 -31.03
C ASP H 103 -59.30 6.22 -31.04
N CYS H 104 -59.73 6.60 -32.26
CA CYS H 104 -60.81 7.56 -32.49
C CYS H 104 -61.90 6.96 -33.35
N VAL H 105 -63.15 7.38 -33.11
CA VAL H 105 -64.30 6.84 -33.82
C VAL H 105 -64.73 7.70 -35.01
N MET H 106 -64.94 7.05 -36.17
CA MET H 106 -65.38 7.68 -37.41
C MET H 106 -66.67 7.02 -37.94
N MET H 107 -67.50 7.81 -38.63
CA MET H 107 -68.76 7.35 -39.20
C MET H 107 -68.61 7.14 -40.70
N ARG H 108 -68.94 5.93 -41.17
CA ARG H 108 -68.88 5.56 -42.59
C ARG H 108 -70.08 6.14 -43.35
N GLY H 109 -70.08 5.99 -44.67
CA GLY H 109 -71.17 6.43 -45.54
C GLY H 109 -72.46 5.67 -45.26
N SER H 110 -72.32 4.42 -44.77
CA SER H 110 -73.41 3.53 -44.39
C SER H 110 -74.06 3.95 -43.06
N GLY H 111 -73.31 4.68 -42.24
CA GLY H 111 -73.78 5.16 -40.95
C GLY H 111 -73.23 4.40 -39.75
N ARG H 112 -72.54 3.28 -40.01
CA ARG H 112 -71.93 2.43 -38.97
C ARG H 112 -70.64 3.05 -38.43
N TRP H 113 -70.33 2.78 -37.15
CA TRP H 113 -69.12 3.33 -36.52
C TRP H 113 -67.98 2.33 -36.54
N ASN H 114 -66.76 2.84 -36.78
CA ASN H 114 -65.52 2.04 -36.80
C ASN H 114 -64.36 2.79 -36.15
N ASP H 115 -63.48 2.04 -35.45
CA ASP H 115 -62.29 2.59 -34.81
C ASP H 115 -61.26 2.95 -35.85
N ALA H 116 -60.60 4.10 -35.67
CA ALA H 116 -59.59 4.63 -36.59
C ALA H 116 -58.50 5.38 -35.83
N PHE H 117 -57.32 5.54 -36.46
CA PHE H 117 -56.21 6.25 -35.85
C PHE H 117 -56.50 7.76 -35.87
N CYS H 118 -56.11 8.46 -34.79
CA CYS H 118 -56.32 9.90 -34.59
C CYS H 118 -55.67 10.76 -35.67
N ASP H 119 -54.46 10.36 -36.12
CA ASP H 119 -53.69 11.06 -37.15
C ASP H 119 -54.21 10.89 -38.58
N ARG H 120 -55.24 10.01 -38.78
CA ARG H 120 -55.85 9.77 -40.09
C ARG H 120 -56.57 11.02 -40.56
N LYS H 121 -56.29 11.44 -41.80
CA LYS H 121 -56.86 12.65 -42.39
C LYS H 121 -58.11 12.37 -43.23
N LEU H 122 -59.28 12.73 -42.70
CA LEU H 122 -60.57 12.57 -43.37
C LEU H 122 -61.05 13.92 -43.91
N GLY H 123 -61.86 13.87 -44.97
CA GLY H 123 -62.39 15.06 -45.62
C GLY H 123 -63.74 15.55 -45.11
N ALA H 124 -64.24 14.94 -44.01
CA ALA H 124 -65.53 15.32 -43.42
C ALA H 124 -65.60 15.15 -41.91
N TRP H 125 -66.39 16.02 -41.26
CA TRP H 125 -66.63 16.04 -39.81
C TRP H 125 -68.02 16.64 -39.52
N VAL H 126 -68.65 16.23 -38.40
CA VAL H 126 -69.98 16.72 -38.02
C VAL H 126 -69.96 17.50 -36.70
N CYS H 127 -70.48 18.74 -36.72
CA CYS H 127 -70.58 19.62 -35.55
C CYS H 127 -72.02 19.55 -35.01
N ASP H 128 -72.20 19.78 -33.69
CA ASP H 128 -73.52 19.76 -33.05
C ASP H 128 -73.61 20.71 -31.85
N ARG H 129 -74.76 21.42 -31.75
CA ARG H 129 -75.07 22.37 -30.68
C ARG H 129 -76.58 22.39 -30.40
N LEU H 130 -76.98 22.82 -29.18
CA LEU H 130 -78.40 22.88 -28.80
C LEU H 130 -79.13 23.99 -29.56
N ALA H 131 -80.34 23.68 -30.07
CA ALA H 131 -81.16 24.62 -30.83
C ALA H 131 -81.75 25.73 -29.95
N THR H 132 -81.72 26.97 -30.45
CA THR H 132 -82.25 28.15 -29.76
C THR H 132 -83.78 28.24 -29.79
N CYS H 133 -84.38 28.74 -28.69
CA CYS H 133 -85.82 28.88 -28.53
C CYS H 133 -86.40 30.13 -29.19
N THR H 134 -87.68 30.05 -29.61
CA THR H 134 -88.42 31.12 -30.28
C THR H 134 -89.62 31.56 -29.41
N PRO H 135 -89.87 32.88 -29.21
CA PRO H 135 -91.02 33.31 -28.39
C PRO H 135 -92.39 32.75 -28.85
N PRO H 136 -93.35 32.67 -27.94
CA PRO H 136 -94.72 32.31 -28.29
C PRO H 136 -95.28 33.08 -29.48
N ALA H 137 -95.35 32.41 -30.63
CA ALA H 137 -96.08 32.88 -31.77
C ALA H 137 -97.30 31.97 -31.90
#